data_2YOO
#
_entry.id   2YOO
#
_cell.length_a   56.683
_cell.length_b   106.213
_cell.length_c   126.536
_cell.angle_alpha   90.00
_cell.angle_beta   90.67
_cell.angle_gamma   90.00
#
_symmetry.space_group_name_H-M   'P 1 21 1'
#
loop_
_entity.id
_entity.type
_entity.pdbx_description
1 polymer 'P450 HEME-THIOLATE PROTEIN'
2 non-polymer 'PROTOPORPHYRIN IX CONTAINING FE'
3 non-polymer (8ALPHA,9BETA)-CHOLEST-4-EN-3-ONE
4 non-polymer 'MAGNESIUM ION'
5 water water
#
_entity_poly.entity_id   1
_entity_poly.type   'polypeptide(L)'
_entity_poly.pdbx_seq_one_letter_code
;MTQMLTRPDVDLVNGMFYADGGAREAYRWMRANEPVFRDRNGLAAATTYQAVLDAERNPELFSSTGGIRPDQPGMPYMID
MDDPQHLLRRKLVNAGFTRKRVMDKVDSIGRLCDTLIDAVCERGECDFVRDIAAPLPMAVIGDMLGVLPTERDMLLKWSD
DLVCGLSSHVDEAAIQKLMDTFAAYTEFTKDVITKRRAEPTDDLFSVLVNSEVEGQRMSDDEIVFETLLILIGGDETTRH
TLSGGTEQLLRHRDQWDALVADVDLLPGAIEEMLRWTSPVKNMCRTLTADTVFHGTELRAGEKIMLMFESANFDESVFGD
PDNFRIDRNPNSHVAFGFGTHFCLGNQLARLELRLMTERVLRRLPDLRLADDAPVPLRPANFVSGPESMPVVFTPSAPVL
AHHHHHH
;
_entity_poly.pdbx_strand_id   A,B,C,D
#
# COMPACT_ATOMS: atom_id res chain seq x y z
N LEU A 5 1.47 8.01 0.68
CA LEU A 5 0.97 7.60 2.02
C LEU A 5 0.80 6.05 2.17
N THR A 6 0.55 5.40 1.03
CA THR A 6 0.34 3.95 0.88
C THR A 6 1.66 3.19 0.80
N ARG A 7 1.74 2.07 1.51
CA ARG A 7 2.94 1.22 1.49
C ARG A 7 3.42 0.87 0.06
N PRO A 8 4.74 1.04 -0.25
CA PRO A 8 5.20 0.68 -1.62
C PRO A 8 4.98 -0.79 -1.88
N ASP A 9 4.63 -1.15 -3.11
CA ASP A 9 4.50 -2.56 -3.45
C ASP A 9 5.66 -2.82 -4.37
N VAL A 10 6.71 -3.39 -3.80
CA VAL A 10 8.05 -3.41 -4.43
C VAL A 10 8.77 -4.74 -4.08
N ASP A 11 9.53 -5.26 -5.05
CA ASP A 11 10.42 -6.36 -4.91
C ASP A 11 11.79 -5.73 -5.15
N LEU A 12 12.54 -5.50 -4.09
CA LEU A 12 13.91 -4.91 -4.17
C LEU A 12 14.91 -5.74 -4.99
N VAL A 13 14.51 -6.95 -5.41
CA VAL A 13 15.38 -7.78 -6.26
C VAL A 13 14.97 -7.57 -7.73
N ASN A 14 13.90 -6.81 -7.97
CA ASN A 14 13.43 -6.67 -9.34
C ASN A 14 14.10 -5.47 -9.98
N GLY A 15 14.85 -5.70 -11.07
CA GLY A 15 15.59 -4.53 -11.68
C GLY A 15 14.69 -3.38 -12.13
N MET A 16 13.41 -3.67 -12.40
CA MET A 16 12.48 -2.65 -12.84
C MET A 16 12.28 -1.55 -11.79
N PHE A 17 12.28 -1.95 -10.54
CA PHE A 17 12.25 -1.04 -9.38
C PHE A 17 13.28 0.11 -9.47
N TYR A 18 14.46 -0.22 -10.00
CA TYR A 18 15.59 0.75 -10.10
C TYR A 18 15.59 1.53 -11.41
N ALA A 19 14.77 1.11 -12.36
CA ALA A 19 14.73 1.70 -13.67
C ALA A 19 13.48 2.47 -13.96
N ASP A 20 12.38 2.16 -13.22
CA ASP A 20 11.09 2.76 -13.60
C ASP A 20 10.82 4.18 -13.16
N GLY A 21 11.68 4.70 -12.27
CA GLY A 21 11.58 6.06 -11.87
C GLY A 21 10.86 6.26 -10.53
N GLY A 22 10.25 5.18 -10.02
CA GLY A 22 9.53 5.22 -8.75
C GLY A 22 10.35 5.04 -7.47
N ALA A 23 11.65 4.67 -7.63
CA ALA A 23 12.43 4.24 -6.48
C ALA A 23 12.53 5.37 -5.43
N ARG A 24 12.82 6.58 -5.87
CA ARG A 24 13.03 7.59 -4.82
C ARG A 24 11.77 7.94 -4.00
N GLU A 25 10.62 7.99 -4.63
CA GLU A 25 9.32 8.09 -3.88
C GLU A 25 9.16 6.91 -2.89
N ALA A 26 9.47 5.70 -3.33
CA ALA A 26 9.36 4.50 -2.46
C ALA A 26 10.32 4.62 -1.25
N TYR A 27 11.58 5.01 -1.53
CA TYR A 27 12.54 5.29 -0.45
C TYR A 27 12.04 6.40 0.49
N ARG A 28 11.42 7.44 -0.05
CA ARG A 28 10.90 8.45 0.90
C ARG A 28 9.93 7.84 1.92
N TRP A 29 9.07 6.98 1.42
CA TRP A 29 8.06 6.31 2.31
C TRP A 29 8.77 5.47 3.34
N MET A 30 9.76 4.70 2.86
CA MET A 30 10.46 3.78 3.72
C MET A 30 11.16 4.55 4.85
N ARG A 31 11.84 5.64 4.50
CA ARG A 31 12.63 6.32 5.52
C ARG A 31 11.70 6.94 6.57
N ALA A 32 10.50 7.32 6.18
CA ALA A 32 9.57 7.92 7.15
C ALA A 32 8.73 6.94 7.92
N ASN A 33 8.48 5.78 7.37
CA ASN A 33 7.52 4.85 7.94
C ASN A 33 8.09 3.60 8.53
N GLU A 34 9.22 3.16 7.98
CA GLU A 34 9.75 1.87 8.28
C GLU A 34 11.23 1.84 7.83
N PRO A 35 12.11 2.47 8.64
CA PRO A 35 13.51 2.64 8.20
C PRO A 35 14.26 1.32 7.82
N VAL A 36 13.97 0.25 8.59
CA VAL A 36 14.46 -1.08 8.19
C VAL A 36 13.22 -1.75 7.63
N PHE A 37 13.08 -1.65 6.31
CA PHE A 37 11.83 -1.96 5.58
C PHE A 37 11.88 -3.43 5.11
N ARG A 38 10.71 -4.06 5.00
CA ARG A 38 10.66 -5.36 4.34
C ARG A 38 9.82 -5.26 3.11
N ASP A 39 10.32 -5.77 1.97
CA ASP A 39 9.64 -5.64 0.73
C ASP A 39 8.52 -6.69 0.62
N ARG A 40 7.84 -6.73 -0.52
CA ARG A 40 6.66 -7.61 -0.67
C ARG A 40 7.01 -9.07 -0.52
N ASN A 41 8.31 -9.41 -0.60
CA ASN A 41 8.78 -10.74 -0.36
C ASN A 41 9.44 -10.90 0.99
N GLY A 42 9.38 -9.90 1.88
CA GLY A 42 9.95 -10.06 3.23
C GLY A 42 11.44 -9.70 3.36
N LEU A 43 12.06 -9.25 2.28
CA LEU A 43 13.52 -9.01 2.25
C LEU A 43 13.78 -7.69 2.97
N ALA A 44 14.62 -7.70 4.04
CA ALA A 44 14.95 -6.52 4.87
C ALA A 44 15.89 -5.55 4.14
N ALA A 45 15.68 -4.26 4.34
CA ALA A 45 16.54 -3.26 3.72
C ALA A 45 16.78 -2.13 4.70
N ALA A 46 18.03 -1.71 4.80
CA ALA A 46 18.35 -0.50 5.56
C ALA A 46 18.22 0.72 4.66
N THR A 47 17.27 1.61 4.96
CA THR A 47 16.89 2.62 3.99
C THR A 47 17.30 4.10 4.39
N THR A 48 17.57 4.30 5.66
CA THR A 48 17.99 5.62 6.15
C THR A 48 19.51 5.61 6.22
N TYR A 49 20.08 6.79 6.07
CA TYR A 49 21.50 6.96 6.15
C TYR A 49 22.07 6.44 7.49
N GLN A 50 21.35 6.70 8.59
CA GLN A 50 21.84 6.22 9.90
C GLN A 50 21.82 4.68 9.95
N ALA A 51 20.74 4.07 9.41
CA ALA A 51 20.61 2.62 9.45
C ALA A 51 21.77 2.02 8.61
N VAL A 52 22.05 2.61 7.44
CA VAL A 52 23.15 2.06 6.66
C VAL A 52 24.50 2.19 7.45
N LEU A 53 24.78 3.36 8.04
CA LEU A 53 26.03 3.63 8.72
C LEU A 53 26.14 2.67 9.89
N ASP A 54 25.05 2.51 10.62
CA ASP A 54 25.14 1.68 11.80
C ASP A 54 25.47 0.24 11.39
N ALA A 55 24.82 -0.24 10.32
CA ALA A 55 25.11 -1.69 9.92
C ALA A 55 26.59 -1.82 9.47
N GLU A 56 27.04 -0.86 8.66
CA GLU A 56 28.46 -0.80 8.19
C GLU A 56 29.45 -0.83 9.33
N ARG A 57 29.08 -0.15 10.43
N ARG A 57 29.08 -0.16 10.43
CA ARG A 57 29.95 -0.03 11.57
CA ARG A 57 29.97 -0.05 11.57
C ARG A 57 29.99 -1.27 12.45
C ARG A 57 29.94 -1.26 12.50
N ASN A 58 29.08 -2.23 12.23
CA ASN A 58 28.99 -3.44 13.09
C ASN A 58 29.06 -4.74 12.25
N PRO A 59 30.22 -4.98 11.64
CA PRO A 59 30.32 -6.16 10.77
C PRO A 59 30.20 -7.48 11.57
N GLU A 60 30.42 -7.47 12.89
CA GLU A 60 30.27 -8.72 13.73
C GLU A 60 28.83 -9.26 13.65
N LEU A 61 27.88 -8.31 13.63
CA LEU A 61 26.49 -8.63 13.55
C LEU A 61 26.06 -8.69 12.09
N PHE A 62 26.58 -7.72 11.29
CA PHE A 62 26.20 -7.59 9.86
C PHE A 62 27.38 -8.02 9.01
N SER A 63 27.45 -9.34 8.79
CA SER A 63 28.59 -9.97 8.14
C SER A 63 28.49 -9.86 6.61
N SER A 64 29.65 -9.85 5.98
CA SER A 64 29.73 -9.91 4.51
C SER A 64 29.89 -11.35 3.97
N THR A 65 30.04 -12.36 4.85
CA THR A 65 30.38 -13.70 4.38
C THR A 65 29.19 -14.43 3.77
N GLY A 66 27.98 -13.92 3.92
CA GLY A 66 26.84 -14.57 3.34
C GLY A 66 26.60 -14.27 1.87
N GLY A 67 27.39 -13.32 1.36
CA GLY A 67 27.34 -12.93 -0.04
C GLY A 67 26.69 -11.55 -0.13
N ILE A 68 27.25 -10.69 -0.99
CA ILE A 68 26.71 -9.35 -1.19
C ILE A 68 25.42 -9.26 -2.00
N ARG A 69 25.02 -10.31 -2.72
CA ARG A 69 23.73 -10.32 -3.40
C ARG A 69 22.63 -11.05 -2.64
N PRO A 70 21.37 -10.62 -2.82
CA PRO A 70 20.29 -11.13 -1.96
C PRO A 70 19.94 -12.62 -2.22
N ASP A 71 20.25 -13.03 -3.46
N ASP A 71 20.16 -13.11 -3.44
CA ASP A 71 19.92 -14.32 -4.07
CA ASP A 71 19.83 -14.51 -3.80
C ASP A 71 21.11 -15.23 -4.40
C ASP A 71 21.06 -15.37 -4.21
N GLN A 72 22.25 -14.96 -3.76
CA GLN A 72 23.49 -15.75 -4.06
C GLN A 72 24.34 -15.89 -2.85
N PRO A 73 25.01 -17.02 -2.70
CA PRO A 73 25.77 -17.32 -1.51
C PRO A 73 27.18 -16.62 -1.50
N GLY A 74 27.91 -16.79 -0.41
CA GLY A 74 29.29 -16.24 -0.27
C GLY A 74 30.20 -16.79 -1.35
N MET A 75 31.02 -15.92 -1.93
CA MET A 75 31.95 -16.32 -2.97
C MET A 75 33.39 -15.95 -2.57
N PRO A 76 34.38 -16.60 -3.21
CA PRO A 76 35.75 -16.36 -2.79
C PRO A 76 36.39 -15.05 -3.34
N TYR A 77 35.86 -13.90 -2.87
CA TYR A 77 36.49 -12.64 -3.14
C TYR A 77 36.32 -11.73 -1.91
N MET A 78 37.11 -10.66 -1.88
CA MET A 78 37.31 -9.91 -0.64
C MET A 78 36.02 -9.24 -0.14
N ILE A 79 35.11 -8.98 -1.07
CA ILE A 79 33.87 -8.26 -0.68
C ILE A 79 32.92 -9.19 0.10
N ASP A 80 33.16 -10.51 0.02
CA ASP A 80 32.34 -11.47 0.74
C ASP A 80 33.15 -12.00 1.95
N MET A 81 34.15 -11.24 2.41
CA MET A 81 34.92 -11.65 3.57
C MET A 81 34.79 -10.66 4.69
N ASP A 82 34.93 -11.14 5.93
CA ASP A 82 35.01 -10.18 7.03
C ASP A 82 36.48 -10.10 7.38
N ASP A 83 36.91 -9.09 8.12
CA ASP A 83 38.23 -9.08 8.76
C ASP A 83 38.38 -10.22 9.79
N PRO A 84 39.63 -10.81 9.90
CA PRO A 84 40.90 -10.35 9.29
C PRO A 84 41.18 -10.87 7.88
N GLN A 85 40.36 -11.80 7.40
CA GLN A 85 40.57 -12.39 6.05
C GLN A 85 40.45 -11.32 4.97
N HIS A 86 39.44 -10.43 5.14
CA HIS A 86 39.28 -9.35 4.15
C HIS A 86 40.53 -8.44 4.07
N LEU A 87 41.09 -8.02 5.22
CA LEU A 87 42.16 -7.08 5.21
C LEU A 87 43.40 -7.67 4.56
N LEU A 88 43.59 -8.97 4.74
CA LEU A 88 44.70 -9.65 4.06
C LEU A 88 44.63 -9.43 2.55
N ARG A 89 43.41 -9.49 1.98
CA ARG A 89 43.26 -9.28 0.51
C ARG A 89 43.50 -7.82 0.17
N ARG A 90 42.92 -6.94 0.98
CA ARG A 90 43.12 -5.53 0.73
C ARG A 90 44.61 -5.16 0.71
N LYS A 91 45.38 -5.72 1.64
CA LYS A 91 46.81 -5.45 1.69
C LYS A 91 47.58 -5.93 0.46
N LEU A 92 47.01 -6.91 -0.26
CA LEU A 92 47.62 -7.35 -1.55
C LEU A 92 47.47 -6.31 -2.65
N VAL A 93 46.34 -5.58 -2.61
CA VAL A 93 46.00 -4.72 -3.74
C VAL A 93 45.97 -3.24 -3.43
N ASN A 94 45.98 -2.87 -2.15
CA ASN A 94 45.77 -1.43 -1.81
C ASN A 94 46.72 -0.46 -2.49
N ALA A 95 47.98 -0.88 -2.61
CA ALA A 95 49.05 0.02 -3.12
C ALA A 95 48.77 0.63 -4.51
N GLY A 96 48.03 -0.10 -5.36
CA GLY A 96 47.78 0.36 -6.72
C GLY A 96 46.63 1.34 -6.74
N PHE A 97 45.94 1.50 -5.60
CA PHE A 97 44.71 2.37 -5.58
C PHE A 97 44.72 3.53 -4.62
N THR A 98 45.86 3.78 -3.99
CA THR A 98 45.97 4.97 -3.12
C THR A 98 45.89 6.26 -3.93
N ARG A 99 45.48 7.32 -3.27
CA ARG A 99 45.53 8.64 -3.92
C ARG A 99 46.89 8.92 -4.56
N LYS A 100 48.00 8.63 -3.88
CA LYS A 100 49.29 8.96 -4.49
C LYS A 100 49.50 8.14 -5.74
N ARG A 101 49.17 6.86 -5.71
CA ARG A 101 49.40 6.02 -6.88
C ARG A 101 48.46 6.41 -8.02
N VAL A 102 47.23 6.80 -7.67
CA VAL A 102 46.27 7.17 -8.68
C VAL A 102 46.72 8.45 -9.40
N MET A 103 47.28 9.37 -8.62
CA MET A 103 47.68 10.67 -9.16
C MET A 103 48.83 10.57 -10.15
N ASP A 104 49.60 9.50 -10.03
CA ASP A 104 50.62 9.17 -11.00
C ASP A 104 49.99 8.87 -12.36
N LYS A 105 48.69 8.50 -12.43
CA LYS A 105 48.03 8.25 -13.72
C LYS A 105 47.34 9.49 -14.44
N VAL A 106 47.52 10.71 -13.91
CA VAL A 106 46.91 11.92 -14.47
C VAL A 106 47.17 12.03 -15.98
N ASP A 107 48.42 11.84 -16.41
CA ASP A 107 48.68 12.03 -17.85
C ASP A 107 48.15 10.87 -18.70
N SER A 108 48.36 9.63 -18.22
CA SER A 108 47.96 8.42 -18.83
C SER A 108 46.41 8.37 -19.03
N ILE A 109 45.69 8.67 -17.97
CA ILE A 109 44.21 8.67 -18.10
C ILE A 109 43.73 9.86 -18.96
N GLY A 110 44.36 11.02 -18.80
CA GLY A 110 44.03 12.17 -19.62
C GLY A 110 44.16 11.86 -21.12
N ARG A 111 45.22 11.15 -21.50
CA ARG A 111 45.36 10.72 -22.92
C ARG A 111 44.24 9.79 -23.39
N LEU A 112 43.78 8.86 -22.54
CA LEU A 112 42.66 8.04 -22.92
C LEU A 112 41.44 8.95 -23.17
N CYS A 113 41.25 9.99 -22.32
CA CYS A 113 40.04 10.84 -22.45
C CYS A 113 40.15 11.51 -23.82
N ASP A 114 41.34 12.02 -24.13
CA ASP A 114 41.46 12.84 -25.38
C ASP A 114 41.24 11.96 -26.60
N THR A 115 41.73 10.73 -26.53
CA THR A 115 41.50 9.75 -27.58
C THR A 115 40.01 9.55 -27.84
N LEU A 116 39.24 9.37 -26.76
CA LEU A 116 37.87 9.07 -26.92
C LEU A 116 37.11 10.26 -27.45
N ILE A 117 37.51 11.45 -26.99
CA ILE A 117 36.86 12.68 -27.44
C ILE A 117 37.26 13.02 -28.91
N ASP A 118 38.53 12.87 -29.26
CA ASP A 118 38.98 12.88 -30.71
C ASP A 118 38.08 12.03 -31.65
N ALA A 119 37.63 10.86 -31.16
CA ALA A 119 36.82 9.90 -31.97
C ALA A 119 35.44 10.42 -32.35
N VAL A 120 34.92 11.42 -31.62
CA VAL A 120 33.57 11.96 -31.86
C VAL A 120 33.53 13.47 -32.13
N CYS A 121 34.61 14.19 -31.84
CA CYS A 121 34.53 15.65 -31.74
C CYS A 121 34.23 16.29 -33.09
N GLU A 122 34.61 15.61 -34.18
CA GLU A 122 34.36 16.20 -35.51
C GLU A 122 32.93 16.00 -35.97
N ARG A 123 32.20 15.10 -35.32
CA ARG A 123 30.85 14.75 -35.78
C ARG A 123 29.70 15.63 -35.30
N GLY A 124 29.86 16.34 -34.19
CA GLY A 124 28.81 17.19 -33.59
C GLY A 124 27.71 16.38 -32.90
N GLU A 125 27.94 15.06 -32.77
CA GLU A 125 27.01 14.17 -32.09
C GLU A 125 27.69 12.88 -31.65
N CYS A 126 27.21 12.30 -30.55
CA CYS A 126 27.58 10.91 -30.18
C CYS A 126 26.55 10.35 -29.18
N ASP A 127 26.75 9.10 -28.78
CA ASP A 127 25.96 8.53 -27.67
C ASP A 127 26.97 8.66 -26.51
N PHE A 128 26.68 9.55 -25.57
CA PHE A 128 27.58 9.78 -24.46
C PHE A 128 27.89 8.48 -23.65
N VAL A 129 26.93 7.54 -23.55
CA VAL A 129 27.15 6.29 -22.80
C VAL A 129 28.12 5.42 -23.55
N ARG A 130 27.77 5.14 -24.81
CA ARG A 130 28.61 4.25 -25.60
C ARG A 130 30.01 4.80 -25.96
N ASP A 131 30.10 6.12 -26.21
CA ASP A 131 31.29 6.65 -26.86
C ASP A 131 32.22 7.29 -25.84
N ILE A 132 31.70 7.64 -24.68
CA ILE A 132 32.48 8.35 -23.71
C ILE A 132 32.47 7.66 -22.34
N ALA A 133 31.31 7.51 -21.76
CA ALA A 133 31.16 7.09 -20.33
C ALA A 133 31.57 5.63 -20.11
N ALA A 134 31.08 4.72 -20.95
CA ALA A 134 31.48 3.29 -20.81
C ALA A 134 32.96 2.99 -21.11
N PRO A 135 33.50 3.51 -22.25
CA PRO A 135 34.86 3.07 -22.57
C PRO A 135 35.98 3.61 -21.73
N LEU A 136 35.85 4.79 -21.13
CA LEU A 136 36.98 5.30 -20.48
C LEU A 136 37.30 4.45 -19.24
N PRO A 137 36.29 4.14 -18.39
CA PRO A 137 36.78 3.44 -17.19
C PRO A 137 37.20 2.01 -17.56
N MET A 138 36.61 1.44 -18.60
CA MET A 138 37.12 0.13 -19.15
C MET A 138 38.60 0.20 -19.51
N ALA A 139 38.99 1.24 -20.20
CA ALA A 139 40.38 1.32 -20.62
C ALA A 139 41.34 1.47 -19.40
N VAL A 140 40.92 2.20 -18.39
CA VAL A 140 41.75 2.51 -17.23
C VAL A 140 41.99 1.20 -16.45
N ILE A 141 40.91 0.48 -16.18
CA ILE A 141 41.06 -0.74 -15.33
C ILE A 141 41.69 -1.82 -16.17
N GLY A 142 41.41 -1.77 -17.49
CA GLY A 142 42.01 -2.77 -18.37
C GLY A 142 43.55 -2.59 -18.40
N ASP A 143 44.01 -1.36 -18.54
CA ASP A 143 45.45 -1.08 -18.40
C ASP A 143 46.03 -1.49 -17.09
N MET A 144 45.27 -1.28 -16.01
CA MET A 144 45.74 -1.73 -14.68
C MET A 144 45.85 -3.25 -14.55
N LEU A 145 44.90 -3.96 -15.12
CA LEU A 145 44.89 -5.40 -15.12
C LEU A 145 45.79 -6.02 -16.20
N GLY A 146 46.27 -5.25 -17.17
CA GLY A 146 47.16 -5.80 -18.20
C GLY A 146 46.40 -6.37 -19.38
N VAL A 147 45.12 -6.03 -19.51
CA VAL A 147 44.32 -6.32 -20.73
C VAL A 147 44.93 -5.58 -21.95
N LEU A 148 45.17 -6.29 -23.07
CA LEU A 148 45.54 -5.60 -24.30
C LEU A 148 44.39 -4.67 -24.67
N PRO A 149 44.69 -3.48 -25.24
CA PRO A 149 43.60 -2.64 -25.79
C PRO A 149 42.60 -3.38 -26.65
N THR A 150 43.08 -4.30 -27.48
CA THR A 150 42.17 -4.99 -28.38
C THR A 150 41.28 -6.04 -27.68
N GLU A 151 41.49 -6.20 -26.37
CA GLU A 151 40.75 -7.18 -25.59
C GLU A 151 39.69 -6.46 -24.71
N ARG A 152 39.77 -5.12 -24.65
CA ARG A 152 38.87 -4.31 -23.76
C ARG A 152 37.39 -4.50 -24.09
N ASP A 153 37.04 -4.44 -25.37
CA ASP A 153 35.60 -4.50 -25.67
C ASP A 153 34.99 -5.87 -25.27
N MET A 154 35.76 -6.93 -25.49
CA MET A 154 35.29 -8.27 -25.15
C MET A 154 35.05 -8.41 -23.63
N LEU A 155 35.98 -7.88 -22.84
CA LEU A 155 35.80 -7.97 -21.38
C LEU A 155 34.63 -7.11 -20.91
N LEU A 156 34.44 -5.97 -21.59
CA LEU A 156 33.37 -5.01 -21.26
C LEU A 156 32.06 -5.71 -21.60
N LYS A 157 32.02 -6.44 -22.74
CA LYS A 157 30.76 -7.06 -23.11
C LYS A 157 30.38 -8.14 -22.11
N TRP A 158 31.36 -8.93 -21.69
CA TRP A 158 31.14 -9.93 -20.66
C TRP A 158 30.68 -9.25 -19.38
N SER A 159 31.30 -8.14 -19.04
CA SER A 159 30.98 -7.49 -17.72
C SER A 159 29.53 -7.02 -17.77
N ASP A 160 29.12 -6.43 -18.91
CA ASP A 160 27.71 -6.05 -19.11
C ASP A 160 26.79 -7.23 -18.98
N ASP A 161 27.13 -8.35 -19.64
CA ASP A 161 26.24 -9.49 -19.53
C ASP A 161 26.07 -10.04 -18.10
N LEU A 162 27.11 -9.88 -17.27
CA LEU A 162 27.07 -10.38 -15.90
C LEU A 162 26.19 -9.52 -15.01
N VAL A 163 26.28 -8.18 -15.16
CA VAL A 163 25.51 -7.28 -14.27
C VAL A 163 24.11 -6.93 -14.83
N CYS A 164 23.93 -6.88 -16.17
CA CYS A 164 22.53 -6.81 -16.71
C CYS A 164 21.70 -8.08 -16.42
N GLY A 165 22.41 -9.12 -16.05
CA GLY A 165 21.81 -10.38 -15.70
C GLY A 165 21.09 -10.33 -14.35
N LEU A 166 21.06 -9.15 -13.69
CA LEU A 166 20.75 -9.23 -12.25
C LEU A 166 19.40 -8.62 -11.93
N SER A 167 18.40 -9.51 -11.81
CA SER A 167 17.04 -9.11 -11.57
C SER A 167 16.26 -10.37 -11.24
N SER A 168 15.18 -10.20 -10.50
CA SER A 168 14.21 -11.27 -10.40
C SER A 168 13.31 -11.27 -11.67
N HIS A 169 13.37 -10.20 -12.47
CA HIS A 169 12.49 -9.97 -13.66
C HIS A 169 12.93 -10.60 -15.00
N VAL A 170 14.18 -11.09 -15.06
CA VAL A 170 14.75 -11.76 -16.28
C VAL A 170 14.50 -13.32 -16.37
N ASP A 171 14.13 -13.82 -17.58
CA ASP A 171 13.83 -15.26 -17.89
C ASP A 171 15.02 -16.21 -17.70
N GLU A 172 14.77 -17.52 -17.51
CA GLU A 172 15.85 -18.51 -17.24
C GLU A 172 16.88 -18.72 -18.40
N ALA A 173 16.63 -18.08 -19.54
CA ALA A 173 17.60 -18.06 -20.62
C ALA A 173 18.56 -16.91 -20.37
N ALA A 174 18.08 -15.83 -19.72
CA ALA A 174 18.98 -14.75 -19.27
C ALA A 174 19.93 -15.21 -18.15
N ILE A 175 19.50 -16.26 -17.42
CA ILE A 175 20.23 -16.95 -16.34
C ILE A 175 21.30 -17.89 -16.86
N GLN A 176 20.97 -18.68 -17.89
CA GLN A 176 21.98 -19.39 -18.59
C GLN A 176 23.00 -18.45 -19.23
N LYS A 177 22.57 -17.31 -19.81
CA LYS A 177 23.52 -16.37 -20.39
C LYS A 177 24.47 -15.87 -19.29
N LEU A 178 23.91 -15.60 -18.11
CA LEU A 178 24.75 -15.20 -16.96
C LEU A 178 25.83 -16.23 -16.65
N MET A 179 25.45 -17.49 -16.46
CA MET A 179 26.38 -18.57 -16.16
C MET A 179 27.36 -18.88 -17.32
N ASP A 180 26.90 -18.80 -18.56
CA ASP A 180 27.80 -19.02 -19.71
C ASP A 180 28.86 -17.93 -19.78
N THR A 181 28.50 -16.71 -19.37
CA THR A 181 29.45 -15.61 -19.44
C THR A 181 30.51 -15.77 -18.37
N PHE A 182 30.06 -16.19 -17.19
CA PHE A 182 30.95 -16.48 -16.10
C PHE A 182 31.93 -17.59 -16.42
N ALA A 183 31.42 -18.62 -17.07
CA ALA A 183 32.28 -19.72 -17.51
C ALA A 183 33.30 -19.21 -18.54
N ALA A 184 32.87 -18.39 -19.52
CA ALA A 184 33.82 -17.70 -20.42
C ALA A 184 34.92 -16.89 -19.69
N TYR A 185 34.51 -16.10 -18.68
CA TYR A 185 35.46 -15.29 -17.94
C TYR A 185 36.42 -16.25 -17.12
N THR A 186 35.83 -17.32 -16.55
CA THR A 186 36.65 -18.27 -15.80
C THR A 186 37.76 -18.90 -16.69
N GLU A 187 37.38 -19.35 -17.88
CA GLU A 187 38.39 -19.99 -18.77
C GLU A 187 39.46 -19.00 -19.22
N PHE A 188 39.02 -17.77 -19.50
CA PHE A 188 39.93 -16.65 -19.83
C PHE A 188 40.95 -16.45 -18.68
N THR A 189 40.42 -16.37 -17.47
CA THR A 189 41.27 -16.19 -16.30
C THR A 189 42.19 -17.36 -16.04
N LYS A 190 41.71 -18.56 -16.23
CA LYS A 190 42.56 -19.70 -15.93
C LYS A 190 43.71 -19.76 -16.99
N ASP A 191 43.45 -19.27 -18.20
CA ASP A 191 44.55 -19.12 -19.10
C ASP A 191 45.53 -17.99 -18.69
N VAL A 192 44.99 -16.88 -18.15
CA VAL A 192 45.84 -15.82 -17.68
C VAL A 192 46.74 -16.35 -16.55
N ILE A 193 46.17 -17.20 -15.69
CA ILE A 193 46.98 -17.80 -14.58
C ILE A 193 48.16 -18.55 -15.25
N THR A 194 47.86 -19.46 -16.18
CA THR A 194 48.96 -20.17 -16.86
C THR A 194 50.01 -19.16 -17.33
N LYS A 195 49.56 -18.09 -17.98
CA LYS A 195 50.51 -17.16 -18.57
C LYS A 195 51.30 -16.36 -17.59
N ARG A 196 50.63 -15.74 -16.58
CA ARG A 196 51.38 -14.95 -15.61
C ARG A 196 52.23 -15.78 -14.65
N ARG A 197 51.91 -17.07 -14.45
CA ARG A 197 52.83 -17.96 -13.73
C ARG A 197 54.16 -18.11 -14.48
N ALA A 198 54.07 -18.31 -15.80
CA ALA A 198 55.26 -18.56 -16.63
C ALA A 198 55.95 -17.28 -17.05
N GLU A 199 55.17 -16.22 -17.19
CA GLU A 199 55.69 -14.96 -17.70
C GLU A 199 55.02 -13.82 -16.96
N PRO A 200 55.50 -13.55 -15.73
CA PRO A 200 54.90 -12.55 -14.86
C PRO A 200 55.09 -11.17 -15.46
N THR A 201 54.15 -10.27 -15.21
CA THR A 201 54.23 -8.92 -15.78
C THR A 201 54.06 -7.97 -14.61
N ASP A 202 54.18 -6.67 -14.84
CA ASP A 202 54.01 -5.68 -13.76
C ASP A 202 52.56 -5.46 -13.19
N ASP A 203 51.53 -6.07 -13.80
CA ASP A 203 50.13 -5.56 -13.65
C ASP A 203 49.32 -6.29 -12.55
N LEU A 204 48.05 -5.87 -12.34
CA LEU A 204 47.29 -6.39 -11.22
C LEU A 204 46.90 -7.83 -11.45
N PHE A 205 46.69 -8.24 -12.70
CA PHE A 205 46.45 -9.66 -12.93
C PHE A 205 47.61 -10.46 -12.35
N SER A 206 48.81 -9.99 -12.61
CA SER A 206 49.96 -10.82 -12.31
C SER A 206 50.16 -10.86 -10.78
N VAL A 207 49.88 -9.75 -10.14
CA VAL A 207 50.00 -9.67 -8.73
C VAL A 207 49.05 -10.66 -8.01
N LEU A 208 47.82 -10.75 -8.52
CA LEU A 208 46.83 -11.69 -7.97
C LEU A 208 47.16 -13.16 -8.28
N VAL A 209 47.52 -13.40 -9.54
CA VAL A 209 47.97 -14.71 -9.95
C VAL A 209 49.10 -15.25 -9.08
N ASN A 210 50.02 -14.39 -8.72
CA ASN A 210 51.21 -14.90 -8.02
C ASN A 210 51.21 -14.59 -6.53
N SER A 211 50.05 -14.13 -6.04
CA SER A 211 49.94 -13.68 -4.65
C SER A 211 49.82 -14.87 -3.69
N GLU A 212 50.18 -14.64 -2.43
CA GLU A 212 50.00 -15.66 -1.38
C GLU A 212 48.94 -15.19 -0.36
N VAL A 213 48.16 -16.13 0.17
CA VAL A 213 47.25 -15.83 1.29
C VAL A 213 47.26 -17.00 2.23
N GLU A 214 47.50 -16.72 3.52
CA GLU A 214 47.80 -17.79 4.50
C GLU A 214 49.02 -18.64 4.12
N GLY A 215 50.06 -18.00 3.58
CA GLY A 215 51.30 -18.67 3.17
C GLY A 215 51.13 -19.84 2.19
N GLN A 216 50.03 -19.86 1.43
CA GLN A 216 49.96 -20.69 0.24
C GLN A 216 49.50 -19.76 -0.91
N ARG A 217 49.80 -20.15 -2.14
CA ARG A 217 49.34 -19.35 -3.28
C ARG A 217 47.84 -19.17 -3.26
N MET A 218 47.33 -17.98 -3.62
CA MET A 218 45.90 -17.78 -3.72
C MET A 218 45.28 -18.88 -4.62
N SER A 219 44.12 -19.36 -4.20
CA SER A 219 43.38 -20.40 -4.90
C SER A 219 43.07 -19.95 -6.34
N ASP A 220 43.12 -20.86 -7.33
CA ASP A 220 42.70 -20.45 -8.69
C ASP A 220 41.27 -19.85 -8.72
N ASP A 221 40.35 -20.42 -7.93
CA ASP A 221 39.03 -19.93 -7.85
C ASP A 221 38.96 -18.51 -7.26
N GLU A 222 39.71 -18.30 -6.17
CA GLU A 222 39.78 -16.94 -5.60
C GLU A 222 40.41 -15.94 -6.59
N ILE A 223 41.41 -16.39 -7.38
CA ILE A 223 41.97 -15.53 -8.46
C ILE A 223 40.87 -15.14 -9.48
N VAL A 224 40.05 -16.11 -9.93
CA VAL A 224 38.92 -15.82 -10.81
C VAL A 224 38.04 -14.70 -10.23
N PHE A 225 37.56 -14.92 -9.02
CA PHE A 225 36.62 -13.98 -8.39
C PHE A 225 37.21 -12.64 -8.02
N GLU A 226 38.45 -12.61 -7.51
CA GLU A 226 39.07 -11.32 -7.14
C GLU A 226 39.35 -10.49 -8.36
N THR A 227 39.86 -11.10 -9.43
CA THR A 227 40.06 -10.31 -10.64
C THR A 227 38.73 -9.83 -11.26
N LEU A 228 37.70 -10.69 -11.24
CA LEU A 228 36.39 -10.29 -11.66
C LEU A 228 35.79 -9.10 -10.87
N LEU A 229 36.03 -9.11 -9.58
CA LEU A 229 35.54 -8.05 -8.70
C LEU A 229 36.22 -6.75 -9.08
N ILE A 230 37.53 -6.78 -9.30
CA ILE A 230 38.23 -5.58 -9.69
C ILE A 230 37.73 -5.09 -11.11
N LEU A 231 37.65 -6.03 -12.05
CA LEU A 231 37.15 -5.65 -13.37
C LEU A 231 35.78 -4.97 -13.35
N ILE A 232 34.80 -5.59 -12.67
CA ILE A 232 33.43 -5.05 -12.67
C ILE A 232 33.32 -3.76 -11.84
N GLY A 233 33.92 -3.72 -10.63
CA GLY A 233 34.13 -2.45 -9.87
C GLY A 233 34.71 -1.33 -10.82
N GLY A 234 35.72 -1.66 -11.57
CA GLY A 234 36.24 -0.79 -12.64
C GLY A 234 35.29 -0.36 -13.76
N ASP A 235 34.55 -1.31 -14.34
CA ASP A 235 33.91 -1.06 -15.64
C ASP A 235 32.38 -1.06 -15.62
N GLU A 236 31.78 -1.18 -14.43
CA GLU A 236 30.29 -1.08 -14.40
C GLU A 236 29.81 -0.09 -13.35
N THR A 237 30.66 0.84 -12.95
CA THR A 237 30.30 1.81 -11.90
C THR A 237 30.48 3.27 -12.38
N THR A 238 31.75 3.68 -12.51
CA THR A 238 32.05 5.04 -12.87
C THR A 238 31.28 5.48 -14.12
N ARG A 239 31.10 4.54 -15.08
CA ARG A 239 30.38 4.87 -16.31
C ARG A 239 29.02 5.60 -16.00
N HIS A 240 28.30 5.15 -14.96
CA HIS A 240 26.98 5.66 -14.66
C HIS A 240 27.03 7.03 -13.98
N THR A 241 28.12 7.33 -13.22
CA THR A 241 28.27 8.65 -12.62
C THR A 241 28.71 9.62 -13.76
N LEU A 242 29.54 9.13 -14.70
CA LEU A 242 29.93 9.97 -15.87
C LEU A 242 28.61 10.30 -16.65
N SER A 243 27.78 9.30 -17.05
CA SER A 243 26.61 9.60 -17.91
C SER A 243 25.49 10.27 -17.10
N GLY A 244 25.04 9.66 -16.00
CA GLY A 244 23.98 10.25 -15.16
C GLY A 244 24.38 11.58 -14.52
N GLY A 245 25.67 11.76 -14.23
CA GLY A 245 26.11 13.05 -13.64
C GLY A 245 26.15 14.15 -14.71
N THR A 246 26.68 13.78 -15.86
CA THR A 246 26.72 14.74 -16.98
C THR A 246 25.28 15.08 -17.38
N GLU A 247 24.37 14.10 -17.41
CA GLU A 247 22.96 14.42 -17.65
C GLU A 247 22.44 15.53 -16.77
N GLN A 248 22.66 15.40 -15.47
CA GLN A 248 22.22 16.47 -14.55
C GLN A 248 22.90 17.80 -14.80
N LEU A 249 24.17 17.80 -15.19
CA LEU A 249 24.82 19.07 -15.53
C LEU A 249 24.19 19.70 -16.76
N LEU A 250 23.78 18.85 -17.70
CA LEU A 250 23.13 19.36 -18.91
C LEU A 250 21.76 19.90 -18.61
N ARG A 251 21.04 19.31 -17.65
CA ARG A 251 19.70 19.74 -17.30
C ARG A 251 19.68 20.97 -16.43
N HIS A 252 20.84 21.31 -15.84
CA HIS A 252 21.00 22.50 -14.99
C HIS A 252 22.03 23.40 -15.63
N ARG A 253 21.62 24.09 -16.71
CA ARG A 253 22.58 24.82 -17.56
C ARG A 253 23.38 25.82 -16.80
N ASP A 254 22.79 26.41 -15.75
CA ASP A 254 23.54 27.39 -14.99
C ASP A 254 24.76 26.74 -14.28
N GLN A 255 24.58 25.50 -13.84
CA GLN A 255 25.68 24.72 -13.24
C GLN A 255 26.71 24.27 -14.29
N TRP A 256 26.24 23.72 -15.39
CA TRP A 256 27.18 23.49 -16.54
C TRP A 256 28.00 24.78 -16.83
N ASP A 257 27.31 25.91 -16.97
CA ASP A 257 27.97 27.18 -17.30
C ASP A 257 29.00 27.63 -16.26
N ALA A 258 28.66 27.46 -15.00
CA ALA A 258 29.57 27.78 -13.88
C ALA A 258 30.86 26.97 -13.97
N LEU A 259 30.75 25.70 -14.36
CA LEU A 259 31.90 24.80 -14.55
C LEU A 259 32.73 25.17 -15.77
N VAL A 260 32.06 25.44 -16.89
CA VAL A 260 32.79 25.91 -18.06
C VAL A 260 33.66 27.18 -17.70
N ALA A 261 33.09 28.07 -16.91
CA ALA A 261 33.76 29.30 -16.50
C ALA A 261 34.84 29.07 -15.39
N ASP A 262 34.63 28.08 -14.54
CA ASP A 262 35.55 27.84 -13.40
C ASP A 262 35.68 26.36 -13.04
N VAL A 263 36.74 25.77 -13.58
CA VAL A 263 37.11 24.37 -13.36
C VAL A 263 37.39 24.05 -11.89
N ASP A 264 37.66 25.07 -11.05
CA ASP A 264 37.90 24.84 -9.61
C ASP A 264 36.60 24.38 -8.90
N LEU A 265 35.45 24.59 -9.53
CA LEU A 265 34.19 24.08 -9.02
C LEU A 265 33.97 22.57 -9.31
N LEU A 266 34.84 22.01 -10.15
CA LEU A 266 34.71 20.58 -10.57
C LEU A 266 34.73 19.51 -9.44
N PRO A 267 35.73 19.53 -8.52
CA PRO A 267 35.70 18.54 -7.44
C PRO A 267 34.41 18.44 -6.68
N GLY A 268 33.79 19.59 -6.34
CA GLY A 268 32.50 19.57 -5.68
C GLY A 268 31.41 19.00 -6.61
N ALA A 269 31.50 19.29 -7.93
CA ALA A 269 30.46 18.86 -8.87
C ALA A 269 30.49 17.34 -8.93
N ILE A 270 31.71 16.79 -8.88
CA ILE A 270 31.87 15.33 -8.96
C ILE A 270 31.20 14.64 -7.80
N GLU A 271 31.35 15.22 -6.58
CA GLU A 271 30.74 14.62 -5.38
C GLU A 271 29.20 14.58 -5.53
N GLU A 272 28.64 15.67 -6.05
CA GLU A 272 27.18 15.68 -6.34
C GLU A 272 26.77 14.68 -7.47
N MET A 273 27.56 14.55 -8.53
CA MET A 273 27.32 13.52 -9.54
C MET A 273 27.30 12.14 -8.89
N LEU A 274 28.23 11.92 -7.99
CA LEU A 274 28.29 10.59 -7.29
C LEU A 274 27.03 10.36 -6.45
N ARG A 275 26.74 11.35 -5.59
CA ARG A 275 25.55 11.26 -4.76
C ARG A 275 24.29 11.00 -5.58
N TRP A 276 24.11 11.82 -6.62
CA TRP A 276 22.91 11.74 -7.47
C TRP A 276 22.76 10.37 -8.16
N THR A 277 23.87 9.86 -8.69
CA THR A 277 23.79 8.70 -9.57
C THR A 277 23.78 7.39 -8.78
N SER A 278 24.43 7.39 -7.62
CA SER A 278 24.55 6.21 -6.75
C SER A 278 24.57 4.88 -7.60
N PRO A 279 25.61 4.68 -8.40
CA PRO A 279 25.65 3.54 -9.34
C PRO A 279 25.41 2.20 -8.68
N VAL A 280 26.00 1.99 -7.48
CA VAL A 280 25.77 0.75 -6.71
C VAL A 280 24.52 0.95 -5.86
N LYS A 281 23.44 0.24 -6.20
CA LYS A 281 22.13 0.52 -5.58
C LYS A 281 21.97 -0.16 -4.22
N ASN A 282 22.74 -1.20 -4.00
CA ASN A 282 22.70 -1.92 -2.74
C ASN A 282 23.82 -2.93 -2.63
N MET A 283 24.08 -3.38 -1.41
CA MET A 283 24.99 -4.49 -1.10
C MET A 283 24.35 -5.17 0.08
N CYS A 284 24.35 -6.49 0.09
CA CYS A 284 23.83 -7.22 1.29
C CYS A 284 24.77 -7.39 2.44
N ARG A 285 24.17 -7.54 3.66
CA ARG A 285 24.90 -8.10 4.77
C ARG A 285 24.03 -9.24 5.29
N THR A 286 24.65 -10.20 5.93
CA THR A 286 23.92 -11.30 6.62
C THR A 286 24.02 -11.19 8.15
N LEU A 287 22.85 -11.23 8.81
CA LEU A 287 22.80 -11.20 10.30
C LEU A 287 23.43 -12.47 10.85
N THR A 288 24.30 -12.30 11.82
CA THR A 288 24.97 -13.44 12.43
C THR A 288 24.17 -13.83 13.70
N ALA A 289 23.20 -13.00 14.11
CA ALA A 289 22.40 -13.27 15.33
C ALA A 289 21.02 -12.60 15.15
N ASP A 290 20.00 -13.10 15.86
CA ASP A 290 18.74 -12.36 15.96
C ASP A 290 19.01 -10.98 16.60
N THR A 291 18.33 -9.95 16.12
CA THR A 291 18.53 -8.64 16.70
C THR A 291 17.29 -7.80 16.52
N VAL A 292 17.26 -6.62 17.14
CA VAL A 292 16.23 -5.62 16.77
C VAL A 292 17.00 -4.39 16.35
N PHE A 293 16.73 -3.90 15.16
CA PHE A 293 17.64 -2.90 14.51
C PHE A 293 16.81 -1.78 13.91
N HIS A 294 16.90 -0.60 14.51
CA HIS A 294 16.01 0.47 14.14
C HIS A 294 14.54 0.09 14.15
N GLY A 295 14.16 -0.70 15.16
CA GLY A 295 12.79 -1.03 15.43
C GLY A 295 12.27 -2.17 14.56
N THR A 296 13.16 -2.89 13.85
CA THR A 296 12.75 -4.07 13.08
C THR A 296 13.40 -5.28 13.57
N GLU A 297 12.61 -6.34 13.89
CA GLU A 297 13.25 -7.57 14.34
C GLU A 297 13.83 -8.34 13.17
N LEU A 298 15.10 -8.71 13.29
CA LEU A 298 15.86 -9.36 12.16
C LEU A 298 16.29 -10.71 12.70
N ARG A 299 16.27 -11.72 11.84
CA ARG A 299 16.57 -13.11 12.19
C ARG A 299 17.97 -13.53 11.69
N ALA A 300 18.68 -14.26 12.54
CA ALA A 300 19.98 -14.81 12.25
C ALA A 300 19.89 -15.52 10.87
N GLY A 301 20.86 -15.14 10.04
CA GLY A 301 21.02 -15.79 8.76
C GLY A 301 20.26 -15.17 7.62
N GLU A 302 19.37 -14.19 7.86
CA GLU A 302 18.72 -13.52 6.76
C GLU A 302 19.59 -12.35 6.29
N LYS A 303 19.33 -11.90 5.05
CA LYS A 303 20.10 -10.74 4.52
C LYS A 303 19.35 -9.43 4.71
N ILE A 304 20.13 -8.35 4.73
CA ILE A 304 19.59 -7.01 4.72
C ILE A 304 20.33 -6.25 3.61
N MET A 305 19.55 -5.52 2.79
CA MET A 305 20.05 -4.72 1.68
C MET A 305 20.42 -3.33 2.16
N LEU A 306 21.71 -2.99 2.08
CA LEU A 306 22.13 -1.61 2.42
C LEU A 306 21.77 -0.73 1.23
N MET A 307 20.78 0.17 1.36
CA MET A 307 20.27 0.88 0.15
C MET A 307 21.00 2.24 0.00
N PHE A 308 22.10 2.27 -0.76
CA PHE A 308 22.97 3.46 -0.80
C PHE A 308 22.31 4.65 -1.41
N GLU A 309 21.53 4.43 -2.50
CA GLU A 309 20.77 5.57 -3.06
C GLU A 309 19.75 6.14 -2.12
N SER A 310 19.07 5.27 -1.38
CA SER A 310 18.12 5.77 -0.40
C SER A 310 18.79 6.61 0.68
N ALA A 311 19.96 6.14 1.17
CA ALA A 311 20.75 6.85 2.19
C ALA A 311 21.17 8.23 1.62
N ASN A 312 21.51 8.25 0.33
CA ASN A 312 21.99 9.41 -0.33
C ASN A 312 20.92 10.46 -0.62
N PHE A 313 19.66 10.09 -0.39
CA PHE A 313 18.57 11.01 -0.55
C PHE A 313 17.85 11.23 0.81
N ASP A 314 18.53 10.89 1.89
CA ASP A 314 18.02 11.07 3.25
C ASP A 314 17.94 12.59 3.60
N GLU A 315 16.72 13.11 3.78
CA GLU A 315 16.52 14.54 4.06
C GLU A 315 17.15 14.93 5.38
N SER A 316 17.23 14.04 6.37
CA SER A 316 17.78 14.49 7.65
C SER A 316 19.26 14.78 7.48
N VAL A 317 19.91 14.14 6.50
CA VAL A 317 21.32 14.40 6.28
C VAL A 317 21.54 15.54 5.28
N PHE A 318 20.84 15.55 4.13
CA PHE A 318 21.16 16.53 3.07
C PHE A 318 20.30 17.76 3.07
N GLY A 319 19.15 17.74 3.76
CA GLY A 319 18.32 18.95 3.79
C GLY A 319 17.44 18.99 2.53
N ASP A 320 18.04 19.21 1.37
CA ASP A 320 17.29 19.29 0.12
C ASP A 320 17.89 18.27 -0.93
N PRO A 321 17.84 16.98 -0.60
CA PRO A 321 18.52 15.95 -1.52
C PRO A 321 17.96 15.95 -2.92
N ASP A 322 16.70 16.39 -3.08
CA ASP A 322 16.05 16.26 -4.42
C ASP A 322 16.44 17.36 -5.39
N ASN A 323 17.19 18.39 -4.94
CA ASN A 323 17.78 19.36 -5.86
C ASN A 323 19.16 18.83 -6.19
N PHE A 324 19.54 18.89 -7.46
CA PHE A 324 20.91 18.56 -7.82
C PHE A 324 21.71 19.87 -7.74
N ARG A 325 22.78 19.92 -6.90
CA ARG A 325 23.55 21.15 -6.69
C ARG A 325 25.02 20.85 -6.62
N ILE A 326 25.77 21.31 -7.64
CA ILE A 326 27.22 21.12 -7.64
C ILE A 326 27.93 21.85 -6.46
N ASP A 327 27.26 22.85 -5.87
CA ASP A 327 27.82 23.59 -4.76
C ASP A 327 27.49 22.92 -3.41
N ARG A 328 26.92 21.71 -3.41
CA ARG A 328 26.53 21.09 -2.15
C ARG A 328 27.78 20.89 -1.32
N ASN A 329 27.85 21.46 -0.11
CA ASN A 329 29.14 21.42 0.63
C ASN A 329 28.85 21.55 2.11
N PRO A 330 29.25 20.58 2.95
CA PRO A 330 29.84 19.28 2.58
C PRO A 330 28.83 18.33 1.91
N ASN A 331 29.33 17.25 1.32
CA ASN A 331 28.45 16.34 0.61
C ASN A 331 28.82 14.98 1.13
N SER A 332 28.12 14.57 2.17
CA SER A 332 28.50 13.37 2.87
C SER A 332 27.89 12.10 2.29
N HIS A 333 27.92 11.94 0.97
CA HIS A 333 27.24 10.83 0.33
C HIS A 333 27.94 9.49 0.65
N VAL A 334 27.23 8.37 0.53
CA VAL A 334 27.80 7.05 0.76
C VAL A 334 27.71 6.25 -0.56
N ALA A 335 27.94 6.95 -1.68
CA ALA A 335 27.94 6.19 -2.97
C ALA A 335 29.00 5.08 -2.98
N PHE A 336 30.09 5.29 -2.24
CA PHE A 336 31.20 4.34 -2.15
C PHE A 336 31.10 3.42 -0.95
N GLY A 337 29.96 3.48 -0.27
CA GLY A 337 29.73 2.75 0.98
C GLY A 337 30.47 3.36 2.16
N PHE A 338 30.87 2.51 3.09
CA PHE A 338 31.38 2.99 4.36
C PHE A 338 32.03 1.86 5.14
N GLY A 339 33.09 2.15 5.86
CA GLY A 339 33.67 1.16 6.78
C GLY A 339 34.71 0.22 6.17
N THR A 340 34.80 -1.01 6.69
CA THR A 340 35.90 -1.84 6.25
C THR A 340 35.89 -2.11 4.72
N HIS A 341 34.69 -2.22 4.11
CA HIS A 341 34.57 -2.47 2.67
C HIS A 341 34.53 -1.25 1.78
N PHE A 342 34.70 -0.07 2.38
CA PHE A 342 34.70 1.20 1.65
C PHE A 342 35.49 1.03 0.31
N CYS A 343 34.84 1.48 -0.76
CA CYS A 343 35.28 1.23 -2.13
C CYS A 343 36.84 1.32 -2.33
N LEU A 344 37.43 0.25 -2.84
CA LEU A 344 38.87 0.24 -3.12
C LEU A 344 39.21 1.21 -4.23
N GLY A 345 38.28 1.37 -5.18
CA GLY A 345 38.53 2.16 -6.41
C GLY A 345 38.17 3.61 -6.30
N ASN A 346 37.89 4.11 -5.10
CA ASN A 346 37.17 5.33 -5.02
C ASN A 346 38.04 6.52 -5.47
N GLN A 347 39.33 6.46 -5.22
CA GLN A 347 40.18 7.57 -5.72
C GLN A 347 40.38 7.43 -7.22
N LEU A 348 40.54 6.19 -7.71
CA LEU A 348 40.60 5.97 -9.18
C LEU A 348 39.34 6.53 -9.88
N ALA A 349 38.20 6.19 -9.31
CA ALA A 349 36.90 6.66 -9.85
C ALA A 349 36.80 8.16 -9.82
N ARG A 350 37.24 8.78 -8.73
CA ARG A 350 37.11 10.26 -8.67
C ARG A 350 38.03 10.92 -9.73
N LEU A 351 39.20 10.29 -9.98
CA LEU A 351 40.16 10.90 -10.89
C LEU A 351 39.61 10.69 -12.31
N GLU A 352 39.10 9.48 -12.62
CA GLU A 352 38.40 9.25 -13.96
C GLU A 352 37.31 10.34 -14.18
N LEU A 353 36.51 10.56 -13.16
CA LEU A 353 35.38 11.51 -13.24
C LEU A 353 35.92 12.93 -13.47
N ARG A 354 36.97 13.31 -12.74
CA ARG A 354 37.53 14.64 -12.88
C ARG A 354 38.11 14.88 -14.28
N LEU A 355 38.98 13.97 -14.69
CA LEU A 355 39.76 14.16 -15.95
C LEU A 355 38.84 14.11 -17.15
N MET A 356 37.91 13.14 -17.20
CA MET A 356 36.96 13.11 -18.33
C MET A 356 36.03 14.33 -18.34
N THR A 357 35.47 14.63 -17.17
CA THR A 357 34.50 15.70 -17.18
C THR A 357 35.16 17.05 -17.53
N GLU A 358 36.40 17.27 -17.09
CA GLU A 358 37.10 18.49 -17.46
C GLU A 358 37.27 18.61 -19.00
N ARG A 359 37.63 17.48 -19.64
CA ARG A 359 37.82 17.49 -21.10
C ARG A 359 36.51 17.69 -21.85
N VAL A 360 35.41 17.10 -21.36
CA VAL A 360 34.09 17.32 -21.93
C VAL A 360 33.69 18.78 -21.81
N LEU A 361 33.92 19.34 -20.62
CA LEU A 361 33.60 20.75 -20.39
C LEU A 361 34.39 21.68 -21.34
N ARG A 362 35.68 21.39 -21.53
CA ARG A 362 36.60 22.27 -22.29
C ARG A 362 36.39 22.14 -23.81
N ARG A 363 36.18 20.92 -24.26
CA ARG A 363 36.23 20.57 -25.69
C ARG A 363 34.84 20.51 -26.28
N LEU A 364 33.84 20.18 -25.45
CA LEU A 364 32.43 20.23 -25.91
C LEU A 364 31.62 21.21 -25.09
N PRO A 365 32.03 22.49 -25.10
CA PRO A 365 31.40 23.42 -24.17
C PRO A 365 29.90 23.75 -24.39
N ASP A 366 29.35 23.53 -25.61
CA ASP A 366 27.90 23.68 -25.80
C ASP A 366 27.14 22.36 -25.87
N LEU A 367 27.70 21.33 -25.24
CA LEU A 367 27.04 20.03 -25.16
C LEU A 367 25.57 20.15 -24.75
N ARG A 368 24.69 19.40 -25.41
CA ARG A 368 23.31 19.31 -24.91
C ARG A 368 22.76 17.94 -25.19
N LEU A 369 21.70 17.54 -24.49
CA LEU A 369 20.94 16.33 -24.82
C LEU A 369 20.25 16.53 -26.17
N ALA A 370 20.18 15.46 -26.96
CA ALA A 370 19.50 15.46 -28.28
C ALA A 370 18.04 15.75 -28.09
N ASP A 371 17.50 15.33 -26.94
CA ASP A 371 16.15 15.69 -26.59
C ASP A 371 16.07 15.52 -25.05
N ASP A 372 15.21 16.29 -24.40
CA ASP A 372 15.17 16.36 -22.93
C ASP A 372 14.21 15.37 -22.29
N ALA A 373 13.73 14.41 -23.07
CA ALA A 373 12.96 13.31 -22.52
C ALA A 373 13.82 12.49 -21.49
N PRO A 374 13.15 11.72 -20.62
CA PRO A 374 13.97 10.96 -19.66
C PRO A 374 14.96 10.01 -20.32
N VAL A 375 16.11 9.90 -19.67
CA VAL A 375 17.15 9.02 -20.05
C VAL A 375 16.80 7.61 -19.56
N PRO A 376 16.81 6.62 -20.47
CA PRO A 376 16.43 5.30 -20.05
C PRO A 376 17.49 4.70 -19.11
N LEU A 377 17.05 4.02 -18.05
CA LEU A 377 17.95 3.39 -17.07
C LEU A 377 17.91 1.87 -17.17
N ARG A 378 19.03 1.22 -16.87
CA ARG A 378 19.07 -0.27 -16.91
C ARG A 378 18.22 -0.90 -15.80
N PRO A 379 17.28 -1.80 -16.15
CA PRO A 379 16.47 -2.41 -15.12
C PRO A 379 17.24 -3.59 -14.58
N ALA A 380 18.19 -3.34 -13.67
CA ALA A 380 18.96 -4.38 -12.97
C ALA A 380 19.05 -3.95 -11.51
N ASN A 381 19.23 -4.93 -10.65
CA ASN A 381 19.06 -4.72 -9.21
C ASN A 381 20.33 -4.44 -8.41
N PHE A 382 21.46 -4.30 -9.10
CA PHE A 382 22.77 -4.11 -8.40
C PHE A 382 23.49 -2.81 -8.75
N VAL A 383 24.09 -2.81 -9.95
CA VAL A 383 24.54 -1.60 -10.59
C VAL A 383 23.63 -1.16 -11.75
N SER A 384 23.28 0.15 -11.79
CA SER A 384 22.43 0.60 -12.86
C SER A 384 22.66 2.07 -13.13
N GLY A 385 22.53 2.44 -14.39
CA GLY A 385 22.41 3.82 -14.78
C GLY A 385 22.00 3.88 -16.23
N PRO A 386 22.23 5.06 -16.86
CA PRO A 386 21.73 5.32 -18.23
C PRO A 386 22.18 4.29 -19.26
N GLU A 387 21.23 3.77 -20.03
CA GLU A 387 21.55 2.82 -21.10
C GLU A 387 22.15 3.47 -22.35
N SER A 388 21.71 4.69 -22.67
CA SER A 388 22.16 5.46 -23.82
C SER A 388 21.88 6.89 -23.52
N MET A 389 22.59 7.78 -24.19
CA MET A 389 22.38 9.22 -23.97
C MET A 389 22.86 10.02 -25.16
N PRO A 390 22.05 10.04 -26.25
CA PRO A 390 22.42 10.91 -27.39
C PRO A 390 22.61 12.35 -27.01
N VAL A 391 23.73 12.89 -27.47
CA VAL A 391 24.08 14.28 -27.25
C VAL A 391 24.51 14.93 -28.54
N VAL A 392 24.45 16.29 -28.52
CA VAL A 392 24.89 17.09 -29.65
C VAL A 392 25.78 18.24 -29.16
N PHE A 393 26.67 18.69 -30.08
CA PHE A 393 27.64 19.76 -29.76
C PHE A 393 28.19 20.33 -31.06
N THR A 394 28.77 21.51 -30.98
CA THR A 394 29.40 22.13 -32.15
C THR A 394 30.68 21.37 -32.41
N PRO A 395 30.89 20.89 -33.66
CA PRO A 395 32.14 20.14 -34.01
C PRO A 395 33.41 20.89 -33.70
N SER A 396 34.49 20.17 -33.45
CA SER A 396 35.81 20.79 -33.21
C SER A 396 36.90 19.83 -33.66
N ALA A 397 38.17 20.31 -33.67
CA ALA A 397 39.30 19.50 -34.18
C ALA A 397 39.93 18.58 -33.11
N PRO A 398 40.40 17.39 -33.52
CA PRO A 398 41.10 16.48 -32.59
C PRO A 398 42.37 17.12 -32.00
N VAL A 399 42.85 16.60 -30.88
CA VAL A 399 44.00 17.21 -30.24
C VAL A 399 45.25 16.29 -30.26
N LEU A 400 45.05 14.99 -30.46
CA LEU A 400 46.15 13.98 -30.29
C LEU A 400 46.60 13.32 -31.61
N THR B 6 68.27 18.89 7.53
CA THR B 6 67.29 19.66 8.31
C THR B 6 66.30 18.77 9.04
N ARG B 7 66.69 17.56 9.44
CA ARG B 7 65.73 16.70 10.19
C ARG B 7 65.25 17.46 11.45
N PRO B 8 63.93 17.56 11.64
CA PRO B 8 63.47 18.16 12.90
C PRO B 8 63.97 17.45 14.17
N ASP B 9 64.28 18.24 15.18
CA ASP B 9 64.79 17.69 16.44
C ASP B 9 63.77 18.06 17.46
N VAL B 10 62.80 17.17 17.66
CA VAL B 10 61.56 17.49 18.35
C VAL B 10 61.16 16.31 19.28
N ASP B 11 60.47 16.66 20.37
CA ASP B 11 59.90 15.75 21.33
C ASP B 11 58.39 15.86 21.17
N LEU B 12 57.79 14.85 20.56
CA LEU B 12 56.34 14.99 20.24
C LEU B 12 55.43 14.95 21.50
N VAL B 13 56.02 14.69 22.64
CA VAL B 13 55.26 14.73 23.94
C VAL B 13 55.40 16.10 24.58
N ASN B 14 56.26 16.97 24.04
CA ASN B 14 56.42 18.32 24.61
C ASN B 14 55.28 19.23 24.10
N GLY B 15 54.46 19.79 25.00
CA GLY B 15 53.41 20.70 24.58
C GLY B 15 53.93 21.94 23.80
N MET B 16 55.15 22.38 24.06
N MET B 16 55.17 22.38 24.04
CA MET B 16 55.70 23.54 23.28
CA MET B 16 55.74 23.54 23.28
C MET B 16 55.84 23.26 21.78
C MET B 16 55.69 23.27 21.78
N PHE B 17 55.89 22.00 21.41
CA PHE B 17 55.93 21.62 19.97
C PHE B 17 54.70 22.05 19.25
N TYR B 18 53.58 21.91 19.97
CA TYR B 18 52.30 22.23 19.42
C TYR B 18 51.88 23.68 19.48
N ALA B 19 52.58 24.51 20.25
CA ALA B 19 52.17 25.88 20.52
C ALA B 19 53.12 26.94 19.94
N ASP B 20 54.36 26.58 19.65
CA ASP B 20 55.36 27.63 19.22
C ASP B 20 55.25 28.08 17.76
N GLY B 21 54.38 27.43 16.99
CA GLY B 21 54.23 27.72 15.56
C GLY B 21 55.14 26.94 14.59
N GLY B 22 56.01 26.08 15.10
CA GLY B 22 56.91 25.27 14.30
C GLY B 22 56.38 23.94 13.80
N ALA B 23 55.27 23.44 14.35
CA ALA B 23 54.77 22.13 13.98
C ALA B 23 54.56 21.89 12.50
N ARG B 24 53.83 22.81 11.83
CA ARG B 24 53.49 22.51 10.43
C ARG B 24 54.74 22.37 9.54
N GLU B 25 55.80 23.12 9.85
CA GLU B 25 57.05 23.03 9.04
C GLU B 25 57.72 21.71 9.36
N ALA B 26 57.68 21.32 10.63
CA ALA B 26 58.22 20.00 10.93
C ALA B 26 57.44 18.94 10.23
N TYR B 27 56.10 19.03 10.28
CA TYR B 27 55.25 18.02 9.63
C TYR B 27 55.56 17.98 8.16
N ARG B 28 55.81 19.12 7.52
CA ARG B 28 56.14 19.08 6.10
C ARG B 28 57.40 18.25 5.82
N TRP B 29 58.41 18.38 6.67
CA TRP B 29 59.67 17.63 6.52
C TRP B 29 59.34 16.16 6.70
N MET B 30 58.53 15.85 7.73
CA MET B 30 58.20 14.47 7.95
C MET B 30 57.50 13.80 6.78
N ARG B 31 56.49 14.44 6.25
CA ARG B 31 55.71 13.84 5.20
C ARG B 31 56.56 13.54 3.97
N ALA B 32 57.56 14.41 3.71
CA ALA B 32 58.39 14.34 2.50
C ALA B 32 59.57 13.36 2.68
N ASN B 33 59.99 13.13 3.92
CA ASN B 33 61.27 12.45 4.19
C ASN B 33 61.13 11.17 4.98
N GLU B 34 60.17 11.12 5.92
CA GLU B 34 60.05 9.94 6.80
C GLU B 34 58.61 9.89 7.30
N PRO B 35 57.70 9.44 6.43
CA PRO B 35 56.27 9.50 6.67
C PRO B 35 55.87 8.88 8.03
N VAL B 36 56.54 7.80 8.42
CA VAL B 36 56.37 7.30 9.79
C VAL B 36 57.65 7.69 10.54
N PHE B 37 57.63 8.79 11.27
CA PHE B 37 58.79 9.50 11.76
C PHE B 37 59.10 9.06 13.18
N ARG B 38 60.37 8.96 13.56
CA ARG B 38 60.66 8.81 15.01
C ARG B 38 61.24 10.10 15.54
N ASP B 39 60.74 10.54 16.68
CA ASP B 39 61.19 11.79 17.24
C ASP B 39 62.52 11.58 18.01
N ARG B 40 62.97 12.62 18.71
N ARG B 40 62.99 12.61 18.70
CA ARG B 40 64.31 12.60 19.38
CA ARG B 40 64.31 12.54 19.33
C ARG B 40 64.48 11.52 20.46
C ARG B 40 64.48 11.42 20.38
N ASN B 41 63.36 10.97 20.94
CA ASN B 41 63.34 9.83 21.89
C ASN B 41 62.88 8.53 21.28
N GLY B 42 62.77 8.53 19.96
CA GLY B 42 62.42 7.34 19.19
C GLY B 42 60.92 7.04 19.11
N LEU B 43 60.06 7.98 19.59
CA LEU B 43 58.61 7.77 19.55
C LEU B 43 58.14 7.87 18.08
N ALA B 44 57.37 6.87 17.61
CA ALA B 44 56.97 6.76 16.23
C ALA B 44 55.72 7.60 16.00
N ALA B 45 55.65 8.23 14.84
CA ALA B 45 54.46 9.03 14.49
C ALA B 45 54.03 8.84 13.04
N ALA B 46 52.73 8.62 12.83
CA ALA B 46 52.19 8.51 11.51
C ALA B 46 51.82 9.90 11.06
N THR B 47 52.53 10.47 10.04
CA THR B 47 52.41 11.93 9.73
C THR B 47 51.70 12.20 8.41
N THR B 48 51.59 11.21 7.52
CA THR B 48 50.88 11.46 6.27
C THR B 48 49.42 11.02 6.49
N TYR B 49 48.56 11.61 5.70
CA TYR B 49 47.17 11.20 5.65
C TYR B 49 47.04 9.71 5.41
N GLN B 50 47.74 9.18 4.40
CA GLN B 50 47.60 7.77 4.09
C GLN B 50 48.01 6.86 5.29
N ALA B 51 49.08 7.24 6.01
CA ALA B 51 49.56 6.49 7.15
C ALA B 51 48.55 6.46 8.29
N VAL B 52 47.93 7.63 8.53
CA VAL B 52 46.94 7.72 9.57
C VAL B 52 45.73 6.86 9.16
N LEU B 53 45.28 7.00 7.94
CA LEU B 53 44.13 6.26 7.50
C LEU B 53 44.38 4.74 7.56
N ASP B 54 45.51 4.31 7.05
CA ASP B 54 45.85 2.87 7.03
C ASP B 54 45.90 2.30 8.49
N ALA B 55 46.44 3.12 9.42
CA ALA B 55 46.48 2.69 10.85
C ALA B 55 45.05 2.56 11.41
N GLU B 56 44.26 3.59 11.13
CA GLU B 56 42.84 3.57 11.57
C GLU B 56 42.08 2.39 10.99
N ARG B 57 42.35 2.00 9.73
CA ARG B 57 41.60 0.93 9.11
C ARG B 57 42.09 -0.50 9.62
N ASN B 58 43.15 -0.52 10.38
CA ASN B 58 43.79 -1.84 10.79
C ASN B 58 43.93 -1.95 12.32
N PRO B 59 42.80 -1.88 13.06
CA PRO B 59 42.89 -1.91 14.54
C PRO B 59 43.48 -3.24 15.03
N GLU B 60 43.49 -4.29 14.22
CA GLU B 60 44.03 -5.56 14.73
C GLU B 60 45.56 -5.41 14.92
N LEU B 61 46.17 -4.56 14.09
CA LEU B 61 47.60 -4.28 14.12
C LEU B 61 47.85 -3.05 14.95
N PHE B 62 46.91 -2.12 14.95
CA PHE B 62 47.11 -0.82 15.63
C PHE B 62 46.04 -0.74 16.67
N SER B 63 46.34 -1.33 17.84
CA SER B 63 45.35 -1.47 18.94
C SER B 63 45.22 -0.17 19.75
N SER B 64 44.05 0.01 20.33
CA SER B 64 43.81 1.12 21.27
C SER B 64 43.95 0.74 22.74
N THR B 65 44.22 -0.53 23.03
CA THR B 65 44.13 -0.93 24.46
C THR B 65 45.36 -0.54 25.24
N GLY B 66 46.39 -0.07 24.57
CA GLY B 66 47.62 0.32 25.22
C GLY B 66 47.61 1.69 25.82
N GLY B 67 46.51 2.42 25.52
CA GLY B 67 46.32 3.82 26.06
C GLY B 67 46.56 4.84 24.94
N ILE B 68 45.62 5.77 24.76
CA ILE B 68 45.72 6.81 23.73
C ILE B 68 46.82 7.88 23.94
N ARG B 69 47.44 7.95 25.12
CA ARG B 69 48.56 8.92 25.32
C ARG B 69 49.89 8.19 25.31
N PRO B 70 50.96 8.87 24.88
CA PRO B 70 52.25 8.20 24.68
C PRO B 70 52.86 7.73 26.00
N ASP B 71 52.54 8.43 27.10
CA ASP B 71 53.24 8.20 28.34
C ASP B 71 52.28 7.69 29.45
N GLN B 72 51.12 7.14 29.07
CA GLN B 72 50.15 6.63 30.05
C GLN B 72 49.59 5.34 29.57
N PRO B 73 49.29 4.42 30.50
CA PRO B 73 48.78 3.13 30.11
C PRO B 73 47.30 3.18 29.69
N GLY B 74 46.81 2.04 29.21
CA GLY B 74 45.36 1.87 28.96
C GLY B 74 44.52 2.10 30.24
N MET B 75 43.37 2.81 30.07
CA MET B 75 42.48 3.17 31.17
C MET B 75 41.05 2.67 30.82
N PRO B 76 40.19 2.47 31.82
CA PRO B 76 38.88 1.87 31.55
C PRO B 76 37.84 2.81 30.90
N TYR B 77 38.05 3.19 29.62
CA TYR B 77 37.04 3.92 28.94
C TYR B 77 37.10 3.50 27.47
N MET B 78 36.07 3.86 26.71
CA MET B 78 35.89 3.16 25.44
C MET B 78 36.98 3.50 24.41
N ILE B 79 37.62 4.64 24.59
CA ILE B 79 38.66 5.09 23.59
C ILE B 79 39.97 4.24 23.73
N ASP B 80 40.16 3.64 24.92
CA ASP B 80 41.24 2.62 25.15
C ASP B 80 40.77 1.14 24.98
N MET B 81 39.68 0.86 24.24
CA MET B 81 39.17 -0.48 24.05
C MET B 81 39.16 -0.79 22.56
N ASP B 82 39.39 -2.08 22.24
CA ASP B 82 39.09 -2.58 20.89
C ASP B 82 37.71 -3.25 20.83
N ASP B 83 37.22 -3.47 19.63
CA ASP B 83 36.03 -4.26 19.47
C ASP B 83 36.41 -5.72 19.77
N PRO B 84 35.46 -6.48 20.35
CA PRO B 84 34.05 -6.16 20.61
C PRO B 84 33.74 -5.29 21.84
N GLN B 85 34.69 -5.19 22.76
CA GLN B 85 34.40 -4.49 24.03
C GLN B 85 34.07 -3.03 23.76
N HIS B 86 34.84 -2.37 22.87
CA HIS B 86 34.57 -0.97 22.53
C HIS B 86 33.17 -0.74 21.97
N LEU B 87 32.69 -1.59 21.05
CA LEU B 87 31.36 -1.39 20.49
C LEU B 87 30.25 -1.52 21.53
N LEU B 88 30.48 -2.40 22.50
CA LEU B 88 29.49 -2.55 23.55
C LEU B 88 29.37 -1.24 24.29
N ARG B 89 30.47 -0.54 24.54
CA ARG B 89 30.37 0.70 25.28
C ARG B 89 29.73 1.77 24.41
N ARG B 90 30.11 1.77 23.12
CA ARG B 90 29.57 2.74 22.17
C ARG B 90 28.04 2.60 22.07
N LYS B 91 27.52 1.37 22.09
CA LYS B 91 26.08 1.18 22.01
C LYS B 91 25.29 1.71 23.23
N LEU B 92 25.97 1.85 24.35
CA LEU B 92 25.37 2.43 25.58
C LEU B 92 24.98 3.86 25.38
N VAL B 93 25.74 4.60 24.55
CA VAL B 93 25.62 6.10 24.49
C VAL B 93 25.36 6.61 23.11
N ASN B 94 25.48 5.75 22.10
CA ASN B 94 25.37 6.23 20.72
C ASN B 94 24.10 6.99 20.39
N ALA B 95 22.96 6.52 20.91
CA ALA B 95 21.70 7.07 20.49
C ALA B 95 21.60 8.56 20.83
N GLY B 96 22.35 9.02 21.81
CA GLY B 96 22.28 10.42 22.22
C GLY B 96 23.05 11.34 21.33
N PHE B 97 23.79 10.79 20.35
CA PHE B 97 24.73 11.56 19.54
C PHE B 97 24.51 11.47 18.05
N THR B 98 23.46 10.74 17.62
CA THR B 98 23.15 10.70 16.18
C THR B 98 22.78 12.06 15.63
N ARG B 99 22.90 12.20 14.32
CA ARG B 99 22.45 13.44 13.70
C ARG B 99 21.00 13.81 14.04
N LYS B 100 20.10 12.86 14.00
CA LYS B 100 18.70 13.19 14.30
C LYS B 100 18.49 13.65 15.72
N ARG B 101 19.11 12.94 16.63
CA ARG B 101 19.03 13.32 18.04
C ARG B 101 19.69 14.64 18.36
N VAL B 102 20.88 14.87 17.78
CA VAL B 102 21.52 16.18 17.94
C VAL B 102 20.65 17.35 17.34
N MET B 103 19.98 17.07 16.20
CA MET B 103 19.12 18.09 15.58
C MET B 103 17.91 18.46 16.39
N ASP B 104 17.54 17.61 17.35
CA ASP B 104 16.44 17.99 18.24
C ASP B 104 16.92 18.97 19.26
N LYS B 105 18.24 19.19 19.32
CA LYS B 105 18.81 20.16 20.26
C LYS B 105 19.01 21.57 19.66
N VAL B 106 18.51 21.81 18.47
CA VAL B 106 18.77 23.08 17.77
C VAL B 106 18.27 24.26 18.57
N ASP B 107 17.05 24.10 19.07
CA ASP B 107 16.40 25.23 19.73
C ASP B 107 17.11 25.52 21.08
N SER B 108 17.42 24.46 21.84
N SER B 108 17.41 24.45 21.84
CA SER B 108 18.05 24.63 23.14
CA SER B 108 18.07 24.57 23.16
C SER B 108 19.49 25.15 23.03
C SER B 108 19.51 25.11 23.06
N ILE B 109 20.24 24.61 22.06
CA ILE B 109 21.64 25.11 21.86
C ILE B 109 21.61 26.58 21.36
N GLY B 110 20.69 26.88 20.43
CA GLY B 110 20.50 28.24 20.00
C GLY B 110 20.27 29.14 21.19
N ARG B 111 19.40 28.75 22.11
CA ARG B 111 19.30 29.58 23.31
C ARG B 111 20.56 29.78 24.08
N LEU B 112 21.34 28.70 24.29
CA LEU B 112 22.61 28.90 24.98
C LEU B 112 23.49 29.92 24.26
N CYS B 113 23.54 29.87 22.90
CA CYS B 113 24.34 30.79 22.09
C CYS B 113 23.81 32.22 22.29
N ASP B 114 22.48 32.37 22.22
CA ASP B 114 21.91 33.71 22.43
C ASP B 114 22.32 34.30 23.80
N THR B 115 22.24 33.48 24.86
CA THR B 115 22.58 33.97 26.18
C THR B 115 24.04 34.45 26.28
N LEU B 116 24.96 33.64 25.73
CA LEU B 116 26.36 34.05 25.80
C LEU B 116 26.58 35.34 25.05
N ILE B 117 25.98 35.43 23.88
CA ILE B 117 26.25 36.66 23.12
C ILE B 117 25.61 37.86 23.82
N ASP B 118 24.39 37.69 24.30
CA ASP B 118 23.77 38.80 25.14
C ASP B 118 24.71 39.30 26.27
N ALA B 119 25.58 38.45 26.82
CA ALA B 119 26.45 38.87 27.93
C ALA B 119 27.55 39.85 27.53
N VAL B 120 27.90 39.85 26.22
CA VAL B 120 28.98 40.72 25.70
C VAL B 120 28.50 41.73 24.63
N CYS B 121 27.27 41.60 24.11
CA CYS B 121 26.94 42.38 22.86
C CYS B 121 26.90 43.91 23.07
N GLU B 122 26.56 44.35 24.28
CA GLU B 122 26.60 45.81 24.55
C GLU B 122 27.96 46.36 24.84
N ARG B 123 28.90 45.48 25.07
CA ARG B 123 30.22 45.86 25.52
C ARG B 123 31.07 46.30 24.31
N GLY B 124 30.83 45.76 23.11
CA GLY B 124 31.69 46.15 21.96
C GLY B 124 33.07 45.44 21.95
N GLU B 125 33.27 44.56 22.91
CA GLU B 125 34.56 43.79 22.99
C GLU B 125 34.35 42.60 23.89
N CYS B 126 35.13 41.55 23.69
CA CYS B 126 35.12 40.42 24.65
C CYS B 126 36.35 39.60 24.43
N ASP B 127 36.55 38.60 25.26
CA ASP B 127 37.59 37.62 24.95
C ASP B 127 36.90 36.42 24.31
N PHE B 128 37.15 36.15 23.01
CA PHE B 128 36.33 35.19 22.31
C PHE B 128 36.49 33.81 22.87
N VAL B 129 37.66 33.48 23.40
CA VAL B 129 37.86 32.13 24.04
C VAL B 129 37.00 32.03 25.32
N ARG B 130 37.22 32.98 26.24
CA ARG B 130 36.59 32.96 27.57
C ARG B 130 35.07 33.13 27.50
N ASP B 131 34.57 33.96 26.58
CA ASP B 131 33.14 34.43 26.62
C ASP B 131 32.22 33.74 25.60
N ILE B 132 32.81 33.01 24.66
CA ILE B 132 31.98 32.40 23.59
C ILE B 132 32.42 30.95 23.36
N ALA B 133 33.66 30.77 23.00
CA ALA B 133 34.15 29.47 22.50
C ALA B 133 34.22 28.40 23.62
N ALA B 134 34.77 28.74 24.79
CA ALA B 134 34.83 27.75 25.89
C ALA B 134 33.50 27.46 26.49
N PRO B 135 32.69 28.51 26.80
CA PRO B 135 31.47 28.19 27.59
C PRO B 135 30.41 27.49 26.81
N LEU B 136 30.30 27.71 25.49
CA LEU B 136 29.15 27.07 24.80
C LEU B 136 29.19 25.56 24.82
N PRO B 137 30.31 24.96 24.38
CA PRO B 137 30.35 23.48 24.43
C PRO B 137 30.25 22.94 25.83
N MET B 138 30.75 23.67 26.84
CA MET B 138 30.60 23.26 28.24
C MET B 138 29.12 23.17 28.63
N ALA B 139 28.36 24.22 28.29
CA ALA B 139 26.95 24.20 28.68
C ALA B 139 26.20 23.03 28.01
N VAL B 140 26.54 22.81 26.73
CA VAL B 140 25.85 21.79 25.95
C VAL B 140 26.12 20.43 26.57
N ILE B 141 27.39 20.13 26.79
CA ILE B 141 27.70 18.81 27.33
C ILE B 141 27.29 18.68 28.78
N GLY B 142 27.39 19.76 29.55
CA GLY B 142 26.83 19.79 30.94
C GLY B 142 25.38 19.34 30.99
N ASP B 143 24.56 19.90 30.08
CA ASP B 143 23.13 19.59 30.00
C ASP B 143 22.91 18.14 29.63
N MET B 144 23.71 17.62 28.70
CA MET B 144 23.63 16.21 28.34
C MET B 144 24.00 15.25 29.46
N LEU B 145 24.97 15.62 30.26
CA LEU B 145 25.43 14.85 31.43
C LEU B 145 24.46 14.98 32.59
N GLY B 146 23.83 16.11 32.68
CA GLY B 146 22.78 16.40 33.67
C GLY B 146 23.34 17.17 34.83
N VAL B 147 24.37 17.96 34.58
CA VAL B 147 24.83 18.84 35.61
C VAL B 147 24.08 20.18 35.71
N LEU B 148 23.88 20.65 36.93
CA LEU B 148 23.29 22.00 37.12
C LEU B 148 24.06 23.04 36.37
N PRO B 149 23.40 24.11 35.90
CA PRO B 149 24.18 25.19 35.25
C PRO B 149 25.22 25.75 36.19
N THR B 150 24.95 25.74 37.52
CA THR B 150 25.83 26.35 38.50
C THR B 150 27.04 25.48 38.78
N GLU B 151 27.06 24.31 38.15
CA GLU B 151 28.20 23.37 38.29
C GLU B 151 29.14 23.41 37.07
N ARG B 152 28.65 24.03 36.01
CA ARG B 152 29.41 24.14 34.76
C ARG B 152 30.82 24.71 34.95
N ASP B 153 30.95 25.83 35.66
CA ASP B 153 32.28 26.46 35.78
C ASP B 153 33.31 25.61 36.47
N MET B 154 32.89 24.87 37.51
CA MET B 154 33.83 24.06 38.27
C MET B 154 34.31 22.87 37.39
N LEU B 155 33.38 22.28 36.68
CA LEU B 155 33.76 21.18 35.75
C LEU B 155 34.73 21.62 34.66
N LEU B 156 34.52 22.80 34.10
CA LEU B 156 35.35 23.29 33.02
C LEU B 156 36.72 23.64 33.59
N LYS B 157 36.76 24.21 34.80
CA LYS B 157 38.08 24.43 35.43
C LYS B 157 38.85 23.12 35.67
N TRP B 158 38.16 22.07 36.15
CA TRP B 158 38.84 20.81 36.34
C TRP B 158 39.30 20.27 34.96
N SER B 159 38.41 20.40 33.98
CA SER B 159 38.74 19.89 32.61
C SER B 159 40.01 20.59 32.11
N ASP B 160 40.05 21.90 32.26
CA ASP B 160 41.21 22.68 31.82
C ASP B 160 42.46 22.21 32.52
N ASP B 161 42.35 21.97 33.83
CA ASP B 161 43.58 21.59 34.54
C ASP B 161 44.09 20.19 34.24
N LEU B 162 43.17 19.30 33.81
CA LEU B 162 43.52 17.98 33.33
C LEU B 162 44.30 18.14 31.98
N VAL B 163 43.74 18.86 31.02
CA VAL B 163 44.36 18.81 29.68
C VAL B 163 45.55 19.74 29.58
N CYS B 164 45.56 20.84 30.36
CA CYS B 164 46.77 21.73 30.33
C CYS B 164 47.96 21.07 31.05
N GLY B 165 47.71 20.00 31.85
CA GLY B 165 48.80 19.19 32.45
C GLY B 165 49.48 18.23 31.45
N LEU B 166 49.07 18.26 30.18
CA LEU B 166 49.58 17.22 29.30
C LEU B 166 50.80 17.73 28.53
N SER B 167 51.99 17.52 29.07
CA SER B 167 53.24 17.91 28.41
C SER B 167 54.39 17.21 29.12
N SER B 168 55.43 16.89 28.38
CA SER B 168 56.62 16.45 29.04
C SER B 168 57.42 17.63 29.68
N HIS B 169 56.98 18.87 29.39
CA HIS B 169 57.59 20.16 29.78
C HIS B 169 57.01 20.83 31.03
N VAL B 170 55.83 20.43 31.50
CA VAL B 170 55.26 21.16 32.68
C VAL B 170 55.97 20.75 33.99
N ASP B 171 56.02 21.71 34.94
CA ASP B 171 56.65 21.57 36.29
C ASP B 171 55.88 20.60 37.24
N GLU B 172 56.53 20.23 38.36
CA GLU B 172 55.90 19.41 39.42
C GLU B 172 54.60 19.97 40.06
N ALA B 173 54.42 21.28 40.09
CA ALA B 173 53.15 21.78 40.61
C ALA B 173 52.01 21.52 39.61
N ALA B 174 52.31 21.47 38.30
CA ALA B 174 51.27 21.32 37.29
C ALA B 174 50.76 19.87 37.27
N ILE B 175 51.64 18.94 37.66
CA ILE B 175 51.30 17.53 37.60
C ILE B 175 50.60 17.16 38.90
N GLN B 176 50.95 17.92 39.94
CA GLN B 176 50.30 17.83 41.22
C GLN B 176 48.87 18.30 41.05
N LYS B 177 48.72 19.43 40.37
CA LYS B 177 47.41 20.00 40.08
C LYS B 177 46.60 18.99 39.24
N LEU B 178 47.24 18.33 38.27
CA LEU B 178 46.52 17.33 37.46
C LEU B 178 45.97 16.14 38.31
N MET B 179 46.80 15.59 39.19
CA MET B 179 46.39 14.42 39.94
C MET B 179 45.39 14.82 41.05
N ASP B 180 45.57 15.98 41.68
CA ASP B 180 44.57 16.44 42.69
C ASP B 180 43.21 16.65 42.01
N THR B 181 43.27 17.21 40.78
CA THR B 181 42.05 17.42 40.01
C THR B 181 41.34 16.14 39.67
N PHE B 182 42.12 15.15 39.21
CA PHE B 182 41.61 13.77 39.02
C PHE B 182 40.94 13.19 40.26
N ALA B 183 41.54 13.42 41.41
CA ALA B 183 40.96 12.93 42.69
C ALA B 183 39.64 13.67 42.93
N ALA B 184 39.64 14.97 42.67
CA ALA B 184 38.43 15.82 42.89
C ALA B 184 37.31 15.30 41.98
N TYR B 185 37.66 15.03 40.70
CA TYR B 185 36.68 14.53 39.74
C TYR B 185 36.16 13.14 40.19
N THR B 186 37.06 12.30 40.73
CA THR B 186 36.66 10.94 41.12
C THR B 186 35.65 11.05 42.29
N GLU B 187 35.96 11.90 43.23
CA GLU B 187 35.05 12.07 44.40
C GLU B 187 33.67 12.59 43.98
N PHE B 188 33.67 13.59 43.08
CA PHE B 188 32.47 14.10 42.49
C PHE B 188 31.68 12.97 41.82
N THR B 189 32.33 12.14 41.00
CA THR B 189 31.61 11.11 40.32
C THR B 189 31.07 10.04 41.27
N LYS B 190 31.83 9.77 42.33
CA LYS B 190 31.39 8.73 43.29
C LYS B 190 30.06 9.18 43.92
N ASP B 191 29.89 10.48 44.06
CA ASP B 191 28.65 11.09 44.57
C ASP B 191 27.54 11.05 43.58
N VAL B 192 27.85 11.30 42.31
CA VAL B 192 26.86 11.17 41.28
C VAL B 192 26.47 9.68 41.18
N ILE B 193 27.38 8.77 41.42
CA ILE B 193 26.96 7.33 41.38
C ILE B 193 25.91 7.05 42.48
N THR B 194 26.28 7.37 43.69
CA THR B 194 25.35 7.23 44.85
C THR B 194 24.00 7.80 44.44
N LYS B 195 24.02 9.02 43.91
CA LYS B 195 22.83 9.76 43.52
C LYS B 195 21.97 9.14 42.40
N ARG B 196 22.58 8.82 41.26
N ARG B 196 22.60 8.84 41.26
CA ARG B 196 21.83 8.30 40.12
CA ARG B 196 21.88 8.30 40.11
C ARG B 196 21.38 6.84 40.33
C ARG B 196 21.39 6.85 40.32
N ARG B 197 22.07 6.08 41.17
CA ARG B 197 21.59 4.74 41.59
C ARG B 197 20.28 4.81 42.40
N ALA B 198 20.27 5.67 43.42
CA ALA B 198 19.04 5.90 44.21
C ALA B 198 18.01 6.71 43.47
N GLU B 199 18.44 7.68 42.68
CA GLU B 199 17.49 8.53 42.04
C GLU B 199 17.89 8.72 40.57
N PRO B 200 17.60 7.71 39.69
CA PRO B 200 17.97 7.81 38.24
C PRO B 200 17.25 8.89 37.48
N THR B 201 17.84 9.29 36.35
CA THR B 201 17.35 10.40 35.51
C THR B 201 17.54 10.13 34.01
N ASP B 202 17.26 11.14 33.18
CA ASP B 202 17.24 10.98 31.73
C ASP B 202 18.65 11.19 31.07
N ASP B 203 19.63 11.60 31.87
CA ASP B 203 20.86 12.20 31.35
C ASP B 203 22.00 11.18 31.21
N LEU B 204 23.10 11.56 30.58
CA LEU B 204 24.17 10.58 30.36
C LEU B 204 24.87 10.08 31.59
N PHE B 205 24.97 10.87 32.67
CA PHE B 205 25.54 10.35 33.88
C PHE B 205 24.76 9.16 34.39
N SER B 206 23.44 9.26 34.35
CA SER B 206 22.58 8.21 34.87
C SER B 206 22.69 6.96 34.02
N VAL B 207 22.63 7.16 32.69
CA VAL B 207 22.81 6.10 31.69
C VAL B 207 24.06 5.27 32.06
N LEU B 208 25.20 5.93 32.27
CA LEU B 208 26.45 5.24 32.58
C LEU B 208 26.40 4.59 33.94
N VAL B 209 25.95 5.33 34.95
CA VAL B 209 25.93 4.82 36.33
C VAL B 209 25.13 3.54 36.45
N ASN B 210 24.04 3.51 35.70
CA ASN B 210 23.08 2.39 35.69
C ASN B 210 23.23 1.35 34.58
N SER B 211 24.25 1.47 33.74
CA SER B 211 24.46 0.56 32.60
C SER B 211 25.08 -0.75 33.04
N GLU B 212 24.94 -1.81 32.23
CA GLU B 212 25.71 -3.01 32.54
C GLU B 212 26.57 -3.42 31.36
N VAL B 213 27.69 -4.05 31.67
CA VAL B 213 28.56 -4.57 30.63
C VAL B 213 28.70 -6.05 30.91
N GLU B 214 28.00 -6.86 30.09
CA GLU B 214 28.05 -8.32 30.11
C GLU B 214 27.31 -8.86 31.33
N GLY B 215 26.10 -8.39 31.59
CA GLY B 215 25.41 -8.82 32.83
C GLY B 215 25.94 -8.33 34.21
N GLN B 216 27.06 -7.61 34.23
N GLN B 216 27.04 -7.58 34.19
CA GLN B 216 27.52 -6.94 35.45
CA GLN B 216 27.59 -6.90 35.36
C GLN B 216 27.38 -5.43 35.30
C GLN B 216 27.31 -5.41 35.25
N ARG B 217 26.99 -4.77 36.37
CA ARG B 217 26.89 -3.32 36.31
C ARG B 217 28.31 -2.77 36.02
N MET B 218 28.38 -1.69 35.23
CA MET B 218 29.69 -0.97 34.97
C MET B 218 30.45 -0.66 36.25
N SER B 219 31.75 -0.91 36.31
CA SER B 219 32.48 -0.68 37.59
C SER B 219 32.52 0.84 37.95
N ASP B 220 32.67 1.19 39.25
CA ASP B 220 32.93 2.59 39.66
C ASP B 220 34.05 3.28 38.88
N ASP B 221 35.18 2.59 38.75
CA ASP B 221 36.32 3.13 38.00
C ASP B 221 35.99 3.33 36.54
N GLU B 222 35.30 2.37 35.89
CA GLU B 222 34.95 2.59 34.49
C GLU B 222 33.93 3.76 34.36
N ILE B 223 32.93 3.84 35.29
CA ILE B 223 32.05 5.01 35.30
C ILE B 223 32.85 6.34 35.37
N VAL B 224 33.82 6.45 36.29
CA VAL B 224 34.63 7.62 36.39
C VAL B 224 35.28 7.94 35.06
N PHE B 225 35.91 6.92 34.42
CA PHE B 225 36.61 7.21 33.14
C PHE B 225 35.67 7.47 31.96
N GLU B 226 34.56 6.73 31.83
CA GLU B 226 33.67 6.92 30.69
C GLU B 226 33.05 8.32 30.75
N THR B 227 32.65 8.74 31.98
CA THR B 227 31.96 10.05 32.10
C THR B 227 33.02 11.16 31.91
N LEU B 228 34.26 10.97 32.36
CA LEU B 228 35.29 11.97 32.14
C LEU B 228 35.62 12.11 30.62
N LEU B 229 35.64 10.96 29.93
CA LEU B 229 35.90 10.95 28.45
C LEU B 229 34.84 11.82 27.77
N ILE B 230 33.58 11.63 28.15
CA ILE B 230 32.45 12.38 27.56
C ILE B 230 32.58 13.87 27.93
N LEU B 231 32.94 14.16 29.19
CA LEU B 231 33.08 15.57 29.62
C LEU B 231 34.21 16.26 28.81
N ILE B 232 35.37 15.64 28.74
CA ILE B 232 36.53 16.33 28.14
C ILE B 232 36.30 16.37 26.63
N GLY B 233 35.76 15.31 26.03
CA GLY B 233 35.50 15.35 24.58
C GLY B 233 34.57 16.52 24.29
N GLY B 234 33.56 16.68 25.14
CA GLY B 234 32.63 17.87 25.06
C GLY B 234 33.27 19.24 25.23
N ASP B 235 34.19 19.39 26.20
CA ASP B 235 34.50 20.70 26.69
C ASP B 235 35.93 21.15 26.43
N GLU B 236 36.73 20.31 25.74
CA GLU B 236 38.16 20.70 25.49
C GLU B 236 38.52 20.54 24.01
N THR B 237 37.51 20.53 23.17
CA THR B 237 37.67 20.31 21.71
C THR B 237 37.04 21.39 20.80
N THR B 238 35.72 21.39 20.70
CA THR B 238 34.99 22.28 19.84
C THR B 238 35.40 23.76 20.12
N ARG B 239 35.66 24.06 21.40
CA ARG B 239 36.11 25.43 21.79
C ARG B 239 37.26 25.90 20.90
N HIS B 240 38.20 25.01 20.52
CA HIS B 240 39.34 25.44 19.74
C HIS B 240 39.03 25.61 18.23
N THR B 241 38.08 24.83 17.70
CA THR B 241 37.60 25.15 16.33
C THR B 241 36.78 26.45 16.32
N LEU B 242 35.96 26.65 17.35
CA LEU B 242 35.24 27.91 17.42
C LEU B 242 36.24 29.09 17.44
N SER B 243 37.23 29.08 18.34
CA SER B 243 38.11 30.26 18.48
C SER B 243 39.11 30.30 17.29
N GLY B 244 39.86 29.20 17.07
CA GLY B 244 40.90 29.17 16.00
C GLY B 244 40.20 29.21 14.65
N GLY B 245 38.98 28.67 14.57
CA GLY B 245 38.27 28.67 13.22
C GLY B 245 37.78 30.09 12.94
N THR B 246 37.18 30.72 13.96
CA THR B 246 36.74 32.12 13.76
C THR B 246 37.96 33.04 13.53
N GLU B 247 39.06 32.77 14.24
CA GLU B 247 40.30 33.55 13.97
C GLU B 247 40.66 33.54 12.48
N GLN B 248 40.69 32.35 11.89
CA GLN B 248 40.98 32.26 10.42
C GLN B 248 40.01 33.02 9.56
N LEU B 249 38.72 32.99 9.92
CA LEU B 249 37.76 33.85 9.13
C LEU B 249 38.12 35.31 9.19
N LEU B 250 38.49 35.78 10.37
CA LEU B 250 38.96 37.16 10.58
C LEU B 250 40.27 37.48 9.84
N ARG B 251 41.16 36.50 9.83
CA ARG B 251 42.42 36.70 9.10
C ARG B 251 42.28 36.60 7.59
N HIS B 252 41.17 36.06 7.12
CA HIS B 252 40.88 36.07 5.65
C HIS B 252 39.57 36.75 5.43
N ARG B 253 39.57 38.09 5.48
CA ARG B 253 38.31 38.79 5.77
C ARG B 253 37.32 38.69 4.65
N ASP B 254 37.78 38.45 3.43
N ASP B 254 37.81 38.42 3.44
CA ASP B 254 36.83 38.28 2.33
CA ASP B 254 36.92 38.23 2.30
C ASP B 254 35.96 37.03 2.57
C ASP B 254 35.99 37.04 2.57
N GLN B 255 36.55 36.01 3.19
CA GLN B 255 35.75 34.85 3.58
C GLN B 255 34.79 35.15 4.73
N TRP B 256 35.24 35.91 5.73
CA TRP B 256 34.31 36.38 6.76
C TRP B 256 33.14 37.15 6.09
N ASP B 257 33.48 38.11 5.22
CA ASP B 257 32.44 38.87 4.49
C ASP B 257 31.47 37.99 3.68
N ALA B 258 32.01 36.99 2.99
CA ALA B 258 31.19 36.09 2.15
C ALA B 258 30.16 35.39 3.06
N LEU B 259 30.58 35.01 4.27
CA LEU B 259 29.65 34.38 5.22
C LEU B 259 28.59 35.33 5.81
N VAL B 260 29.03 36.52 6.15
CA VAL B 260 28.08 37.61 6.54
C VAL B 260 27.02 37.83 5.43
N ALA B 261 27.47 37.76 4.18
CA ALA B 261 26.54 37.88 3.04
C ALA B 261 25.68 36.63 2.71
N ASP B 262 26.17 35.44 3.05
CA ASP B 262 25.47 34.21 2.67
C ASP B 262 25.80 33.13 3.64
N VAL B 263 24.84 32.91 4.55
CA VAL B 263 25.04 31.90 5.58
C VAL B 263 25.00 30.46 5.01
N ASP B 264 24.54 30.26 3.79
CA ASP B 264 24.59 28.91 3.18
C ASP B 264 26.01 28.45 2.95
N LEU B 265 26.98 29.36 2.98
CA LEU B 265 28.39 28.90 2.91
C LEU B 265 28.93 28.37 4.25
N LEU B 266 28.18 28.50 5.33
CA LEU B 266 28.74 28.18 6.65
C LEU B 266 29.04 26.66 6.88
N PRO B 267 28.14 25.75 6.36
CA PRO B 267 28.55 24.31 6.51
C PRO B 267 29.96 24.00 5.94
N GLY B 268 30.27 24.53 4.75
CA GLY B 268 31.62 24.31 4.10
C GLY B 268 32.72 24.97 4.95
N ALA B 269 32.39 26.16 5.48
CA ALA B 269 33.35 26.91 6.31
C ALA B 269 33.65 26.12 7.58
N ILE B 270 32.63 25.50 8.16
CA ILE B 270 32.85 24.64 9.37
C ILE B 270 33.82 23.53 9.13
N GLU B 271 33.74 22.89 7.97
CA GLU B 271 34.68 21.79 7.66
C GLU B 271 36.10 22.32 7.55
N GLU B 272 36.25 23.50 6.96
CA GLU B 272 37.58 24.05 6.82
C GLU B 272 38.14 24.50 8.22
N MET B 273 37.26 25.11 9.05
CA MET B 273 37.65 25.42 10.43
C MET B 273 38.14 24.19 11.16
N LEU B 274 37.41 23.08 11.04
CA LEU B 274 37.84 21.77 11.63
C LEU B 274 39.19 21.34 11.17
N ARG B 275 39.36 21.27 9.84
CA ARG B 275 40.66 20.86 9.30
C ARG B 275 41.81 21.71 9.79
N TRP B 276 41.63 23.04 9.75
CA TRP B 276 42.73 23.95 9.99
C TRP B 276 43.09 23.85 11.49
N THR B 277 42.08 23.76 12.35
CA THR B 277 42.37 23.89 13.80
C THR B 277 42.83 22.55 14.43
N SER B 278 42.31 21.43 13.88
CA SER B 278 42.71 20.09 14.36
C SER B 278 42.92 20.03 15.85
N PRO B 279 41.86 20.27 16.68
CA PRO B 279 42.10 20.51 18.12
C PRO B 279 42.83 19.31 18.79
N VAL B 280 42.49 18.12 18.35
CA VAL B 280 43.11 16.85 18.88
C VAL B 280 44.33 16.60 18.00
N LYS B 281 45.52 16.78 18.56
CA LYS B 281 46.75 16.78 17.78
C LYS B 281 47.24 15.37 17.51
N ASN B 282 46.88 14.40 18.39
CA ASN B 282 47.34 13.05 18.20
C ASN B 282 46.54 12.12 19.11
N MET B 283 46.51 10.85 18.75
CA MET B 283 46.04 9.73 19.56
C MET B 283 47.01 8.60 19.26
N CYS B 284 47.32 7.84 20.28
CA CYS B 284 48.24 6.70 20.13
C CYS B 284 47.55 5.40 19.78
N ARG B 285 48.31 4.55 19.03
CA ARG B 285 47.98 3.14 18.89
C ARG B 285 49.19 2.35 19.37
N THR B 286 48.95 1.08 19.69
CA THR B 286 50.02 0.15 20.07
C THR B 286 50.09 -0.96 19.01
N LEU B 287 51.32 -1.20 18.53
CA LEU B 287 51.54 -2.26 17.51
C LEU B 287 51.34 -3.62 18.16
N THR B 288 50.61 -4.51 17.52
CA THR B 288 50.37 -5.85 18.08
C THR B 288 51.30 -6.90 17.46
N ALA B 289 52.05 -6.50 16.43
CA ALA B 289 53.05 -7.38 15.78
C ALA B 289 54.16 -6.48 15.29
N ASP B 290 55.33 -7.04 15.02
CA ASP B 290 56.34 -6.29 14.31
C ASP B 290 55.85 -6.06 12.88
N THR B 291 56.16 -4.92 12.30
CA THR B 291 55.76 -4.65 10.93
C THR B 291 56.68 -3.63 10.30
N VAL B 292 56.57 -3.45 8.99
CA VAL B 292 57.12 -2.29 8.36
C VAL B 292 55.93 -1.50 7.77
N PHE B 293 55.87 -0.21 8.13
CA PHE B 293 54.64 0.59 7.91
C PHE B 293 55.07 1.92 7.30
N HIS B 294 54.84 2.05 6.00
CA HIS B 294 55.15 3.28 5.27
C HIS B 294 56.63 3.54 5.40
N GLY B 295 57.36 2.43 5.36
CA GLY B 295 58.80 2.46 5.27
C GLY B 295 59.52 2.54 6.58
N THR B 296 58.79 2.39 7.68
CA THR B 296 59.42 2.41 8.97
C THR B 296 59.15 1.11 9.69
N GLU B 297 60.22 0.51 10.22
CA GLU B 297 60.10 -0.73 10.95
C GLU B 297 59.57 -0.41 12.38
N LEU B 298 58.49 -1.06 12.76
CA LEU B 298 57.88 -0.87 14.08
C LEU B 298 57.89 -2.18 14.81
N ARG B 299 58.02 -2.08 16.13
N ARG B 299 57.92 -2.10 16.13
CA ARG B 299 58.02 -3.29 16.98
CA ARG B 299 57.99 -3.34 16.87
C ARG B 299 56.71 -3.44 17.77
C ARG B 299 56.81 -3.46 17.84
N ALA B 300 56.31 -4.69 17.99
CA ALA B 300 55.17 -4.97 18.81
C ALA B 300 55.38 -4.34 20.17
N GLY B 301 54.31 -3.77 20.69
CA GLY B 301 54.26 -3.21 22.06
C GLY B 301 54.71 -1.76 22.12
N GLU B 302 55.31 -1.18 21.05
CA GLU B 302 55.56 0.27 21.05
C GLU B 302 54.32 1.07 20.51
N LYS B 303 54.29 2.35 20.87
CA LYS B 303 53.22 3.20 20.44
C LYS B 303 53.56 3.96 19.14
N ILE B 304 52.50 4.30 18.41
CA ILE B 304 52.59 5.20 17.26
C ILE B 304 51.52 6.30 17.44
N MET B 305 52.01 7.54 17.29
CA MET B 305 51.14 8.73 17.38
C MET B 305 50.49 8.98 16.05
N LEU B 306 49.16 8.91 16.03
CA LEU B 306 48.40 9.37 14.81
C LEU B 306 48.35 10.90 14.83
N MET B 307 49.12 11.55 13.96
CA MET B 307 49.20 13.02 13.94
C MET B 307 48.13 13.63 13.08
N PHE B 308 46.97 13.95 13.68
CA PHE B 308 45.85 14.37 12.84
C PHE B 308 46.06 15.69 12.13
N GLU B 309 46.67 16.67 12.82
CA GLU B 309 46.94 17.96 12.14
C GLU B 309 47.89 17.75 10.99
N SER B 310 48.96 16.94 11.18
CA SER B 310 49.86 16.67 10.07
C SER B 310 49.15 16.06 8.85
N ALA B 311 48.25 15.09 9.12
CA ALA B 311 47.44 14.49 8.05
C ALA B 311 46.56 15.53 7.36
N ASN B 312 46.04 16.51 8.14
CA ASN B 312 45.10 17.49 7.60
C ASN B 312 45.80 18.55 6.79
N PHE B 313 47.14 18.50 6.78
CA PHE B 313 47.92 19.37 5.88
C PHE B 313 48.73 18.63 4.81
N ASP B 314 48.26 17.44 4.46
CA ASP B 314 48.96 16.54 3.52
C ASP B 314 48.67 17.13 2.12
N GLU B 315 49.70 17.50 1.39
CA GLU B 315 49.53 18.11 0.09
C GLU B 315 48.96 17.13 -0.93
N SER B 316 49.28 15.84 -0.83
CA SER B 316 48.76 14.89 -1.84
C SER B 316 47.26 14.81 -1.73
N VAL B 317 46.75 14.97 -0.52
CA VAL B 317 45.30 14.98 -0.37
C VAL B 317 44.60 16.28 -0.73
N PHE B 318 45.10 17.38 -0.15
CA PHE B 318 44.36 18.62 -0.21
C PHE B 318 44.79 19.51 -1.38
N GLY B 319 45.99 19.30 -1.91
CA GLY B 319 46.43 20.10 -3.05
C GLY B 319 47.06 21.38 -2.57
N ASP B 320 46.27 22.27 -1.94
CA ASP B 320 46.79 23.51 -1.36
C ASP B 320 46.41 23.59 0.13
N PRO B 321 46.93 22.65 0.93
CA PRO B 321 46.47 22.64 2.36
C PRO B 321 46.89 23.89 3.17
N ASP B 322 47.91 24.62 2.73
CA ASP B 322 48.34 25.78 3.45
C ASP B 322 47.54 27.04 3.17
N ASN B 323 46.58 26.92 2.27
CA ASN B 323 45.55 27.97 2.09
C ASN B 323 44.34 27.68 2.97
N PHE B 324 43.91 28.65 3.80
CA PHE B 324 42.59 28.50 4.39
C PHE B 324 41.47 28.92 3.39
N ARG B 325 40.57 28.00 3.02
CA ARG B 325 39.48 28.24 2.01
C ARG B 325 38.20 27.63 2.50
N ILE B 326 37.21 28.48 2.88
CA ILE B 326 35.94 27.94 3.33
C ILE B 326 35.22 27.24 2.16
N ASP B 327 35.63 27.54 0.91
CA ASP B 327 34.99 26.89 -0.27
C ASP B 327 35.61 25.51 -0.60
N ARG B 328 36.54 25.02 0.24
CA ARG B 328 37.19 23.70 -0.05
C ARG B 328 36.12 22.62 -0.18
N ASN B 329 36.11 21.93 -1.33
CA ASN B 329 35.07 20.92 -1.55
C ASN B 329 35.55 19.92 -2.59
N PRO B 330 35.70 18.63 -2.20
CA PRO B 330 35.42 18.07 -0.88
C PRO B 330 36.49 18.38 0.12
N ASN B 331 36.22 18.08 1.39
CA ASN B 331 37.18 18.42 2.44
C ASN B 331 37.24 17.21 3.39
N SER B 332 38.00 16.19 3.02
N SER B 332 37.88 16.13 3.00
CA SER B 332 38.00 14.92 3.72
CA SER B 332 37.80 14.93 3.81
C SER B 332 38.94 14.91 4.92
C SER B 332 38.90 14.93 4.88
N HIS B 333 38.85 15.93 5.76
CA HIS B 333 39.81 16.05 6.87
C HIS B 333 39.56 14.92 7.89
N VAL B 334 40.55 14.67 8.73
CA VAL B 334 40.44 13.65 9.72
C VAL B 334 40.58 14.32 11.11
N ALA B 335 40.05 15.54 11.28
CA ALA B 335 39.99 16.13 12.64
C ALA B 335 39.30 15.28 13.68
N PHE B 336 38.29 14.46 13.24
CA PHE B 336 37.53 13.57 14.11
C PHE B 336 38.07 12.14 14.10
N GLY B 337 39.22 11.93 13.45
CA GLY B 337 39.83 10.59 13.29
C GLY B 337 39.02 9.83 12.25
N PHE B 338 39.08 8.52 12.32
CA PHE B 338 38.52 7.66 11.30
C PHE B 338 38.35 6.26 11.85
N GLY B 339 37.31 5.54 11.39
CA GLY B 339 37.25 4.12 11.69
C GLY B 339 36.43 3.87 12.96
N THR B 340 36.79 2.78 13.64
CA THR B 340 35.97 2.32 14.74
C THR B 340 35.82 3.39 15.84
N HIS B 341 36.88 4.15 16.13
CA HIS B 341 36.82 5.16 17.20
C HIS B 341 36.38 6.56 16.70
N PHE B 342 36.01 6.69 15.43
CA PHE B 342 35.62 8.04 14.85
C PHE B 342 34.74 8.78 15.85
N CYS B 343 35.06 10.04 16.09
CA CYS B 343 34.51 10.79 17.20
C CYS B 343 32.99 10.60 17.42
N LEU B 344 32.61 10.20 18.65
CA LEU B 344 31.21 10.04 19.01
C LEU B 344 30.48 11.39 18.89
N GLY B 345 31.18 12.47 19.29
CA GLY B 345 30.54 13.82 19.38
C GLY B 345 30.55 14.56 18.08
N ASN B 346 30.85 13.88 16.95
CA ASN B 346 31.18 14.74 15.74
C ASN B 346 29.94 15.55 15.29
N GLN B 347 28.74 14.95 15.40
CA GLN B 347 27.56 15.69 14.94
C GLN B 347 27.22 16.79 15.91
N LEU B 348 27.32 16.50 17.19
CA LEU B 348 27.13 17.53 18.23
C LEU B 348 28.12 18.67 18.04
N ALA B 349 29.39 18.33 17.82
CA ALA B 349 30.38 19.37 17.57
C ALA B 349 30.04 20.24 16.36
N ARG B 350 29.75 19.59 15.23
CA ARG B 350 29.37 20.33 13.99
C ARG B 350 28.15 21.23 14.25
N LEU B 351 27.16 20.76 15.05
CA LEU B 351 25.96 21.59 15.33
C LEU B 351 26.33 22.75 16.24
N GLU B 352 27.13 22.50 17.29
CA GLU B 352 27.64 23.65 18.16
C GLU B 352 28.34 24.69 17.23
N LEU B 353 29.22 24.20 16.35
CA LEU B 353 29.98 25.10 15.47
C LEU B 353 29.01 25.93 14.58
N ARG B 354 28.03 25.26 13.98
CA ARG B 354 27.09 25.91 13.08
C ARG B 354 26.23 26.95 13.85
N LEU B 355 25.59 26.55 14.95
CA LEU B 355 24.68 27.42 15.67
C LEU B 355 25.44 28.60 16.29
N MET B 356 26.60 28.38 16.89
CA MET B 356 27.22 29.56 17.47
C MET B 356 27.79 30.52 16.37
N THR B 357 28.43 29.95 15.32
CA THR B 357 29.08 30.80 14.29
C THR B 357 27.98 31.55 13.54
N GLU B 358 26.78 30.93 13.37
CA GLU B 358 25.68 31.62 12.65
C GLU B 358 25.26 32.85 13.48
N ARG B 359 25.23 32.68 14.79
CA ARG B 359 24.85 33.78 15.70
C ARG B 359 25.89 34.85 15.73
N VAL B 360 27.16 34.48 15.74
CA VAL B 360 28.28 35.44 15.78
C VAL B 360 28.27 36.24 14.47
N LEU B 361 28.16 35.54 13.37
CA LEU B 361 28.09 36.27 12.08
C LEU B 361 26.91 37.30 12.05
N ARG B 362 25.75 36.91 12.52
CA ARG B 362 24.54 37.74 12.39
C ARG B 362 24.55 38.87 13.48
N ARG B 363 25.06 38.58 14.70
CA ARG B 363 24.99 39.55 15.79
C ARG B 363 26.22 40.41 15.96
N LEU B 364 27.38 39.86 15.63
CA LEU B 364 28.68 40.55 15.68
C LEU B 364 29.23 40.64 14.26
N PRO B 365 28.43 41.19 13.31
CA PRO B 365 28.89 40.96 11.91
C PRO B 365 30.22 41.71 11.59
N ASP B 366 30.61 42.70 12.42
CA ASP B 366 31.88 43.44 12.07
C ASP B 366 33.02 43.11 13.04
N LEU B 367 32.89 41.93 13.63
CA LEU B 367 33.94 41.39 14.52
C LEU B 367 35.31 41.54 13.91
N ARG B 368 36.25 41.90 14.76
CA ARG B 368 37.67 42.04 14.38
C ARG B 368 38.52 41.54 15.55
N LEU B 369 39.71 41.03 15.27
CA LEU B 369 40.69 40.86 16.34
C LEU B 369 41.12 42.21 16.92
N ALA B 370 41.36 42.25 18.24
CA ALA B 370 41.68 43.53 18.92
C ALA B 370 43.01 44.05 18.41
N ASP B 371 43.89 43.12 18.00
CA ASP B 371 45.09 43.50 17.30
C ASP B 371 45.47 42.33 16.38
N ASP B 372 46.45 42.57 15.51
CA ASP B 372 46.85 41.60 14.52
C ASP B 372 47.77 40.45 14.98
N ALA B 373 48.36 40.57 16.17
CA ALA B 373 49.42 39.65 16.56
C ALA B 373 48.89 38.21 16.62
N PRO B 374 49.75 37.21 16.31
CA PRO B 374 49.31 35.83 16.56
C PRO B 374 48.84 35.66 17.98
N VAL B 375 47.79 34.86 18.14
CA VAL B 375 47.23 34.62 19.48
C VAL B 375 48.01 33.45 20.13
N PRO B 376 48.12 33.42 21.48
CA PRO B 376 48.90 32.40 22.19
C PRO B 376 48.12 31.08 22.09
N LEU B 377 48.82 30.01 21.74
CA LEU B 377 48.28 28.66 21.76
C LEU B 377 48.73 27.91 23.01
N ARG B 378 47.89 27.02 23.50
CA ARG B 378 48.18 26.32 24.73
C ARG B 378 49.33 25.28 24.49
N PRO B 379 50.45 25.40 25.24
CA PRO B 379 51.55 24.40 25.14
C PRO B 379 51.16 23.09 25.88
N ALA B 380 50.34 22.30 25.21
CA ALA B 380 49.98 20.95 25.66
C ALA B 380 49.97 20.02 24.45
N ASN B 381 50.15 18.74 24.72
CA ASN B 381 50.50 17.78 23.67
C ASN B 381 49.34 16.95 23.17
N PHE B 382 48.14 17.23 23.64
CA PHE B 382 47.00 16.42 23.28
C PHE B 382 45.90 17.21 22.60
N VAL B 383 45.14 18.00 23.32
CA VAL B 383 44.24 19.02 22.75
C VAL B 383 44.92 20.36 22.98
N SER B 384 44.82 21.22 21.96
CA SER B 384 45.37 22.57 22.09
C SER B 384 44.71 23.51 21.09
N GLY B 385 44.62 24.78 21.49
CA GLY B 385 44.20 25.85 20.57
C GLY B 385 44.38 27.17 21.33
N PRO B 386 43.78 28.27 20.82
CA PRO B 386 44.00 29.58 21.44
C PRO B 386 43.72 29.63 22.97
N GLU B 387 44.64 30.24 23.70
CA GLU B 387 44.45 30.45 25.14
C GLU B 387 43.50 31.65 25.33
N SER B 388 43.59 32.62 24.43
CA SER B 388 42.83 33.86 24.60
C SER B 388 42.73 34.52 23.21
N MET B 389 41.75 35.40 23.06
CA MET B 389 41.44 35.99 21.75
C MET B 389 40.58 37.24 21.86
N PRO B 390 41.21 38.38 22.23
CA PRO B 390 40.52 39.69 22.31
C PRO B 390 39.99 40.07 20.97
N VAL B 391 38.70 40.41 20.99
CA VAL B 391 37.93 40.84 19.83
C VAL B 391 37.13 42.10 20.16
N VAL B 392 36.75 42.78 19.08
CA VAL B 392 35.97 44.03 19.17
C VAL B 392 34.93 43.96 18.07
N PHE B 393 33.89 44.77 18.22
CA PHE B 393 32.76 44.75 17.28
C PHE B 393 31.87 45.95 17.65
N THR B 394 30.96 46.33 16.75
CA THR B 394 30.00 47.41 17.08
C THR B 394 28.99 46.86 18.07
N PRO B 395 28.75 47.58 19.18
CA PRO B 395 27.75 47.05 20.12
C PRO B 395 26.34 46.95 19.59
N SER B 396 25.56 46.05 20.20
CA SER B 396 24.14 45.90 19.89
C SER B 396 23.40 45.53 21.16
N ALA B 397 22.08 45.58 21.05
CA ALA B 397 21.12 45.19 22.12
C ALA B 397 20.92 43.67 22.26
N PRO B 398 20.73 43.18 23.50
CA PRO B 398 20.48 41.77 23.82
C PRO B 398 19.20 41.24 23.20
N VAL B 399 19.15 39.94 22.88
CA VAL B 399 17.97 39.34 22.25
C VAL B 399 16.91 38.82 23.26
N LEU B 400 17.32 38.46 24.48
CA LEU B 400 16.37 37.90 25.47
C LEU B 400 16.42 38.57 26.83
N THR C 6 -27.18 10.12 21.21
CA THR C 6 -27.46 11.51 20.66
C THR C 6 -27.72 11.37 19.14
N ARG C 7 -28.29 12.41 18.50
CA ARG C 7 -28.37 12.45 17.02
C ARG C 7 -26.96 12.46 16.41
N PRO C 8 -26.65 11.60 15.40
CA PRO C 8 -25.31 11.71 14.79
C PRO C 8 -24.98 13.07 14.23
N ASP C 9 -23.77 13.54 14.50
CA ASP C 9 -23.37 14.73 13.78
C ASP C 9 -22.35 14.29 12.71
N VAL C 10 -22.83 14.36 11.47
CA VAL C 10 -22.15 13.66 10.36
C VAL C 10 -22.29 14.46 9.07
N ASP C 11 -21.25 14.29 8.25
CA ASP C 11 -21.24 14.76 6.89
C ASP C 11 -21.17 13.49 6.02
N LEU C 12 -22.25 13.20 5.31
CA LEU C 12 -22.32 11.97 4.54
C LEU C 12 -21.47 12.05 3.28
N VAL C 13 -20.84 13.22 3.07
CA VAL C 13 -19.90 13.40 1.95
C VAL C 13 -18.44 13.20 2.43
N ASN C 14 -18.31 13.12 3.75
CA ASN C 14 -17.00 12.94 4.36
C ASN C 14 -16.51 11.46 4.27
N GLY C 15 -15.45 11.23 3.50
CA GLY C 15 -14.88 9.85 3.39
C GLY C 15 -14.60 9.11 4.72
N MET C 16 -14.11 9.86 5.74
CA MET C 16 -13.83 9.25 7.03
C MET C 16 -15.09 8.68 7.73
N PHE C 17 -16.29 9.23 7.43
CA PHE C 17 -17.53 8.69 8.00
C PHE C 17 -17.61 7.18 7.70
N TYR C 18 -17.18 6.81 6.48
CA TYR C 18 -17.27 5.42 5.96
C TYR C 18 -16.09 4.53 6.32
N ALA C 19 -15.02 5.12 6.89
CA ALA C 19 -13.82 4.35 7.20
C ALA C 19 -13.54 4.22 8.69
N ASP C 20 -14.04 5.14 9.51
CA ASP C 20 -13.63 5.14 10.97
C ASP C 20 -14.36 4.13 11.84
N GLY C 21 -15.37 3.47 11.27
CA GLY C 21 -16.03 2.39 11.96
C GLY C 21 -17.28 2.84 12.73
N GLY C 22 -17.58 4.13 12.70
CA GLY C 22 -18.78 4.60 13.37
C GLY C 22 -20.03 4.61 12.51
N ALA C 23 -19.91 4.23 11.23
CA ALA C 23 -21.07 4.37 10.39
C ALA C 23 -22.25 3.53 10.85
N ARG C 24 -22.05 2.26 11.14
CA ARG C 24 -23.20 1.38 11.46
C ARG C 24 -23.99 1.83 12.71
N GLU C 25 -23.27 2.35 13.71
CA GLU C 25 -23.98 2.96 14.85
C GLU C 25 -24.82 4.18 14.48
N ALA C 26 -24.27 5.04 13.60
CA ALA C 26 -24.99 6.20 13.10
C ALA C 26 -26.19 5.75 12.30
N TYR C 27 -26.04 4.72 11.45
CA TYR C 27 -27.22 4.19 10.69
C TYR C 27 -28.30 3.61 11.60
N ARG C 28 -27.89 2.89 12.66
CA ARG C 28 -28.84 2.40 13.66
C ARG C 28 -29.72 3.57 14.24
N TRP C 29 -29.10 4.67 14.62
CA TRP C 29 -29.86 5.84 15.10
C TRP C 29 -30.81 6.33 14.02
N MET C 30 -30.32 6.41 12.78
CA MET C 30 -31.13 6.96 11.70
C MET C 30 -32.37 6.11 11.43
N ARG C 31 -32.17 4.78 11.36
CA ARG C 31 -33.27 3.90 11.01
C ARG C 31 -34.35 3.95 12.08
N ALA C 32 -33.93 4.08 13.33
CA ALA C 32 -34.85 4.23 14.46
C ALA C 32 -35.51 5.57 14.64
N ASN C 33 -34.88 6.66 14.25
CA ASN C 33 -35.28 8.00 14.64
C ASN C 33 -35.70 8.89 13.50
N GLU C 34 -35.11 8.71 12.33
CA GLU C 34 -35.32 9.62 11.24
C GLU C 34 -34.92 8.83 9.94
N PRO C 35 -35.82 7.94 9.50
CA PRO C 35 -35.44 7.00 8.45
C PRO C 35 -34.95 7.70 7.17
N VAL C 36 -35.58 8.82 6.81
CA VAL C 36 -35.03 9.71 5.78
C VAL C 36 -34.31 10.88 6.54
N PHE C 37 -33.02 10.74 6.68
CA PHE C 37 -32.18 11.53 7.54
C PHE C 37 -31.60 12.72 6.80
N ARG C 38 -31.44 13.86 7.50
CA ARG C 38 -30.69 14.99 6.89
C ARG C 38 -29.40 15.19 7.70
N ASP C 39 -28.28 15.20 7.00
CA ASP C 39 -27.00 15.22 7.72
C ASP C 39 -26.74 16.68 8.15
N ARG C 40 -25.57 16.95 8.68
CA ARG C 40 -25.33 18.31 9.26
C ARG C 40 -25.39 19.40 8.21
N ASN C 41 -25.14 19.08 6.93
CA ASN C 41 -25.31 20.05 5.86
C ASN C 41 -26.69 20.07 5.17
N GLY C 42 -27.65 19.28 5.66
CA GLY C 42 -28.97 19.26 5.02
C GLY C 42 -29.17 18.15 3.98
N LEU C 43 -28.12 17.40 3.65
CA LEU C 43 -28.23 16.34 2.65
C LEU C 43 -29.11 15.17 3.13
N ALA C 44 -30.16 14.85 2.33
CA ALA C 44 -31.14 13.78 2.69
C ALA C 44 -30.53 12.44 2.34
N ALA C 45 -30.92 11.44 3.11
CA ALA C 45 -30.41 10.08 2.92
C ALA C 45 -31.51 9.06 3.31
N ALA C 46 -31.75 8.09 2.45
CA ALA C 46 -32.75 7.09 2.74
C ALA C 46 -31.95 6.02 3.50
N THR C 47 -32.35 5.73 4.74
CA THR C 47 -31.49 4.83 5.56
C THR C 47 -32.08 3.45 5.94
N THR C 48 -33.39 3.29 5.83
CA THR C 48 -34.02 1.99 6.15
C THR C 48 -34.06 1.20 4.84
N TYR C 49 -34.12 -0.13 4.98
CA TYR C 49 -34.27 -0.96 3.77
C TYR C 49 -35.53 -0.56 2.97
N GLN C 50 -36.64 -0.28 3.68
CA GLN C 50 -37.91 0.08 3.03
C GLN C 50 -37.73 1.40 2.23
N ALA C 51 -37.06 2.36 2.83
CA ALA C 51 -36.96 3.68 2.16
C ALA C 51 -36.07 3.53 0.95
N VAL C 52 -34.98 2.75 1.05
CA VAL C 52 -34.19 2.57 -0.16
C VAL C 52 -35.03 1.88 -1.26
N LEU C 53 -35.72 0.79 -0.88
CA LEU C 53 -36.48 0.00 -1.85
C LEU C 53 -37.59 0.86 -2.50
N ASP C 54 -38.32 1.61 -1.69
CA ASP C 54 -39.41 2.47 -2.21
C ASP C 54 -38.83 3.48 -3.20
N ALA C 55 -37.66 4.07 -2.91
CA ALA C 55 -37.10 5.05 -3.84
C ALA C 55 -36.69 4.35 -5.13
N GLU C 56 -36.07 3.17 -5.00
CA GLU C 56 -35.66 2.38 -6.16
C GLU C 56 -36.87 1.98 -7.03
N ARG C 57 -38.02 1.75 -6.39
CA ARG C 57 -39.23 1.36 -7.12
C ARG C 57 -39.97 2.53 -7.75
N ASN C 58 -39.55 3.79 -7.48
CA ASN C 58 -40.27 4.96 -8.03
C ASN C 58 -39.28 5.90 -8.70
N PRO C 59 -38.71 5.45 -9.82
CA PRO C 59 -37.79 6.36 -10.55
C PRO C 59 -38.46 7.58 -11.13
N GLU C 60 -39.78 7.56 -11.36
CA GLU C 60 -40.43 8.81 -11.87
C GLU C 60 -40.23 9.98 -10.85
N LEU C 61 -40.31 9.66 -9.56
CA LEU C 61 -40.09 10.64 -8.50
C LEU C 61 -38.62 10.78 -8.17
N PHE C 62 -37.91 9.64 -8.11
CA PHE C 62 -36.51 9.62 -7.67
C PHE C 62 -35.62 9.41 -8.90
N SER C 63 -35.26 10.49 -9.62
CA SER C 63 -34.59 10.37 -10.92
C SER C 63 -33.08 10.16 -10.77
N SER C 64 -32.44 9.65 -11.82
CA SER C 64 -30.99 9.42 -11.84
C SER C 64 -30.29 10.46 -12.65
N THR C 65 -31.04 11.39 -13.20
CA THR C 65 -30.43 12.29 -14.24
C THR C 65 -29.60 13.42 -13.63
N GLY C 66 -29.82 13.65 -12.33
CA GLY C 66 -29.10 14.63 -11.55
C GLY C 66 -27.65 14.34 -11.21
N GLY C 67 -27.20 13.10 -11.39
CA GLY C 67 -25.85 12.74 -10.97
C GLY C 67 -25.88 11.83 -9.73
N ILE C 68 -25.24 10.66 -9.81
CA ILE C 68 -25.20 9.73 -8.69
C ILE C 68 -24.37 10.16 -7.46
N ARG C 69 -23.54 11.19 -7.59
CA ARG C 69 -22.78 11.74 -6.49
C ARG C 69 -23.42 13.04 -5.97
N PRO C 70 -23.21 13.32 -4.67
CA PRO C 70 -23.98 14.40 -4.09
C PRO C 70 -23.48 15.77 -4.47
N ASP C 71 -22.22 15.81 -4.88
CA ASP C 71 -21.59 17.06 -5.25
C ASP C 71 -21.13 17.19 -6.71
N GLN C 72 -21.74 16.42 -7.61
CA GLN C 72 -21.36 16.43 -9.04
C GLN C 72 -22.63 16.34 -9.81
N PRO C 73 -22.69 17.06 -10.96
CA PRO C 73 -23.84 17.04 -11.82
C PRO C 73 -23.91 15.74 -12.61
N GLY C 74 -25.02 15.60 -13.32
CA GLY C 74 -25.26 14.40 -14.21
C GLY C 74 -24.17 14.33 -15.29
N MET C 75 -23.67 13.12 -15.57
CA MET C 75 -22.70 12.91 -16.62
C MET C 75 -23.16 11.94 -17.70
N PRO C 76 -22.48 11.92 -18.87
CA PRO C 76 -23.04 11.14 -19.99
C PRO C 76 -22.76 9.61 -19.91
N TYR C 77 -23.28 8.98 -18.86
CA TYR C 77 -23.19 7.51 -18.74
C TYR C 77 -24.51 6.94 -18.23
N MET C 78 -24.74 5.63 -18.44
CA MET C 78 -26.13 5.09 -18.35
C MET C 78 -26.66 5.21 -16.87
N ILE C 79 -25.74 5.21 -15.91
CA ILE C 79 -26.11 5.36 -14.44
C ILE C 79 -26.72 6.73 -14.11
N ASP C 80 -26.47 7.72 -14.95
CA ASP C 80 -27.11 9.04 -14.79
C ASP C 80 -28.25 9.26 -15.78
N MET C 81 -28.85 8.18 -16.28
CA MET C 81 -29.95 8.31 -17.24
C MET C 81 -31.15 7.57 -16.66
N ASP C 82 -32.31 8.07 -17.04
CA ASP C 82 -33.53 7.33 -16.71
C ASP C 82 -34.00 6.62 -17.98
N ASP C 83 -34.92 5.66 -17.82
CA ASP C 83 -35.56 5.07 -19.00
C ASP C 83 -36.43 6.12 -19.66
N PRO C 84 -36.54 6.06 -20.98
CA PRO C 84 -36.06 4.97 -21.84
C PRO C 84 -34.62 5.13 -22.34
N GLN C 85 -34.03 6.33 -22.25
CA GLN C 85 -32.56 6.49 -22.56
C GLN C 85 -31.65 5.53 -21.88
N HIS C 86 -31.88 5.28 -20.60
CA HIS C 86 -30.97 4.34 -19.86
C HIS C 86 -31.07 2.95 -20.51
N LEU C 87 -32.29 2.48 -20.77
CA LEU C 87 -32.48 1.09 -21.31
C LEU C 87 -31.82 0.92 -22.65
N LEU C 88 -31.80 1.97 -23.45
CA LEU C 88 -31.11 1.83 -24.72
C LEU C 88 -29.63 1.51 -24.49
N ARG C 89 -28.99 2.16 -23.51
CA ARG C 89 -27.59 1.97 -23.27
C ARG C 89 -27.42 0.60 -22.73
N ARG C 90 -28.26 0.15 -21.77
CA ARG C 90 -28.14 -1.17 -21.20
C ARG C 90 -28.19 -2.22 -22.32
N LYS C 91 -29.12 -2.01 -23.26
CA LYS C 91 -29.25 -2.98 -24.38
C LYS C 91 -27.95 -3.10 -25.18
N LEU C 92 -27.12 -2.06 -25.21
CA LEU C 92 -25.89 -2.11 -25.99
C LEU C 92 -24.90 -3.08 -25.39
N VAL C 93 -24.98 -3.24 -24.06
CA VAL C 93 -23.99 -4.06 -23.37
C VAL C 93 -24.47 -5.22 -22.53
N ASN C 94 -25.78 -5.35 -22.27
CA ASN C 94 -26.39 -6.39 -21.38
C ASN C 94 -25.95 -7.83 -21.74
N ALA C 95 -25.91 -8.12 -23.03
CA ALA C 95 -25.66 -9.51 -23.45
C ALA C 95 -24.36 -10.08 -22.89
N GLY C 96 -23.29 -9.28 -22.74
CA GLY C 96 -22.02 -9.84 -22.24
C GLY C 96 -22.06 -10.13 -20.76
N PHE C 97 -23.14 -9.73 -20.06
CA PHE C 97 -23.19 -9.82 -18.58
C PHE C 97 -24.28 -10.73 -18.01
N THR C 98 -25.00 -11.45 -18.87
CA THR C 98 -26.03 -12.38 -18.36
C THR C 98 -25.39 -13.53 -17.64
N ARG C 99 -26.18 -14.27 -16.84
CA ARG C 99 -25.60 -15.41 -16.13
C ARG C 99 -25.03 -16.40 -17.10
N LYS C 100 -25.75 -16.62 -18.20
CA LYS C 100 -25.26 -17.59 -19.22
C LYS C 100 -23.93 -17.16 -19.84
N ARG C 101 -23.82 -15.89 -20.24
CA ARG C 101 -22.57 -15.37 -20.83
C ARG C 101 -21.38 -15.39 -19.87
N VAL C 102 -21.65 -15.06 -18.58
CA VAL C 102 -20.62 -15.06 -17.55
C VAL C 102 -20.16 -16.50 -17.24
N MET C 103 -21.09 -17.44 -17.24
CA MET C 103 -20.74 -18.86 -17.11
C MET C 103 -19.81 -19.37 -18.19
N ASP C 104 -19.77 -18.70 -19.33
CA ASP C 104 -18.88 -19.07 -20.40
C ASP C 104 -17.47 -18.60 -20.10
N LYS C 105 -17.29 -17.86 -19.00
CA LYS C 105 -15.96 -17.42 -18.61
C LYS C 105 -15.36 -18.21 -17.46
N VAL C 106 -16.03 -19.28 -17.02
CA VAL C 106 -15.57 -20.04 -15.87
C VAL C 106 -14.08 -20.47 -16.05
N ASP C 107 -13.72 -20.91 -17.26
CA ASP C 107 -12.30 -21.29 -17.56
C ASP C 107 -11.28 -20.15 -17.45
N SER C 108 -11.53 -19.06 -18.17
CA SER C 108 -10.59 -17.97 -18.22
C SER C 108 -10.47 -17.34 -16.84
N ILE C 109 -11.59 -17.27 -16.13
CA ILE C 109 -11.56 -16.63 -14.83
C ILE C 109 -10.85 -17.52 -13.81
N GLY C 110 -11.18 -18.81 -13.80
CA GLY C 110 -10.39 -19.74 -12.97
C GLY C 110 -8.88 -19.69 -13.22
N ARG C 111 -8.47 -19.61 -14.50
CA ARG C 111 -7.04 -19.50 -14.78
C ARG C 111 -6.44 -18.24 -14.25
N LEU C 112 -7.17 -17.10 -14.32
CA LEU C 112 -6.62 -15.91 -13.67
C LEU C 112 -6.44 -16.12 -12.17
N CYS C 113 -7.42 -16.77 -11.53
CA CYS C 113 -7.34 -16.97 -10.08
C CYS C 113 -6.14 -17.87 -9.77
N ASP C 114 -5.96 -18.89 -10.57
CA ASP C 114 -4.82 -19.76 -10.29
C ASP C 114 -3.48 -19.07 -10.50
N THR C 115 -3.42 -18.22 -11.51
CA THR C 115 -2.19 -17.42 -11.71
C THR C 115 -1.82 -16.58 -10.45
N LEU C 116 -2.83 -15.86 -9.94
CA LEU C 116 -2.66 -14.97 -8.81
C LEU C 116 -2.19 -15.74 -7.59
N ILE C 117 -2.80 -16.90 -7.38
CA ILE C 117 -2.45 -17.69 -6.24
C ILE C 117 -1.05 -18.35 -6.40
N ASP C 118 -0.72 -18.74 -7.62
CA ASP C 118 0.64 -19.27 -7.95
C ASP C 118 1.72 -18.26 -7.61
N ALA C 119 1.42 -16.99 -7.76
CA ALA C 119 2.35 -15.94 -7.41
C ALA C 119 2.69 -15.84 -5.92
N VAL C 120 1.86 -16.38 -5.05
CA VAL C 120 2.09 -16.21 -3.62
C VAL C 120 2.18 -17.49 -2.83
N CYS C 121 1.75 -18.59 -3.41
CA CYS C 121 1.54 -19.85 -2.63
C CYS C 121 2.83 -20.40 -2.01
N GLU C 122 3.98 -20.23 -2.67
CA GLU C 122 5.28 -20.72 -2.08
C GLU C 122 5.75 -19.85 -0.88
N ARG C 123 5.20 -18.65 -0.82
N ARG C 123 5.22 -18.63 -0.81
CA ARG C 123 5.62 -17.61 0.10
CA ARG C 123 5.68 -17.60 0.13
C ARG C 123 5.14 -17.85 1.54
C ARG C 123 5.10 -17.75 1.54
N GLY C 124 3.94 -18.41 1.68
CA GLY C 124 3.32 -18.59 3.01
C GLY C 124 2.72 -17.31 3.59
N GLU C 125 2.77 -16.20 2.86
CA GLU C 125 2.16 -14.96 3.35
C GLU C 125 1.89 -14.09 2.14
N CYS C 126 0.95 -13.17 2.26
CA CYS C 126 0.76 -12.18 1.22
C CYS C 126 -0.12 -11.06 1.79
N ASP C 127 -0.29 -10.00 1.01
CA ASP C 127 -1.31 -9.01 1.29
C ASP C 127 -2.56 -9.38 0.47
N PHE C 128 -3.61 -9.78 1.16
CA PHE C 128 -4.78 -10.27 0.43
C PHE C 128 -5.46 -9.22 -0.48
N VAL C 129 -5.48 -7.97 -0.06
CA VAL C 129 -5.99 -6.86 -0.91
C VAL C 129 -5.10 -6.69 -2.12
N ARG C 130 -3.81 -6.53 -1.88
CA ARG C 130 -2.85 -6.24 -2.99
C ARG C 130 -2.69 -7.42 -3.98
N ASP C 131 -2.63 -8.61 -3.47
CA ASP C 131 -2.20 -9.76 -4.26
C ASP C 131 -3.31 -10.67 -4.74
N ILE C 132 -4.51 -10.49 -4.17
CA ILE C 132 -5.63 -11.36 -4.55
C ILE C 132 -6.85 -10.52 -4.92
N ALA C 133 -7.33 -9.74 -3.95
CA ALA C 133 -8.68 -9.07 -4.07
C ALA C 133 -8.73 -7.99 -5.15
N ALA C 134 -7.68 -7.13 -5.21
CA ALA C 134 -7.64 -6.08 -6.21
C ALA C 134 -7.33 -6.58 -7.59
N PRO C 135 -6.31 -7.43 -7.76
CA PRO C 135 -6.01 -7.73 -9.18
C PRO C 135 -6.99 -8.64 -9.93
N LEU C 136 -7.72 -9.49 -9.25
CA LEU C 136 -8.53 -10.46 -9.99
C LEU C 136 -9.65 -9.75 -10.76
N PRO C 137 -10.40 -8.85 -10.08
CA PRO C 137 -11.48 -8.16 -10.82
C PRO C 137 -10.95 -7.25 -11.90
N MET C 138 -9.80 -6.61 -11.70
CA MET C 138 -9.13 -5.80 -12.74
C MET C 138 -8.82 -6.62 -14.00
N ALA C 139 -8.30 -7.82 -13.85
CA ALA C 139 -7.94 -8.64 -15.03
C ALA C 139 -9.17 -9.10 -15.75
N VAL C 140 -10.19 -9.49 -14.96
CA VAL C 140 -11.46 -9.91 -15.56
C VAL C 140 -12.10 -8.76 -16.37
N ILE C 141 -12.23 -7.59 -15.79
CA ILE C 141 -12.86 -6.51 -16.60
C ILE C 141 -11.89 -6.00 -17.67
N GLY C 142 -10.58 -6.05 -17.39
CA GLY C 142 -9.56 -5.72 -18.40
C GLY C 142 -9.78 -6.57 -19.66
N ASP C 143 -9.97 -7.88 -19.49
CA ASP C 143 -10.09 -8.77 -20.63
C ASP C 143 -11.37 -8.47 -21.37
N MET C 144 -12.45 -8.22 -20.64
CA MET C 144 -13.74 -7.87 -21.30
C MET C 144 -13.71 -6.56 -22.09
N LEU C 145 -13.00 -5.55 -21.59
CA LEU C 145 -12.86 -4.27 -22.26
C LEU C 145 -11.84 -4.42 -23.40
N GLY C 146 -10.89 -5.33 -23.23
CA GLY C 146 -9.96 -5.66 -24.30
C GLY C 146 -8.59 -5.05 -24.20
N VAL C 147 -8.19 -4.67 -23.00
CA VAL C 147 -6.84 -4.16 -22.75
C VAL C 147 -5.79 -5.25 -22.56
N LEU C 148 -4.56 -4.92 -22.90
CA LEU C 148 -3.56 -5.92 -22.80
C LEU C 148 -3.32 -6.18 -21.32
N PRO C 149 -2.92 -7.40 -20.99
CA PRO C 149 -2.51 -7.70 -19.58
C PRO C 149 -1.51 -6.68 -19.03
N THR C 150 -0.58 -6.24 -19.89
CA THR C 150 0.45 -5.29 -19.52
C THR C 150 -0.14 -3.87 -19.26
N GLU C 151 -1.40 -3.62 -19.59
CA GLU C 151 -2.02 -2.29 -19.35
C GLU C 151 -2.90 -2.26 -18.08
N ARG C 152 -3.11 -3.43 -17.49
CA ARG C 152 -3.99 -3.58 -16.27
C ARG C 152 -3.55 -2.72 -15.07
N ASP C 153 -2.28 -2.78 -14.69
CA ASP C 153 -1.88 -2.01 -13.51
C ASP C 153 -2.07 -0.52 -13.70
N MET C 154 -1.81 -0.03 -14.91
CA MET C 154 -1.95 1.37 -15.20
C MET C 154 -3.40 1.85 -15.02
N LEU C 155 -4.34 1.09 -15.57
CA LEU C 155 -5.76 1.44 -15.45
C LEU C 155 -6.26 1.29 -14.01
N LEU C 156 -5.76 0.26 -13.31
CA LEU C 156 -6.07 0.05 -11.88
C LEU C 156 -5.58 1.27 -11.07
N LYS C 157 -4.33 1.72 -11.26
CA LYS C 157 -3.88 2.89 -10.49
C LYS C 157 -4.76 4.15 -10.77
N TRP C 158 -5.07 4.41 -12.02
CA TRP C 158 -5.96 5.49 -12.39
C TRP C 158 -7.33 5.37 -11.67
N SER C 159 -7.89 4.19 -11.74
CA SER C 159 -9.21 3.87 -11.08
C SER C 159 -9.13 4.19 -9.58
N ASP C 160 -8.07 3.67 -8.91
CA ASP C 160 -7.86 3.94 -7.50
C ASP C 160 -7.74 5.46 -7.28
N ASP C 161 -6.95 6.11 -8.14
CA ASP C 161 -6.83 7.60 -7.97
C ASP C 161 -8.14 8.38 -8.19
N LEU C 162 -9.03 7.87 -9.03
CA LEU C 162 -10.31 8.49 -9.17
C LEU C 162 -11.25 8.27 -7.93
N VAL C 163 -11.30 7.07 -7.38
CA VAL C 163 -12.31 6.82 -6.34
C VAL C 163 -11.78 7.14 -4.97
N CYS C 164 -10.46 7.08 -4.78
CA CYS C 164 -9.95 7.57 -3.48
C CYS C 164 -9.96 9.09 -3.41
N GLY C 165 -10.18 9.80 -4.53
CA GLY C 165 -10.37 11.25 -4.51
C GLY C 165 -11.71 11.75 -3.94
N LEU C 166 -12.58 10.81 -3.52
CA LEU C 166 -13.97 11.21 -3.35
C LEU C 166 -14.23 11.41 -1.89
N SER C 167 -14.15 12.67 -1.46
CA SER C 167 -14.40 13.01 -0.07
C SER C 167 -14.45 14.50 0.06
N SER C 168 -15.29 14.99 0.95
CA SER C 168 -15.36 16.42 1.26
C SER C 168 -14.11 16.87 2.04
N HIS C 169 -13.39 15.90 2.61
CA HIS C 169 -12.22 16.12 3.47
C HIS C 169 -10.86 16.09 2.75
N VAL C 170 -10.77 15.57 1.53
CA VAL C 170 -9.43 15.40 0.91
C VAL C 170 -8.71 16.71 0.52
N ASP C 171 -7.41 16.58 0.29
CA ASP C 171 -6.54 17.70 0.00
C ASP C 171 -6.69 18.21 -1.44
N GLU C 172 -6.31 19.47 -1.68
CA GLU C 172 -6.28 20.07 -3.02
C GLU C 172 -5.31 19.31 -3.97
N ALA C 173 -4.32 18.64 -3.39
CA ALA C 173 -3.42 17.77 -4.13
C ALA C 173 -4.14 16.51 -4.59
N ALA C 174 -5.03 15.98 -3.74
CA ALA C 174 -5.81 14.82 -4.13
C ALA C 174 -6.83 15.17 -5.25
N ILE C 175 -7.43 16.37 -5.20
CA ILE C 175 -8.34 16.83 -6.23
C ILE C 175 -7.68 17.10 -7.59
N GLN C 176 -6.45 17.62 -7.56
CA GLN C 176 -5.68 17.84 -8.78
C GLN C 176 -5.34 16.49 -9.40
N LYS C 177 -4.94 15.55 -8.55
CA LYS C 177 -4.62 14.21 -9.01
C LYS C 177 -5.85 13.50 -9.64
N LEU C 178 -7.01 13.65 -8.99
CA LEU C 178 -8.28 13.16 -9.55
C LEU C 178 -8.55 13.71 -10.96
N MET C 179 -8.46 15.02 -11.09
CA MET C 179 -8.72 15.64 -12.38
C MET C 179 -7.65 15.35 -13.47
N ASP C 180 -6.37 15.32 -13.08
CA ASP C 180 -5.29 14.89 -13.98
C ASP C 180 -5.47 13.46 -14.41
N THR C 181 -5.90 12.59 -13.50
CA THR C 181 -6.13 11.18 -13.83
C THR C 181 -7.25 11.09 -14.83
N PHE C 182 -8.31 11.85 -14.57
CA PHE C 182 -9.41 11.83 -15.51
C PHE C 182 -8.95 12.29 -16.90
N ALA C 183 -8.12 13.34 -16.94
CA ALA C 183 -7.56 13.83 -18.24
C ALA C 183 -6.81 12.72 -18.98
N ALA C 184 -6.00 12.03 -18.21
CA ALA C 184 -5.20 10.86 -18.68
C ALA C 184 -6.07 9.76 -19.20
N TYR C 185 -7.13 9.41 -18.47
CA TYR C 185 -8.04 8.42 -18.95
C TYR C 185 -8.75 8.92 -20.25
N THR C 186 -9.13 10.21 -20.33
CA THR C 186 -9.84 10.76 -21.51
C THR C 186 -8.92 10.63 -22.75
N GLU C 187 -7.65 10.98 -22.59
CA GLU C 187 -6.67 10.92 -23.72
C GLU C 187 -6.46 9.50 -24.20
N PHE C 188 -6.40 8.58 -23.23
CA PHE C 188 -6.30 7.14 -23.48
C PHE C 188 -7.51 6.64 -24.27
N THR C 189 -8.70 7.01 -23.82
CA THR C 189 -9.92 6.65 -24.51
C THR C 189 -10.02 7.23 -25.93
N LYS C 190 -9.64 8.48 -26.08
CA LYS C 190 -9.66 9.09 -27.42
C LYS C 190 -8.78 8.28 -28.38
N ASP C 191 -7.66 7.78 -27.89
CA ASP C 191 -6.79 7.00 -28.76
C ASP C 191 -7.45 5.61 -28.96
N VAL C 192 -8.23 5.15 -27.98
CA VAL C 192 -8.94 3.85 -28.15
C VAL C 192 -10.03 3.98 -29.21
N ILE C 193 -10.68 5.13 -29.25
CA ILE C 193 -11.70 5.39 -30.25
C ILE C 193 -11.01 5.33 -31.65
N THR C 194 -9.93 6.08 -31.82
CA THR C 194 -9.19 6.08 -33.15
C THR C 194 -8.91 4.64 -33.58
N LYS C 195 -8.50 3.81 -32.61
CA LYS C 195 -8.11 2.41 -32.90
C LYS C 195 -9.26 1.47 -33.22
N ARG C 196 -10.30 1.47 -32.38
CA ARG C 196 -11.41 0.56 -32.59
C ARG C 196 -12.30 0.99 -33.74
N ARG C 197 -12.22 2.27 -34.09
CA ARG C 197 -12.93 2.73 -35.33
C ARG C 197 -12.26 2.10 -36.55
N ALA C 198 -10.93 1.99 -36.52
CA ALA C 198 -10.16 1.56 -37.73
C ALA C 198 -9.91 0.09 -37.65
N GLU C 199 -9.82 -0.42 -36.44
CA GLU C 199 -9.53 -1.80 -36.23
C GLU C 199 -10.51 -2.34 -35.15
N PRO C 200 -11.81 -2.53 -35.52
CA PRO C 200 -12.69 -3.12 -34.49
C PRO C 200 -12.32 -4.51 -34.09
N THR C 201 -12.66 -4.78 -32.83
CA THR C 201 -12.32 -6.03 -32.20
C THR C 201 -13.56 -6.54 -31.52
N ASP C 202 -13.37 -7.61 -30.75
CA ASP C 202 -14.48 -8.28 -30.15
C ASP C 202 -15.01 -7.72 -28.79
N ASP C 203 -14.26 -6.81 -28.19
CA ASP C 203 -14.39 -6.48 -26.77
C ASP C 203 -15.39 -5.32 -26.51
N LEU C 204 -15.67 -5.04 -25.24
CA LEU C 204 -16.62 -3.97 -24.92
C LEU C 204 -16.13 -2.60 -25.30
N PHE C 205 -14.81 -2.35 -25.30
CA PHE C 205 -14.40 -1.06 -25.75
C PHE C 205 -14.89 -0.86 -27.16
N SER C 206 -14.68 -1.87 -28.01
CA SER C 206 -15.02 -1.71 -29.41
C SER C 206 -16.55 -1.56 -29.62
N VAL C 207 -17.35 -2.37 -28.93
CA VAL C 207 -18.79 -2.23 -28.93
C VAL C 207 -19.19 -0.79 -28.64
N LEU C 208 -18.68 -0.20 -27.56
CA LEU C 208 -19.09 1.18 -27.16
C LEU C 208 -18.58 2.21 -28.21
N VAL C 209 -17.34 2.01 -28.64
CA VAL C 209 -16.72 2.93 -29.61
C VAL C 209 -17.50 2.97 -30.93
N ASN C 210 -18.01 1.82 -31.36
CA ASN C 210 -18.73 1.69 -32.65
C ASN C 210 -20.25 1.67 -32.52
N SER C 211 -20.77 1.99 -31.32
CA SER C 211 -22.24 1.92 -31.08
C SER C 211 -22.98 3.15 -31.61
N GLU C 212 -24.29 2.98 -31.76
CA GLU C 212 -25.17 4.07 -32.12
C GLU C 212 -26.25 4.20 -31.06
N VAL C 213 -26.67 5.45 -30.83
CA VAL C 213 -27.85 5.71 -30.03
C VAL C 213 -28.84 6.49 -30.88
N GLU C 214 -30.01 5.86 -31.13
CA GLU C 214 -31.06 6.44 -31.96
C GLU C 214 -30.42 6.99 -33.26
N GLY C 215 -29.68 6.10 -33.95
CA GLY C 215 -29.03 6.36 -35.23
C GLY C 215 -28.03 7.49 -35.34
N GLN C 216 -27.36 7.84 -34.24
CA GLN C 216 -26.15 8.66 -34.29
C GLN C 216 -25.10 7.86 -33.53
N ARG C 217 -23.85 8.02 -33.95
CA ARG C 217 -22.72 7.37 -33.32
C ARG C 217 -22.65 7.91 -31.88
N MET C 218 -22.36 7.04 -30.91
CA MET C 218 -22.14 7.52 -29.52
C MET C 218 -21.08 8.62 -29.52
N SER C 219 -21.31 9.69 -28.78
CA SER C 219 -20.38 10.80 -28.77
C SER C 219 -19.05 10.42 -28.13
N ASP C 220 -17.97 11.13 -28.46
CA ASP C 220 -16.75 10.87 -27.77
C ASP C 220 -16.89 11.03 -26.24
N ASP C 221 -17.58 12.08 -25.77
CA ASP C 221 -17.72 12.25 -24.31
C ASP C 221 -18.46 11.04 -23.70
N GLU C 222 -19.58 10.65 -24.31
CA GLU C 222 -20.31 9.50 -23.78
C GLU C 222 -19.44 8.22 -23.80
N ILE C 223 -18.72 7.99 -24.89
CA ILE C 223 -17.80 6.81 -24.87
C ILE C 223 -16.81 6.88 -23.69
N VAL C 224 -16.20 8.05 -23.44
CA VAL C 224 -15.28 8.14 -22.34
C VAL C 224 -16.02 7.73 -21.03
N PHE C 225 -17.23 8.29 -20.82
CA PHE C 225 -17.87 8.04 -19.48
C PHE C 225 -18.45 6.64 -19.37
N GLU C 226 -18.99 6.11 -20.47
CA GLU C 226 -19.62 4.75 -20.43
C GLU C 226 -18.52 3.69 -20.23
N THR C 227 -17.36 3.88 -20.90
CA THR C 227 -16.26 2.95 -20.69
C THR C 227 -15.68 3.08 -19.28
N LEU C 228 -15.53 4.31 -18.77
CA LEU C 228 -15.08 4.50 -17.39
C LEU C 228 -16.04 3.88 -16.37
N LEU C 229 -17.34 3.99 -16.65
CA LEU C 229 -18.33 3.45 -15.74
C LEU C 229 -18.12 1.92 -15.64
N ILE C 230 -17.94 1.27 -16.78
CA ILE C 230 -17.73 -0.20 -16.75
C ILE C 230 -16.40 -0.56 -16.08
N LEU C 231 -15.32 0.20 -16.37
CA LEU C 231 -14.00 -0.04 -15.74
C LEU C 231 -14.02 0.04 -14.18
N ILE C 232 -14.56 1.13 -13.66
CA ILE C 232 -14.62 1.35 -12.22
C ILE C 232 -15.68 0.41 -11.57
N GLY C 233 -16.79 0.22 -12.24
CA GLY C 233 -17.72 -0.89 -11.79
C GLY C 233 -16.95 -2.21 -11.62
N GLY C 234 -16.17 -2.58 -12.62
CA GLY C 234 -15.37 -3.83 -12.55
C GLY C 234 -14.26 -3.86 -11.47
N ASP C 235 -13.58 -2.73 -11.27
CA ASP C 235 -12.29 -2.84 -10.61
C ASP C 235 -12.23 -2.12 -9.27
N GLU C 236 -13.30 -1.46 -8.87
CA GLU C 236 -13.35 -0.78 -7.54
C GLU C 236 -14.51 -1.27 -6.68
N THR C 237 -14.96 -2.53 -6.88
CA THR C 237 -16.19 -3.03 -6.15
C THR C 237 -15.95 -4.41 -5.59
N THR C 238 -15.92 -5.39 -6.49
CA THR C 238 -15.74 -6.78 -6.11
C THR C 238 -14.53 -7.01 -5.20
N ARG C 239 -13.46 -6.29 -5.47
CA ARG C 239 -12.26 -6.32 -4.61
C ARG C 239 -12.56 -6.23 -3.10
N HIS C 240 -13.51 -5.37 -2.74
CA HIS C 240 -13.85 -5.13 -1.32
C HIS C 240 -14.67 -6.24 -0.67
N THR C 241 -15.53 -6.89 -1.45
CA THR C 241 -16.28 -8.05 -0.98
C THR C 241 -15.30 -9.22 -0.86
N LEU C 242 -14.44 -9.39 -1.86
CA LEU C 242 -13.33 -10.37 -1.71
C LEU C 242 -12.50 -10.16 -0.42
N SER C 243 -11.95 -8.96 -0.20
CA SER C 243 -11.12 -8.68 1.00
C SER C 243 -11.90 -8.67 2.28
N GLY C 244 -12.92 -7.79 2.39
CA GLY C 244 -13.77 -7.65 3.56
C GLY C 244 -14.60 -8.91 3.83
N GLY C 245 -15.03 -9.63 2.79
CA GLY C 245 -15.81 -10.85 3.08
C GLY C 245 -14.89 -11.98 3.49
N THR C 246 -13.72 -12.11 2.87
CA THR C 246 -12.79 -13.14 3.34
C THR C 246 -12.35 -12.79 4.78
N GLU C 247 -12.18 -11.51 5.09
CA GLU C 247 -11.89 -11.10 6.47
C GLU C 247 -12.91 -11.66 7.44
N GLN C 248 -14.21 -11.49 7.12
CA GLN C 248 -15.18 -12.09 8.04
C GLN C 248 -15.12 -13.60 8.11
N LEU C 249 -14.92 -14.30 6.96
CA LEU C 249 -14.79 -15.75 7.00
C LEU C 249 -13.65 -16.12 7.94
N LEU C 250 -12.55 -15.34 7.91
CA LEU C 250 -11.38 -15.71 8.72
C LEU C 250 -11.66 -15.46 10.19
N ARG C 251 -12.45 -14.42 10.49
CA ARG C 251 -12.79 -14.06 11.89
C ARG C 251 -13.84 -15.02 12.51
N HIS C 252 -14.49 -15.81 11.67
CA HIS C 252 -15.58 -16.72 12.13
C HIS C 252 -15.08 -18.10 11.77
N ARG C 253 -14.12 -18.58 12.56
CA ARG C 253 -13.41 -19.76 12.07
C ARG C 253 -14.26 -21.00 11.88
N ASP C 254 -15.34 -21.16 12.68
CA ASP C 254 -16.26 -22.21 12.44
C ASP C 254 -16.89 -22.13 11.03
N GLN C 255 -17.20 -20.92 10.58
CA GLN C 255 -17.74 -20.79 9.20
C GLN C 255 -16.65 -21.04 8.08
N TRP C 256 -15.43 -20.50 8.28
CA TRP C 256 -14.29 -20.84 7.45
C TRP C 256 -14.11 -22.35 7.35
N ASP C 257 -14.03 -23.01 8.50
CA ASP C 257 -13.91 -24.50 8.52
C ASP C 257 -15.02 -25.19 7.82
N ALA C 258 -16.25 -24.69 7.96
CA ALA C 258 -17.35 -25.35 7.26
C ALA C 258 -17.18 -25.30 5.79
N LEU C 259 -16.73 -24.14 5.26
CA LEU C 259 -16.50 -23.99 3.82
C LEU C 259 -15.37 -24.87 3.33
N VAL C 260 -14.36 -25.01 4.20
CA VAL C 260 -13.17 -25.89 3.85
C VAL C 260 -13.66 -27.35 3.67
N ALA C 261 -14.64 -27.74 4.49
CA ALA C 261 -15.18 -29.08 4.51
C ALA C 261 -16.26 -29.29 3.45
N ASP C 262 -16.99 -28.23 3.09
CA ASP C 262 -18.11 -28.37 2.19
C ASP C 262 -18.23 -27.08 1.33
N VAL C 263 -17.71 -27.15 0.11
CA VAL C 263 -17.76 -26.08 -0.80
C VAL C 263 -19.18 -25.72 -1.25
N ASP C 264 -20.15 -26.57 -1.04
CA ASP C 264 -21.52 -26.27 -1.46
C ASP C 264 -22.10 -25.19 -0.57
N LEU C 265 -21.41 -24.85 0.51
CA LEU C 265 -21.90 -23.73 1.37
C LEU C 265 -21.48 -22.35 0.80
N LEU C 266 -20.59 -22.37 -0.21
CA LEU C 266 -20.00 -21.15 -0.70
C LEU C 266 -21.01 -20.13 -1.34
N PRO C 267 -21.99 -20.59 -2.14
CA PRO C 267 -22.89 -19.53 -2.68
C PRO C 267 -23.65 -18.73 -1.61
N GLY C 268 -24.09 -19.39 -0.55
CA GLY C 268 -24.68 -18.63 0.54
C GLY C 268 -23.71 -17.70 1.23
N ALA C 269 -22.44 -18.13 1.41
CA ALA C 269 -21.41 -17.30 1.99
C ALA C 269 -21.22 -16.05 1.16
N ILE C 270 -21.20 -16.23 -0.16
CA ILE C 270 -20.98 -15.07 -1.02
C ILE C 270 -22.04 -14.02 -0.81
N GLU C 271 -23.29 -14.43 -0.64
CA GLU C 271 -24.35 -13.37 -0.46
C GLU C 271 -24.16 -12.64 0.87
N GLU C 272 -23.75 -13.37 1.90
CA GLU C 272 -23.43 -12.72 3.17
C GLU C 272 -22.17 -11.85 3.15
N MET C 273 -21.16 -12.27 2.37
CA MET C 273 -20.03 -11.37 2.10
C MET C 273 -20.45 -10.03 1.45
N LEU C 274 -21.36 -10.13 0.49
CA LEU C 274 -21.98 -9.00 -0.22
C LEU C 274 -22.73 -8.12 0.72
N ARG C 275 -23.68 -8.71 1.49
CA ARG C 275 -24.39 -7.90 2.44
C ARG C 275 -23.50 -7.14 3.40
N TRP C 276 -22.50 -7.86 3.93
CA TRP C 276 -21.73 -7.30 5.04
C TRP C 276 -20.76 -6.22 4.56
N THR C 277 -20.19 -6.43 3.36
CA THR C 277 -19.17 -5.52 2.85
C THR C 277 -19.76 -4.28 2.18
N SER C 278 -20.96 -4.41 1.55
CA SER C 278 -21.65 -3.30 0.81
C SER C 278 -20.66 -2.31 0.21
N PRO C 279 -19.86 -2.74 -0.78
CA PRO C 279 -18.76 -1.87 -1.25
C PRO C 279 -19.22 -0.49 -1.75
N VAL C 280 -20.42 -0.41 -2.35
CA VAL C 280 -20.95 0.85 -2.85
C VAL C 280 -21.79 1.37 -1.68
N LYS C 281 -21.36 2.50 -1.11
CA LYS C 281 -21.94 2.89 0.21
C LYS C 281 -23.21 3.70 -0.05
N ASN C 282 -23.28 4.36 -1.21
CA ASN C 282 -24.46 5.14 -1.58
C ASN C 282 -24.53 5.46 -3.07
N MET C 283 -25.72 5.83 -3.56
CA MET C 283 -25.88 6.39 -4.89
C MET C 283 -26.95 7.42 -4.71
N CYS C 284 -26.83 8.57 -5.41
CA CYS C 284 -27.87 9.60 -5.26
C CYS C 284 -29.03 9.41 -6.25
N ARG C 285 -30.20 9.95 -5.85
CA ARG C 285 -31.31 10.19 -6.73
C ARG C 285 -31.65 11.68 -6.54
N THR C 286 -32.38 12.24 -7.50
CA THR C 286 -32.86 13.61 -7.48
C THR C 286 -34.38 13.61 -7.49
N LEU C 287 -34.98 14.30 -6.54
CA LEU C 287 -36.44 14.46 -6.52
C LEU C 287 -36.96 15.22 -7.73
N THR C 288 -38.05 14.73 -8.34
CA THR C 288 -38.62 15.42 -9.51
C THR C 288 -39.83 16.24 -9.08
N ALA C 289 -40.29 16.06 -7.81
CA ALA C 289 -41.46 16.79 -7.29
C ALA C 289 -41.25 16.98 -5.80
N ASP C 290 -41.93 17.94 -5.20
CA ASP C 290 -41.85 17.99 -3.74
C ASP C 290 -42.61 16.81 -3.21
N THR C 291 -42.26 16.31 -2.04
CA THR C 291 -42.99 15.17 -1.48
C THR C 291 -42.74 15.01 0.02
N VAL C 292 -43.49 14.12 0.67
CA VAL C 292 -43.04 13.66 1.99
C VAL C 292 -42.82 12.15 1.88
N PHE C 293 -41.66 11.69 2.34
CA PHE C 293 -41.18 10.32 2.03
C PHE C 293 -40.68 9.71 3.30
N HIS C 294 -41.40 8.72 3.82
CA HIS C 294 -41.08 8.11 5.11
C HIS C 294 -40.90 9.18 6.18
N GLY C 295 -41.81 10.18 6.17
CA GLY C 295 -41.93 11.22 7.21
C GLY C 295 -40.93 12.38 7.12
N THR C 296 -40.22 12.48 6.00
CA THR C 296 -39.32 13.63 5.74
C THR C 296 -39.75 14.37 4.47
N GLU C 297 -39.97 15.68 4.63
CA GLU C 297 -40.34 16.53 3.52
C GLU C 297 -39.15 16.78 2.60
N LEU C 298 -39.31 16.48 1.31
CA LEU C 298 -38.22 16.68 0.33
C LEU C 298 -38.63 17.62 -0.79
N ARG C 299 -37.64 18.36 -1.30
CA ARG C 299 -37.94 19.39 -2.29
C ARG C 299 -37.50 18.96 -3.73
N ALA C 300 -38.26 19.29 -4.78
CA ALA C 300 -37.86 18.95 -6.14
C ALA C 300 -36.50 19.53 -6.39
N GLY C 301 -35.64 18.76 -7.04
CA GLY C 301 -34.35 19.32 -7.39
C GLY C 301 -33.27 18.99 -6.39
N GLU C 302 -33.61 18.43 -5.21
CA GLU C 302 -32.58 18.11 -4.25
C GLU C 302 -32.23 16.64 -4.35
N LYS C 303 -31.04 16.31 -3.83
CA LYS C 303 -30.62 14.91 -3.90
C LYS C 303 -30.97 14.14 -2.64
N ILE C 304 -31.11 12.81 -2.83
CA ILE C 304 -31.23 11.91 -1.67
C ILE C 304 -30.24 10.77 -1.85
N MET C 305 -29.50 10.46 -0.82
CA MET C 305 -28.53 9.43 -0.97
C MET C 305 -29.17 8.06 -0.63
N LEU C 306 -29.11 7.08 -1.53
CA LEU C 306 -29.52 5.74 -1.09
C LEU C 306 -28.42 5.06 -0.31
N MET C 307 -28.67 4.77 0.97
CA MET C 307 -27.54 4.27 1.77
C MET C 307 -27.56 2.74 1.81
N PHE C 308 -26.89 2.07 0.87
CA PHE C 308 -27.14 0.64 0.75
C PHE C 308 -26.63 -0.18 1.96
N GLU C 309 -25.54 0.25 2.57
CA GLU C 309 -25.02 -0.47 3.76
C GLU C 309 -26.00 -0.27 4.93
N SER C 310 -26.52 0.96 5.13
CA SER C 310 -27.54 1.12 6.20
C SER C 310 -28.74 0.15 6.00
N ALA C 311 -29.12 -0.01 4.73
CA ALA C 311 -30.28 -0.80 4.42
C ALA C 311 -29.95 -2.25 4.70
N ASN C 312 -28.70 -2.60 4.38
CA ASN C 312 -28.19 -3.98 4.56
C ASN C 312 -28.00 -4.40 6.01
N PHE C 313 -28.11 -3.41 6.89
CA PHE C 313 -28.03 -3.71 8.32
C PHE C 313 -29.35 -3.43 9.06
N ASP C 314 -30.42 -3.39 8.29
CA ASP C 314 -31.77 -3.02 8.79
C ASP C 314 -32.33 -4.23 9.60
N GLU C 315 -32.56 -4.04 10.90
CA GLU C 315 -32.96 -5.13 11.78
C GLU C 315 -34.34 -5.72 11.45
N SER C 316 -35.25 -4.87 10.98
CA SER C 316 -36.62 -5.31 10.63
C SER C 316 -36.58 -6.30 9.46
N VAL C 317 -35.53 -6.20 8.63
CA VAL C 317 -35.41 -7.11 7.49
C VAL C 317 -34.61 -8.35 7.87
N PHE C 318 -33.47 -8.17 8.49
CA PHE C 318 -32.54 -9.31 8.68
C PHE C 318 -32.68 -10.00 10.05
N GLY C 319 -33.23 -9.30 11.04
CA GLY C 319 -33.43 -9.92 12.36
C GLY C 319 -32.17 -9.77 13.17
N ASP C 320 -31.07 -10.43 12.75
CA ASP C 320 -29.78 -10.27 13.39
C ASP C 320 -28.65 -9.82 12.41
N PRO C 321 -28.83 -8.67 11.76
CA PRO C 321 -27.86 -8.16 10.78
C PRO C 321 -26.45 -7.95 11.33
N ASP C 322 -26.27 -7.77 12.66
CA ASP C 322 -24.90 -7.62 13.14
C ASP C 322 -24.11 -8.90 13.33
N ASN C 323 -24.75 -10.05 13.20
CA ASN C 323 -24.06 -11.32 13.16
C ASN C 323 -23.66 -11.59 11.69
N PHE C 324 -22.40 -11.91 11.47
CA PHE C 324 -22.03 -12.46 10.17
C PHE C 324 -22.33 -13.97 10.14
N ARG C 325 -23.18 -14.39 9.20
CA ARG C 325 -23.58 -15.81 9.11
C ARG C 325 -23.69 -16.25 7.64
N ILE C 326 -22.82 -17.15 7.22
CA ILE C 326 -22.83 -17.63 5.85
C ILE C 326 -24.10 -18.47 5.55
N ASP C 327 -24.78 -18.91 6.61
CA ASP C 327 -25.98 -19.73 6.48
C ASP C 327 -27.23 -18.90 6.36
N ARG C 328 -27.06 -17.59 6.28
CA ARG C 328 -28.26 -16.67 6.21
C ARG C 328 -29.07 -17.01 5.01
N ASN C 329 -30.37 -17.28 5.19
CA ASN C 329 -31.20 -17.67 4.03
C ASN C 329 -32.67 -17.48 4.44
N PRO C 330 -33.39 -16.61 3.74
CA PRO C 330 -32.90 -15.89 2.52
C PRO C 330 -32.08 -14.66 2.91
N ASN C 331 -31.37 -14.06 1.93
CA ASN C 331 -30.50 -12.96 2.19
C ASN C 331 -30.72 -11.94 1.09
N SER C 332 -31.81 -11.18 1.25
CA SER C 332 -32.23 -10.30 0.14
C SER C 332 -31.55 -8.97 0.28
N HIS C 333 -30.22 -8.97 0.35
CA HIS C 333 -29.48 -7.72 0.49
C HIS C 333 -29.60 -6.82 -0.77
N VAL C 334 -29.30 -5.52 -0.61
CA VAL C 334 -29.34 -4.54 -1.73
C VAL C 334 -27.92 -4.00 -2.01
N ALA C 335 -26.88 -4.84 -1.87
CA ALA C 335 -25.50 -4.40 -2.16
C ALA C 335 -25.37 -4.01 -3.66
N PHE C 336 -26.22 -4.62 -4.50
CA PHE C 336 -26.23 -4.39 -5.99
C PHE C 336 -27.30 -3.38 -6.41
N GLY C 337 -27.94 -2.77 -5.40
CA GLY C 337 -29.06 -1.89 -5.62
C GLY C 337 -30.30 -2.68 -6.02
N PHE C 338 -31.20 -2.05 -6.77
CA PHE C 338 -32.53 -2.57 -7.05
C PHE C 338 -33.19 -1.74 -8.14
N GLY C 339 -34.03 -2.34 -8.99
CA GLY C 339 -34.81 -1.60 -9.98
C GLY C 339 -34.04 -1.44 -11.26
N THR C 340 -34.31 -0.36 -12.03
CA THR C 340 -33.77 -0.38 -13.42
C THR C 340 -32.27 -0.25 -13.42
N HIS C 341 -31.67 0.36 -12.39
CA HIS C 341 -30.21 0.43 -12.38
C HIS C 341 -29.50 -0.74 -11.71
N PHE C 342 -30.27 -1.79 -11.30
CA PHE C 342 -29.65 -2.97 -10.68
C PHE C 342 -28.34 -3.41 -11.36
N CYS C 343 -27.31 -3.52 -10.56
CA CYS C 343 -25.96 -3.73 -11.01
C CYS C 343 -25.79 -4.58 -12.27
N LEU C 344 -25.31 -3.95 -13.36
CA LEU C 344 -25.09 -4.69 -14.62
C LEU C 344 -24.11 -5.87 -14.41
N GLY C 345 -23.09 -5.63 -13.58
CA GLY C 345 -22.06 -6.70 -13.36
C GLY C 345 -22.36 -7.72 -12.26
N ASN C 346 -23.61 -7.76 -11.76
CA ASN C 346 -23.92 -8.56 -10.58
C ASN C 346 -23.57 -10.05 -10.76
N GLN C 347 -23.83 -10.60 -11.95
CA GLN C 347 -23.46 -12.02 -12.20
C GLN C 347 -21.97 -12.24 -12.32
N LEU C 348 -21.34 -11.30 -13.03
CA LEU C 348 -19.87 -11.29 -13.13
C LEU C 348 -19.23 -11.23 -11.74
N ALA C 349 -19.68 -10.27 -10.93
CA ALA C 349 -19.17 -10.16 -9.60
C ALA C 349 -19.32 -11.44 -8.76
N ARG C 350 -20.52 -12.01 -8.76
CA ARG C 350 -20.77 -13.25 -8.08
C ARG C 350 -19.88 -14.40 -8.55
N LEU C 351 -19.60 -14.44 -9.83
CA LEU C 351 -18.77 -15.48 -10.34
C LEU C 351 -17.31 -15.25 -9.98
N GLU C 352 -16.85 -14.01 -10.04
CA GLU C 352 -15.46 -13.63 -9.57
C GLU C 352 -15.29 -14.10 -8.12
N LEU C 353 -16.28 -13.73 -7.30
CA LEU C 353 -16.35 -14.17 -5.88
C LEU C 353 -16.28 -15.68 -5.63
N ARG C 354 -17.10 -16.44 -6.37
CA ARG C 354 -17.17 -17.88 -6.17
C ARG C 354 -15.86 -18.53 -6.67
N LEU C 355 -15.41 -18.20 -7.89
CA LEU C 355 -14.17 -18.79 -8.44
C LEU C 355 -12.90 -18.46 -7.65
N MET C 356 -12.70 -17.19 -7.24
CA MET C 356 -11.53 -16.88 -6.41
C MET C 356 -11.65 -17.51 -4.97
N THR C 357 -12.81 -17.38 -4.32
CA THR C 357 -12.93 -17.90 -2.97
C THR C 357 -12.78 -19.43 -2.95
N GLU C 358 -13.35 -20.10 -3.94
CA GLU C 358 -13.21 -21.56 -4.03
C GLU C 358 -11.71 -21.92 -4.12
N ARG C 359 -10.96 -21.21 -4.97
CA ARG C 359 -9.52 -21.54 -5.11
C ARG C 359 -8.77 -21.18 -3.83
N VAL C 360 -9.18 -20.09 -3.20
CA VAL C 360 -8.57 -19.69 -1.90
C VAL C 360 -8.80 -20.79 -0.86
N LEU C 361 -10.04 -21.21 -0.67
CA LEU C 361 -10.39 -22.32 0.22
C LEU C 361 -9.64 -23.65 -0.08
N ARG C 362 -9.48 -23.97 -1.36
CA ARG C 362 -8.83 -25.22 -1.76
C ARG C 362 -7.30 -25.15 -1.57
N ARG C 363 -6.71 -24.05 -2.04
CA ARG C 363 -5.25 -23.90 -2.07
C ARG C 363 -4.60 -23.27 -0.89
N LEU C 364 -5.30 -22.36 -0.18
CA LEU C 364 -4.83 -21.74 1.08
C LEU C 364 -5.79 -22.16 2.23
N PRO C 365 -5.97 -23.46 2.42
CA PRO C 365 -7.06 -23.86 3.37
C PRO C 365 -6.85 -23.41 4.83
N ASP C 366 -5.62 -23.11 5.22
CA ASP C 366 -5.46 -22.67 6.60
C ASP C 366 -5.14 -21.19 6.70
N LEU C 367 -5.61 -20.44 5.68
CA LEU C 367 -5.44 -19.00 5.66
C LEU C 367 -5.81 -18.38 7.03
N ARG C 368 -4.93 -17.54 7.53
CA ARG C 368 -5.32 -16.72 8.68
C ARG C 368 -4.84 -15.28 8.53
N LEU C 369 -5.50 -14.36 9.24
CA LEU C 369 -4.99 -13.02 9.33
C LEU C 369 -3.64 -13.05 10.04
N ALA C 370 -2.71 -12.21 9.60
CA ALA C 370 -1.36 -12.21 10.11
C ALA C 370 -1.36 -11.68 11.54
N ASP C 371 -2.36 -10.87 11.83
CA ASP C 371 -2.59 -10.42 13.20
C ASP C 371 -4.05 -10.04 13.28
N ASP C 372 -4.63 -9.99 14.46
CA ASP C 372 -6.09 -9.79 14.46
C ASP C 372 -6.56 -8.33 14.52
N ALA C 373 -5.62 -7.35 14.72
CA ALA C 373 -5.95 -5.89 14.63
C ALA C 373 -6.97 -5.56 13.52
N PRO C 374 -7.97 -4.65 13.78
CA PRO C 374 -8.82 -4.22 12.70
C PRO C 374 -8.04 -3.84 11.48
N VAL C 375 -8.61 -4.21 10.34
CA VAL C 375 -8.15 -3.94 9.00
C VAL C 375 -8.51 -2.49 8.63
N PRO C 376 -7.52 -1.67 8.22
CA PRO C 376 -7.90 -0.28 7.88
C PRO C 376 -8.81 -0.22 6.65
N LEU C 377 -9.77 0.69 6.70
CA LEU C 377 -10.70 1.00 5.58
C LEU C 377 -10.39 2.28 4.84
N ARG C 378 -10.66 2.28 3.53
CA ARG C 378 -10.45 3.47 2.73
C ARG C 378 -11.41 4.64 3.08
N PRO C 379 -10.87 5.80 3.52
CA PRO C 379 -11.76 6.96 3.76
C PRO C 379 -12.20 7.70 2.52
N ALA C 380 -13.24 7.19 1.90
CA ALA C 380 -13.76 7.74 0.68
C ALA C 380 -15.27 7.50 0.79
N ASN C 381 -16.05 8.30 0.08
CA ASN C 381 -17.48 8.43 0.32
C ASN C 381 -18.37 7.67 -0.66
N PHE C 382 -17.77 6.90 -1.55
CA PHE C 382 -18.54 6.23 -2.59
C PHE C 382 -18.37 4.75 -2.56
N VAL C 383 -17.23 4.26 -3.05
CA VAL C 383 -16.83 2.88 -2.80
C VAL C 383 -15.71 2.85 -1.79
N SER C 384 -15.73 1.83 -0.91
CA SER C 384 -14.72 1.75 0.11
C SER C 384 -14.67 0.34 0.70
N GLY C 385 -13.49 -0.08 1.08
CA GLY C 385 -13.29 -1.31 1.83
C GLY C 385 -11.82 -1.29 2.25
N PRO C 386 -11.33 -2.47 2.69
CA PRO C 386 -10.01 -2.70 3.24
C PRO C 386 -8.88 -2.12 2.33
N GLU C 387 -8.00 -1.34 2.96
CA GLU C 387 -6.77 -0.91 2.33
C GLU C 387 -5.67 -1.98 2.20
N SER C 388 -5.57 -2.88 3.18
CA SER C 388 -4.53 -3.88 3.26
C SER C 388 -5.04 -4.94 4.17
N MET C 389 -4.43 -6.12 4.05
CA MET C 389 -4.92 -7.28 4.79
C MET C 389 -3.86 -8.36 4.76
N PRO C 390 -2.78 -8.21 5.60
CA PRO C 390 -1.74 -9.24 5.66
C PRO C 390 -2.32 -10.56 6.14
N VAL C 391 -1.96 -11.61 5.42
CA VAL C 391 -2.44 -12.95 5.72
C VAL C 391 -1.27 -13.94 5.68
N VAL C 392 -1.43 -15.06 6.34
CA VAL C 392 -0.45 -16.15 6.32
C VAL C 392 -1.19 -17.49 6.05
N PHE C 393 -0.41 -18.51 5.62
CA PHE C 393 -0.97 -19.82 5.27
C PHE C 393 0.21 -20.79 5.11
N THR C 394 -0.06 -22.08 5.11
CA THR C 394 1.00 -23.06 4.84
C THR C 394 1.31 -22.99 3.35
N PRO C 395 2.61 -22.86 2.98
CA PRO C 395 3.01 -22.79 1.58
C PRO C 395 2.71 -24.05 0.82
N SER C 396 2.59 -23.91 -0.51
CA SER C 396 2.30 -25.08 -1.37
C SER C 396 2.88 -24.83 -2.77
N ALA C 397 2.82 -25.82 -3.64
CA ALA C 397 3.45 -25.68 -4.99
C ALA C 397 2.50 -25.00 -6.03
N PRO C 398 3.05 -24.25 -7.01
CA PRO C 398 2.16 -23.71 -8.06
C PRO C 398 1.46 -24.81 -8.86
N VAL C 399 0.24 -24.54 -9.37
CA VAL C 399 -0.50 -25.49 -10.19
C VAL C 399 -0.34 -25.29 -11.73
N LEU C 400 0.12 -24.10 -12.18
CA LEU C 400 0.10 -23.70 -13.62
C LEU C 400 1.51 -23.51 -14.15
N THR D 6 -38.74 -34.49 -29.02
CA THR D 6 -40.04 -34.09 -29.70
C THR D 6 -40.72 -32.79 -29.16
N ARG D 7 -41.21 -31.93 -30.07
CA ARG D 7 -41.77 -30.61 -29.62
C ARG D 7 -43.08 -30.86 -28.83
N PRO D 8 -43.20 -30.26 -27.59
CA PRO D 8 -44.50 -30.40 -26.89
C PRO D 8 -45.63 -29.92 -27.79
N ASP D 9 -46.76 -30.67 -27.78
CA ASP D 9 -47.95 -30.24 -28.53
C ASP D 9 -48.99 -29.88 -27.49
N VAL D 10 -49.05 -28.59 -27.16
CA VAL D 10 -49.73 -28.17 -25.93
C VAL D 10 -50.49 -26.87 -26.21
N ASP D 11 -51.58 -26.70 -25.44
CA ASP D 11 -52.34 -25.48 -25.38
C ASP D 11 -52.08 -24.93 -23.93
N LEU D 12 -51.35 -23.81 -23.84
CA LEU D 12 -50.93 -23.26 -22.52
C LEU D 12 -52.07 -22.62 -21.74
N VAL D 13 -53.26 -22.56 -22.35
CA VAL D 13 -54.49 -22.07 -21.73
C VAL D 13 -55.31 -23.27 -21.17
N ASN D 14 -54.85 -24.48 -21.47
CA ASN D 14 -55.55 -25.67 -20.98
C ASN D 14 -55.07 -26.04 -19.59
N GLY D 15 -55.98 -26.00 -18.61
CA GLY D 15 -55.61 -26.26 -17.18
C GLY D 15 -55.03 -27.66 -16.99
N MET D 16 -55.42 -28.61 -17.85
CA MET D 16 -54.83 -29.95 -17.75
C MET D 16 -53.31 -29.98 -18.00
N PHE D 17 -52.78 -29.09 -18.82
CA PHE D 17 -51.31 -29.02 -18.95
C PHE D 17 -50.57 -28.87 -17.61
N TYR D 18 -51.20 -28.06 -16.73
CA TYR D 18 -50.59 -27.72 -15.43
C TYR D 18 -50.87 -28.76 -14.38
N ALA D 19 -51.79 -29.70 -14.63
CA ALA D 19 -52.16 -30.72 -13.59
C ALA D 19 -51.72 -32.18 -13.87
N ASP D 20 -51.47 -32.54 -15.13
CA ASP D 20 -51.23 -33.94 -15.49
C ASP D 20 -49.84 -34.47 -15.21
N GLY D 21 -48.96 -33.52 -14.84
CA GLY D 21 -47.58 -33.87 -14.49
C GLY D 21 -46.59 -33.74 -15.65
N GLY D 22 -47.05 -33.33 -16.83
CA GLY D 22 -46.19 -33.31 -17.99
C GLY D 22 -45.52 -31.95 -18.15
N ALA D 23 -45.86 -30.99 -17.27
CA ALA D 23 -45.43 -29.62 -17.55
C ALA D 23 -43.94 -29.42 -17.46
N ARG D 24 -43.30 -30.02 -16.45
CA ARG D 24 -41.83 -29.74 -16.31
C ARG D 24 -40.99 -30.33 -17.45
N GLU D 25 -41.40 -31.52 -17.93
CA GLU D 25 -40.71 -32.08 -19.11
C GLU D 25 -40.93 -31.20 -20.35
N ALA D 26 -42.14 -30.64 -20.52
CA ALA D 26 -42.38 -29.72 -21.65
C ALA D 26 -41.53 -28.44 -21.47
N TYR D 27 -41.48 -27.89 -20.25
CA TYR D 27 -40.65 -26.69 -19.98
C TYR D 27 -39.19 -26.93 -20.29
N ARG D 28 -38.73 -28.14 -20.02
CA ARG D 28 -37.31 -28.51 -20.28
C ARG D 28 -37.04 -28.40 -21.77
N TRP D 29 -37.94 -28.98 -22.56
CA TRP D 29 -37.82 -28.85 -24.05
C TRP D 29 -37.85 -27.37 -24.52
N MET D 30 -38.83 -26.57 -24.06
CA MET D 30 -38.88 -25.18 -24.39
C MET D 30 -37.58 -24.46 -24.05
N ARG D 31 -37.09 -24.60 -22.79
CA ARG D 31 -35.88 -23.83 -22.41
C ARG D 31 -34.66 -24.19 -23.26
N ALA D 32 -34.59 -25.45 -23.73
CA ALA D 32 -33.44 -25.92 -24.55
C ALA D 32 -33.61 -25.67 -26.07
N ASN D 33 -34.82 -25.43 -26.55
CA ASN D 33 -35.03 -25.41 -28.01
C ASN D 33 -35.66 -24.13 -28.50
N GLU D 34 -36.54 -23.52 -27.70
CA GLU D 34 -37.28 -22.30 -28.16
C GLU D 34 -37.70 -21.50 -26.91
N PRO D 35 -36.78 -20.68 -26.36
CA PRO D 35 -36.95 -20.09 -25.01
C PRO D 35 -38.21 -19.23 -24.98
N VAL D 36 -38.52 -18.56 -26.09
CA VAL D 36 -39.84 -17.90 -26.18
C VAL D 36 -40.67 -18.74 -27.09
N PHE D 37 -41.45 -19.60 -26.46
CA PHE D 37 -42.07 -20.78 -27.17
C PHE D 37 -43.42 -20.33 -27.71
N ARG D 38 -43.86 -20.80 -28.87
CA ARG D 38 -45.29 -20.58 -29.28
C ARG D 38 -46.02 -21.90 -29.23
N ASP D 39 -47.13 -21.95 -28.47
CA ASP D 39 -47.93 -23.19 -28.30
C ASP D 39 -48.73 -23.53 -29.56
N ARG D 40 -49.60 -24.56 -29.49
CA ARG D 40 -50.34 -25.09 -30.66
C ARG D 40 -51.12 -23.97 -31.35
N ASN D 41 -51.61 -23.03 -30.57
CA ASN D 41 -52.40 -21.96 -31.12
C ASN D 41 -51.64 -20.68 -31.35
N GLY D 42 -50.30 -20.71 -31.23
CA GLY D 42 -49.48 -19.50 -31.51
C GLY D 42 -49.26 -18.59 -30.29
N LEU D 43 -49.74 -18.97 -29.11
CA LEU D 43 -49.56 -18.16 -27.90
C LEU D 43 -48.10 -18.22 -27.42
N ALA D 44 -47.47 -17.05 -27.39
CA ALA D 44 -46.10 -16.88 -26.97
C ALA D 44 -45.92 -17.05 -25.46
N ALA D 45 -44.78 -17.64 -25.05
CA ALA D 45 -44.54 -17.85 -23.64
C ALA D 45 -43.07 -17.71 -23.33
N ALA D 46 -42.74 -16.92 -22.29
CA ALA D 46 -41.31 -16.74 -21.90
C ALA D 46 -41.02 -17.88 -20.96
N THR D 47 -40.11 -18.78 -21.36
CA THR D 47 -39.97 -19.98 -20.50
C THR D 47 -38.60 -20.10 -19.80
N THR D 48 -37.61 -19.31 -20.20
CA THR D 48 -36.39 -19.36 -19.43
C THR D 48 -36.46 -18.27 -18.33
N TYR D 49 -35.62 -18.43 -17.33
CA TYR D 49 -35.51 -17.39 -16.27
C TYR D 49 -35.08 -16.05 -16.81
N GLN D 50 -34.09 -16.07 -17.73
CA GLN D 50 -33.62 -14.86 -18.36
C GLN D 50 -34.73 -14.15 -19.13
N ALA D 51 -35.57 -14.87 -19.88
CA ALA D 51 -36.65 -14.24 -20.65
C ALA D 51 -37.71 -13.64 -19.77
N VAL D 52 -38.03 -14.33 -18.66
CA VAL D 52 -39.05 -13.78 -17.78
C VAL D 52 -38.49 -12.53 -17.11
N LEU D 53 -37.23 -12.59 -16.69
CA LEU D 53 -36.66 -11.44 -15.96
C LEU D 53 -36.53 -10.25 -16.94
N ASP D 54 -36.12 -10.52 -18.18
CA ASP D 54 -35.94 -9.43 -19.14
C ASP D 54 -37.32 -8.78 -19.46
N ALA D 55 -38.37 -9.57 -19.59
CA ALA D 55 -39.66 -8.96 -19.86
C ALA D 55 -40.12 -8.11 -18.64
N GLU D 56 -39.94 -8.62 -17.42
CA GLU D 56 -40.28 -7.92 -16.18
C GLU D 56 -39.55 -6.58 -16.09
N ARG D 57 -38.29 -6.56 -16.53
CA ARG D 57 -37.48 -5.35 -16.52
C ARG D 57 -37.75 -4.36 -17.62
N ASN D 58 -38.63 -4.67 -18.57
CA ASN D 58 -38.91 -3.68 -19.60
C ASN D 58 -40.38 -3.51 -19.80
N PRO D 59 -41.06 -2.87 -18.83
CA PRO D 59 -42.52 -2.75 -18.85
C PRO D 59 -42.95 -1.79 -19.97
N GLU D 60 -42.05 -0.97 -20.53
CA GLU D 60 -42.45 -0.06 -21.64
C GLU D 60 -42.80 -0.91 -22.84
N LEU D 61 -42.04 -2.00 -23.05
CA LEU D 61 -42.29 -2.91 -24.14
C LEU D 61 -43.33 -4.01 -23.80
N PHE D 62 -43.25 -4.55 -22.59
CA PHE D 62 -44.13 -5.59 -22.06
C PHE D 62 -45.14 -4.95 -21.07
N SER D 63 -46.19 -4.35 -21.64
CA SER D 63 -47.23 -3.69 -20.86
C SER D 63 -48.11 -4.68 -20.07
N SER D 64 -48.68 -4.18 -18.97
CA SER D 64 -49.68 -5.01 -18.28
C SER D 64 -51.12 -4.59 -18.64
N THR D 65 -51.28 -3.53 -19.45
CA THR D 65 -52.60 -2.95 -19.67
C THR D 65 -53.52 -3.83 -20.57
N GLY D 66 -52.97 -4.83 -21.27
CA GLY D 66 -53.77 -5.72 -22.14
C GLY D 66 -54.52 -6.83 -21.35
N GLY D 67 -54.17 -6.99 -20.08
CA GLY D 67 -54.85 -7.93 -19.18
C GLY D 67 -53.87 -9.10 -18.88
N ILE D 68 -53.76 -9.46 -17.61
CA ILE D 68 -52.89 -10.61 -17.20
C ILE D 68 -53.25 -12.01 -17.64
N ARG D 69 -54.48 -12.24 -18.16
CA ARG D 69 -54.83 -13.53 -18.67
C ARG D 69 -54.81 -13.54 -20.21
N PRO D 70 -54.61 -14.71 -20.80
CA PRO D 70 -54.41 -14.67 -22.25
C PRO D 70 -55.66 -14.43 -23.04
N ASP D 71 -56.81 -14.75 -22.47
CA ASP D 71 -58.07 -14.67 -23.23
C ASP D 71 -59.05 -13.74 -22.54
N GLN D 72 -58.53 -12.75 -21.80
CA GLN D 72 -59.42 -11.70 -21.21
C GLN D 72 -58.80 -10.35 -21.40
N PRO D 73 -59.64 -9.29 -21.51
CA PRO D 73 -59.08 -8.00 -21.74
C PRO D 73 -58.59 -7.35 -20.46
N GLY D 74 -57.98 -6.17 -20.60
CA GLY D 74 -57.56 -5.39 -19.42
C GLY D 74 -58.75 -5.01 -18.51
N MET D 75 -58.58 -5.11 -17.21
CA MET D 75 -59.66 -4.84 -16.20
C MET D 75 -59.19 -3.76 -15.22
N PRO D 76 -60.15 -3.10 -14.49
CA PRO D 76 -59.81 -1.93 -13.67
C PRO D 76 -59.21 -2.32 -12.32
N TYR D 77 -58.08 -3.02 -12.40
CA TYR D 77 -57.27 -3.25 -11.21
C TYR D 77 -55.74 -3.10 -11.44
N MET D 78 -55.00 -3.01 -10.34
CA MET D 78 -53.62 -2.41 -10.43
C MET D 78 -52.70 -3.36 -11.20
N ILE D 79 -53.02 -4.65 -11.15
CA ILE D 79 -52.20 -5.66 -11.86
C ILE D 79 -52.31 -5.54 -13.43
N ASP D 80 -53.37 -4.88 -13.86
CA ASP D 80 -53.59 -4.53 -15.32
C ASP D 80 -53.22 -3.08 -15.63
N MET D 81 -52.36 -2.46 -14.82
CA MET D 81 -52.05 -1.02 -15.03
C MET D 81 -50.54 -0.88 -15.12
N ASP D 82 -50.08 0.09 -15.91
CA ASP D 82 -48.67 0.42 -15.93
C ASP D 82 -48.40 1.63 -15.03
N ASP D 83 -47.14 1.92 -14.67
CA ASP D 83 -46.85 3.16 -13.98
C ASP D 83 -47.02 4.34 -15.00
N PRO D 84 -47.52 5.49 -14.52
CA PRO D 84 -47.67 5.87 -13.11
C PRO D 84 -48.98 5.41 -12.44
N GLN D 85 -49.94 4.91 -13.22
CA GLN D 85 -51.32 4.61 -12.70
C GLN D 85 -51.26 3.48 -11.72
N HIS D 86 -50.41 2.48 -11.99
CA HIS D 86 -50.25 1.33 -11.13
C HIS D 86 -49.70 1.80 -9.79
N LEU D 87 -48.64 2.61 -9.81
CA LEU D 87 -48.04 3.03 -8.58
C LEU D 87 -49.02 3.82 -7.70
N LEU D 88 -49.86 4.65 -8.31
CA LEU D 88 -50.91 5.38 -7.52
C LEU D 88 -51.70 4.37 -6.70
N ARG D 89 -52.05 3.22 -7.29
CA ARG D 89 -52.89 2.21 -6.60
C ARG D 89 -52.10 1.46 -5.57
N ARG D 90 -50.85 1.10 -5.89
CA ARG D 90 -49.95 0.45 -4.91
C ARG D 90 -49.82 1.29 -3.63
N LYS D 91 -49.71 2.62 -3.84
CA LYS D 91 -49.54 3.53 -2.71
C LYS D 91 -50.77 3.58 -1.78
N LEU D 92 -51.96 3.32 -2.29
CA LEU D 92 -53.14 3.30 -1.46
C LEU D 92 -53.09 2.16 -0.46
N VAL D 93 -52.44 1.04 -0.81
CA VAL D 93 -52.49 -0.14 0.04
C VAL D 93 -51.18 -0.71 0.55
N ASN D 94 -50.06 -0.23 0.01
CA ASN D 94 -48.67 -0.67 0.34
C ASN D 94 -48.38 -0.74 1.84
N ALA D 95 -48.85 0.30 2.55
CA ALA D 95 -48.54 0.38 3.97
C ALA D 95 -48.98 -0.88 4.76
N GLY D 96 -50.06 -1.54 4.36
CA GLY D 96 -50.57 -2.69 5.10
C GLY D 96 -49.76 -3.97 4.92
N PHE D 97 -48.82 -3.93 3.97
CA PHE D 97 -48.16 -5.14 3.52
C PHE D 97 -46.67 -5.15 3.62
N THR D 98 -46.16 -4.06 4.19
CA THR D 98 -44.73 -3.98 4.39
C THR D 98 -44.31 -5.05 5.41
N ARG D 99 -43.03 -5.37 5.36
CA ARG D 99 -42.48 -6.31 6.34
C ARG D 99 -42.77 -5.86 7.80
N LYS D 100 -42.62 -4.56 8.08
CA LYS D 100 -42.84 -4.10 9.50
C LYS D 100 -44.27 -4.37 9.93
N ARG D 101 -45.21 -3.96 9.08
CA ARG D 101 -46.64 -4.09 9.41
C ARG D 101 -47.11 -5.56 9.50
N VAL D 102 -46.62 -6.37 8.57
CA VAL D 102 -46.89 -7.82 8.62
C VAL D 102 -46.38 -8.47 9.94
N MET D 103 -45.14 -8.18 10.34
CA MET D 103 -44.61 -8.64 11.61
C MET D 103 -45.47 -8.24 12.82
N ASP D 104 -46.29 -7.17 12.74
CA ASP D 104 -47.24 -6.91 13.85
C ASP D 104 -48.38 -7.92 13.89
N LYS D 105 -48.52 -8.82 12.89
CA LYS D 105 -49.59 -9.82 12.93
C LYS D 105 -49.12 -11.23 13.39
N VAL D 106 -47.88 -11.35 13.85
CA VAL D 106 -47.34 -12.66 14.28
C VAL D 106 -48.27 -13.32 15.27
N ASP D 107 -48.74 -12.54 16.26
CA ASP D 107 -49.59 -13.17 17.28
C ASP D 107 -51.00 -13.52 16.76
N SER D 108 -51.65 -12.61 16.04
CA SER D 108 -52.99 -12.95 15.51
C SER D 108 -52.93 -14.11 14.50
N ILE D 109 -51.98 -14.05 13.58
CA ILE D 109 -51.85 -15.19 12.62
C ILE D 109 -51.54 -16.50 13.33
N GLY D 110 -50.67 -16.42 14.34
CA GLY D 110 -50.37 -17.64 15.14
C GLY D 110 -51.60 -18.22 15.83
N ARG D 111 -52.47 -17.36 16.38
CA ARG D 111 -53.75 -17.87 16.97
C ARG D 111 -54.64 -18.54 15.93
N LEU D 112 -54.73 -17.99 14.72
CA LEU D 112 -55.50 -18.65 13.65
C LEU D 112 -54.92 -20.03 13.33
N CYS D 113 -53.58 -20.14 13.24
CA CYS D 113 -52.98 -21.45 13.05
C CYS D 113 -53.31 -22.46 14.16
N ASP D 114 -53.20 -22.03 15.43
CA ASP D 114 -53.52 -22.95 16.54
C ASP D 114 -54.97 -23.38 16.52
N THR D 115 -55.85 -22.46 16.17
CA THR D 115 -57.26 -22.76 16.05
C THR D 115 -57.52 -23.84 15.04
N LEU D 116 -56.90 -23.69 13.86
CA LEU D 116 -57.03 -24.74 12.84
C LEU D 116 -56.43 -26.06 13.20
N ILE D 117 -55.29 -26.00 13.84
CA ILE D 117 -54.69 -27.22 14.25
C ILE D 117 -55.54 -27.86 15.40
N ASP D 118 -55.98 -27.06 16.38
CA ASP D 118 -56.91 -27.63 17.44
C ASP D 118 -58.12 -28.38 16.85
N ALA D 119 -58.64 -27.93 15.70
CA ALA D 119 -59.77 -28.59 15.09
C ALA D 119 -59.47 -30.04 14.62
N VAL D 120 -58.21 -30.39 14.42
CA VAL D 120 -57.85 -31.71 13.88
C VAL D 120 -56.92 -32.59 14.73
N CYS D 121 -56.28 -31.99 15.73
CA CYS D 121 -55.16 -32.65 16.35
C CYS D 121 -55.59 -33.88 17.17
N GLU D 122 -56.84 -33.95 17.63
CA GLU D 122 -57.33 -35.15 18.35
C GLU D 122 -57.70 -36.29 17.39
N ARG D 123 -57.91 -35.95 16.12
N ARG D 123 -57.91 -35.92 16.12
CA ARG D 123 -58.43 -36.91 15.14
CA ARG D 123 -58.41 -36.84 15.11
C ARG D 123 -57.35 -37.89 14.65
C ARG D 123 -57.36 -37.86 14.63
N GLY D 124 -56.09 -37.46 14.63
CA GLY D 124 -55.01 -38.27 14.06
C GLY D 124 -54.98 -38.32 12.53
N GLU D 125 -55.85 -37.54 11.89
CA GLU D 125 -55.99 -37.53 10.43
C GLU D 125 -56.71 -36.26 10.00
N CYS D 126 -56.45 -35.86 8.76
CA CYS D 126 -57.18 -34.73 8.20
C CYS D 126 -56.77 -34.64 6.75
N ASP D 127 -57.50 -33.83 6.00
CA ASP D 127 -57.06 -33.41 4.66
C ASP D 127 -56.28 -32.06 4.84
N PHE D 128 -54.98 -32.11 4.56
CA PHE D 128 -54.11 -30.97 4.75
C PHE D 128 -54.58 -29.79 3.90
N VAL D 129 -55.13 -30.08 2.71
CA VAL D 129 -55.65 -28.96 1.87
C VAL D 129 -56.88 -28.31 2.55
N ARG D 130 -57.91 -29.12 2.78
N ARG D 130 -57.94 -29.09 2.77
CA ARG D 130 -59.18 -28.60 3.26
CA ARG D 130 -59.18 -28.51 3.26
C ARG D 130 -59.08 -28.02 4.69
C ARG D 130 -59.10 -28.00 4.71
N ASP D 131 -58.32 -28.70 5.54
CA ASP D 131 -58.32 -28.45 7.00
C ASP D 131 -57.26 -27.45 7.47
N ILE D 132 -56.24 -27.21 6.64
CA ILE D 132 -55.11 -26.42 7.13
C ILE D 132 -54.66 -25.35 6.12
N ALA D 133 -54.34 -25.80 4.93
CA ALA D 133 -53.64 -24.98 3.93
C ALA D 133 -54.61 -23.91 3.33
N ALA D 134 -55.84 -24.31 2.94
CA ALA D 134 -56.82 -23.38 2.35
C ALA D 134 -57.39 -22.39 3.39
N PRO D 135 -57.80 -22.89 4.62
CA PRO D 135 -58.41 -21.94 5.50
C PRO D 135 -57.51 -20.90 6.16
N LEU D 136 -56.22 -21.18 6.33
CA LEU D 136 -55.44 -20.22 7.10
C LEU D 136 -55.26 -18.91 6.27
N PRO D 137 -54.88 -19.01 4.99
CA PRO D 137 -54.66 -17.69 4.32
C PRO D 137 -55.99 -17.00 4.12
N MET D 138 -57.09 -17.77 3.99
CA MET D 138 -58.40 -17.09 3.85
C MET D 138 -58.75 -16.24 5.08
N ALA D 139 -58.55 -16.80 6.25
CA ALA D 139 -58.81 -16.09 7.50
C ALA D 139 -57.92 -14.89 7.62
N VAL D 140 -56.65 -15.04 7.25
CA VAL D 140 -55.78 -13.87 7.37
C VAL D 140 -56.21 -12.73 6.45
N ILE D 141 -56.41 -13.00 5.14
CA ILE D 141 -56.77 -11.91 4.22
C ILE D 141 -58.19 -11.39 4.54
N GLY D 142 -59.03 -12.32 5.01
CA GLY D 142 -60.36 -11.97 5.46
C GLY D 142 -60.33 -10.90 6.56
N ASP D 143 -59.47 -11.11 7.57
CA ASP D 143 -59.38 -10.14 8.68
C ASP D 143 -58.83 -8.80 8.17
N MET D 144 -57.85 -8.85 7.28
CA MET D 144 -57.33 -7.62 6.67
C MET D 144 -58.33 -6.87 5.86
N LEU D 145 -59.15 -7.58 5.07
CA LEU D 145 -60.20 -6.95 4.32
C LEU D 145 -61.33 -6.41 5.20
N GLY D 146 -61.56 -7.06 6.32
CA GLY D 146 -62.64 -6.68 7.25
C GLY D 146 -63.87 -7.51 7.01
N VAL D 147 -63.71 -8.76 6.58
CA VAL D 147 -64.91 -9.63 6.45
C VAL D 147 -65.17 -10.44 7.72
N LEU D 148 -66.45 -10.73 8.02
CA LEU D 148 -66.74 -11.36 9.31
C LEU D 148 -66.24 -12.79 9.18
N PRO D 149 -65.84 -13.37 10.31
CA PRO D 149 -65.45 -14.75 10.29
C PRO D 149 -66.51 -15.61 9.65
N THR D 150 -67.79 -15.28 9.87
CA THR D 150 -68.86 -16.09 9.33
C THR D 150 -69.02 -15.90 7.83
N GLU D 151 -68.39 -14.86 7.27
CA GLU D 151 -68.41 -14.67 5.79
C GLU D 151 -67.22 -15.34 5.07
N ARG D 152 -66.28 -15.95 5.80
CA ARG D 152 -65.02 -16.49 5.20
C ARG D 152 -65.27 -17.60 4.25
N ASP D 153 -66.06 -18.61 4.67
CA ASP D 153 -66.27 -19.80 3.82
C ASP D 153 -66.94 -19.47 2.51
N MET D 154 -67.89 -18.53 2.54
CA MET D 154 -68.66 -18.14 1.36
C MET D 154 -67.73 -17.45 0.39
N LEU D 155 -66.88 -16.54 0.90
CA LEU D 155 -65.87 -15.91 0.00
C LEU D 155 -64.85 -16.88 -0.52
N LEU D 156 -64.49 -17.86 0.28
CA LEU D 156 -63.53 -18.81 -0.22
C LEU D 156 -64.07 -19.69 -1.36
N LYS D 157 -65.34 -20.15 -1.21
CA LYS D 157 -66.00 -20.84 -2.28
C LYS D 157 -66.15 -20.03 -3.56
N TRP D 158 -66.53 -18.74 -3.41
CA TRP D 158 -66.60 -17.89 -4.60
C TRP D 158 -65.21 -17.85 -5.24
N SER D 159 -64.20 -17.61 -4.41
CA SER D 159 -62.83 -17.49 -4.93
C SER D 159 -62.39 -18.74 -5.72
N ASP D 160 -62.69 -19.94 -5.14
CA ASP D 160 -62.47 -21.24 -5.80
C ASP D 160 -63.21 -21.35 -7.10
N ASP D 161 -64.48 -20.94 -7.10
CA ASP D 161 -65.26 -21.12 -8.34
C ASP D 161 -64.80 -20.14 -9.44
N LEU D 162 -64.26 -18.97 -9.05
CA LEU D 162 -63.59 -18.07 -10.01
C LEU D 162 -62.32 -18.70 -10.66
N VAL D 163 -61.33 -19.09 -9.87
CA VAL D 163 -60.04 -19.50 -10.43
C VAL D 163 -60.09 -20.95 -10.99
N CYS D 164 -61.03 -21.76 -10.52
CA CYS D 164 -61.22 -23.12 -11.15
C CYS D 164 -61.93 -23.08 -12.51
N GLY D 165 -62.54 -21.94 -12.87
CA GLY D 165 -63.06 -21.78 -14.26
C GLY D 165 -62.08 -21.27 -15.30
N LEU D 166 -60.79 -21.19 -14.93
CA LEU D 166 -59.79 -20.61 -15.80
C LEU D 166 -59.08 -21.76 -16.48
N SER D 167 -59.63 -22.20 -17.62
CA SER D 167 -59.04 -23.28 -18.40
C SER D 167 -59.75 -23.25 -19.72
N SER D 168 -59.04 -23.50 -20.80
CA SER D 168 -59.73 -23.66 -22.08
C SER D 168 -60.46 -25.05 -22.12
N HIS D 169 -60.33 -25.91 -21.10
CA HIS D 169 -60.88 -27.27 -21.12
C HIS D 169 -62.21 -27.32 -20.35
N VAL D 170 -62.57 -26.25 -19.59
CA VAL D 170 -63.80 -26.32 -18.78
C VAL D 170 -65.03 -26.10 -19.62
N ASP D 171 -66.18 -26.63 -19.15
CA ASP D 171 -67.36 -26.55 -20.02
C ASP D 171 -68.11 -25.22 -19.82
N GLU D 172 -69.15 -24.99 -20.61
CA GLU D 172 -69.84 -23.71 -20.51
C GLU D 172 -70.51 -23.61 -19.14
N ALA D 173 -70.72 -24.76 -18.46
CA ALA D 173 -71.30 -24.68 -17.11
C ALA D 173 -70.31 -23.98 -16.18
N ALA D 174 -69.02 -24.39 -16.30
CA ALA D 174 -68.00 -23.86 -15.42
C ALA D 174 -67.83 -22.33 -15.69
N ILE D 175 -68.06 -21.88 -16.93
CA ILE D 175 -67.80 -20.50 -17.28
C ILE D 175 -68.97 -19.71 -16.74
N GLN D 176 -70.16 -20.32 -16.83
CA GLN D 176 -71.35 -19.58 -16.34
C GLN D 176 -71.25 -19.44 -14.83
N LYS D 177 -70.71 -20.46 -14.17
CA LYS D 177 -70.48 -20.47 -12.73
C LYS D 177 -69.49 -19.37 -12.31
N LEU D 178 -68.49 -19.17 -13.16
CA LEU D 178 -67.49 -18.14 -12.97
C LEU D 178 -68.19 -16.77 -13.09
N MET D 179 -69.00 -16.61 -14.14
CA MET D 179 -69.71 -15.32 -14.31
C MET D 179 -70.75 -14.99 -13.20
N ASP D 180 -71.55 -16.00 -12.85
CA ASP D 180 -72.56 -15.91 -11.78
C ASP D 180 -71.88 -15.58 -10.47
N THR D 181 -70.69 -16.15 -10.24
CA THR D 181 -69.95 -15.93 -8.97
C THR D 181 -69.44 -14.49 -8.94
N PHE D 182 -68.96 -14.02 -10.10
CA PHE D 182 -68.48 -12.67 -10.17
C PHE D 182 -69.67 -11.70 -9.99
N ALA D 183 -70.84 -12.08 -10.48
CA ALA D 183 -71.98 -11.19 -10.28
C ALA D 183 -72.29 -11.11 -8.81
N ALA D 184 -72.28 -12.24 -8.10
CA ALA D 184 -72.53 -12.19 -6.64
C ALA D 184 -71.47 -11.39 -5.88
N TYR D 185 -70.21 -11.57 -6.26
CA TYR D 185 -69.15 -10.82 -5.64
C TYR D 185 -69.36 -9.31 -5.85
N THR D 186 -69.76 -8.96 -7.05
CA THR D 186 -70.08 -7.55 -7.41
C THR D 186 -71.17 -6.97 -6.47
N GLU D 187 -72.24 -7.72 -6.26
CA GLU D 187 -73.31 -7.28 -5.33
C GLU D 187 -72.86 -7.20 -3.89
N PHE D 188 -72.04 -8.18 -3.48
CA PHE D 188 -71.47 -8.20 -2.16
C PHE D 188 -70.65 -6.93 -1.99
N THR D 189 -69.89 -6.54 -3.01
CA THR D 189 -68.96 -5.41 -2.86
C THR D 189 -69.75 -4.12 -2.85
N LYS D 190 -70.82 -4.13 -3.64
CA LYS D 190 -71.66 -2.90 -3.69
C LYS D 190 -72.22 -2.58 -2.29
N ASP D 191 -72.59 -3.63 -1.55
CA ASP D 191 -73.02 -3.48 -0.13
C ASP D 191 -71.88 -3.05 0.78
N VAL D 192 -70.68 -3.57 0.51
CA VAL D 192 -69.51 -3.19 1.33
C VAL D 192 -69.29 -1.70 1.09
N ILE D 193 -69.40 -1.26 -0.16
CA ILE D 193 -69.27 0.18 -0.50
C ILE D 193 -70.28 1.06 0.34
N THR D 194 -71.55 0.65 0.38
CA THR D 194 -72.54 1.34 1.24
C THR D 194 -72.09 1.38 2.69
N LYS D 195 -71.66 0.25 3.22
CA LYS D 195 -71.24 0.18 4.62
C LYS D 195 -70.03 1.08 4.90
N ARG D 196 -68.98 0.98 4.09
CA ARG D 196 -67.76 1.65 4.40
C ARG D 196 -67.83 3.15 4.09
N ARG D 197 -68.67 3.59 3.16
CA ARG D 197 -68.83 5.03 2.97
C ARG D 197 -69.47 5.66 4.23
N ALA D 198 -70.49 4.96 4.78
CA ALA D 198 -71.18 5.48 5.97
C ALA D 198 -70.50 5.20 7.29
N GLU D 199 -69.81 4.06 7.41
CA GLU D 199 -69.14 3.64 8.64
C GLU D 199 -67.71 3.17 8.32
N PRO D 200 -66.82 4.11 8.09
CA PRO D 200 -65.46 3.70 7.78
C PRO D 200 -64.76 2.99 8.95
N THR D 201 -63.77 2.16 8.59
CA THR D 201 -63.04 1.34 9.54
C THR D 201 -61.55 1.41 9.15
N ASP D 202 -60.76 0.55 9.79
CA ASP D 202 -59.30 0.48 9.61
C ASP D 202 -58.93 -0.55 8.53
N ASP D 203 -59.94 -1.19 7.88
CA ASP D 203 -59.66 -2.37 7.01
C ASP D 203 -59.44 -2.01 5.55
N LEU D 204 -59.07 -2.99 4.73
CA LEU D 204 -58.68 -2.73 3.36
C LEU D 204 -59.88 -2.47 2.51
N PHE D 205 -61.01 -3.08 2.83
CA PHE D 205 -62.22 -2.70 2.17
C PHE D 205 -62.48 -1.21 2.29
N SER D 206 -62.36 -0.73 3.51
CA SER D 206 -62.55 0.69 3.78
C SER D 206 -61.55 1.57 3.08
N VAL D 207 -60.28 1.19 3.05
CA VAL D 207 -59.23 1.99 2.43
C VAL D 207 -59.64 2.18 0.93
N LEU D 208 -60.07 1.11 0.28
CA LEU D 208 -60.34 1.16 -1.18
C LEU D 208 -61.63 1.90 -1.48
N VAL D 209 -62.66 1.62 -0.67
CA VAL D 209 -64.00 2.22 -0.87
C VAL D 209 -63.87 3.76 -0.77
N ASN D 210 -63.03 4.21 0.13
CA ASN D 210 -62.96 5.63 0.44
C ASN D 210 -61.83 6.36 -0.26
N SER D 211 -61.15 5.67 -1.19
CA SER D 211 -59.91 6.19 -1.72
C SER D 211 -60.22 7.11 -2.93
N GLU D 212 -59.25 7.95 -3.28
CA GLU D 212 -59.35 8.79 -4.46
C GLU D 212 -58.26 8.39 -5.40
N VAL D 213 -58.56 8.41 -6.68
CA VAL D 213 -57.54 8.18 -7.67
C VAL D 213 -57.67 9.11 -8.87
N GLU D 214 -56.56 9.74 -9.26
CA GLU D 214 -56.49 10.62 -10.46
C GLU D 214 -57.73 11.53 -10.46
N GLY D 215 -57.93 12.20 -9.33
CA GLY D 215 -58.84 13.30 -9.26
C GLY D 215 -60.28 12.97 -8.90
N GLN D 216 -60.62 11.68 -8.78
CA GLN D 216 -61.99 11.32 -8.40
C GLN D 216 -61.98 10.15 -7.36
N ARG D 217 -63.08 9.94 -6.65
CA ARG D 217 -63.28 8.74 -5.80
C ARG D 217 -63.07 7.52 -6.69
N MET D 218 -62.47 6.45 -6.16
CA MET D 218 -62.32 5.24 -6.96
C MET D 218 -63.71 4.79 -7.43
N SER D 219 -63.88 4.37 -8.70
CA SER D 219 -65.19 3.96 -9.21
C SER D 219 -65.68 2.71 -8.50
N ASP D 220 -67.00 2.41 -8.56
CA ASP D 220 -67.52 1.19 -7.98
C ASP D 220 -66.90 0.01 -8.68
N ASP D 221 -66.82 0.12 -10.01
CA ASP D 221 -66.24 -0.90 -10.87
C ASP D 221 -64.79 -1.20 -10.44
N GLU D 222 -63.94 -0.16 -10.32
CA GLU D 222 -62.58 -0.37 -9.84
C GLU D 222 -62.47 -0.93 -8.42
N ILE D 223 -63.34 -0.46 -7.53
CA ILE D 223 -63.38 -1.03 -6.16
C ILE D 223 -63.65 -2.60 -6.22
N VAL D 224 -64.59 -3.04 -7.06
CA VAL D 224 -64.92 -4.45 -7.14
C VAL D 224 -63.66 -5.21 -7.58
N PHE D 225 -62.98 -4.73 -8.63
CA PHE D 225 -61.80 -5.44 -9.13
C PHE D 225 -60.59 -5.36 -8.21
N GLU D 226 -60.34 -4.21 -7.55
CA GLU D 226 -59.16 -4.09 -6.64
C GLU D 226 -59.37 -4.96 -5.41
N THR D 227 -60.59 -4.95 -4.87
CA THR D 227 -60.84 -5.81 -3.70
C THR D 227 -60.79 -7.28 -4.07
N LEU D 228 -61.21 -7.60 -5.29
CA LEU D 228 -61.17 -9.02 -5.66
C LEU D 228 -59.73 -9.51 -5.88
N LEU D 229 -58.93 -8.67 -6.50
CA LEU D 229 -57.48 -8.90 -6.62
C LEU D 229 -56.83 -9.23 -5.25
N ILE D 230 -57.11 -8.40 -4.25
CA ILE D 230 -56.54 -8.70 -2.94
C ILE D 230 -57.10 -9.99 -2.37
N LEU D 231 -58.40 -10.19 -2.50
CA LEU D 231 -59.00 -11.43 -2.00
C LEU D 231 -58.39 -12.66 -2.61
N ILE D 232 -58.31 -12.72 -3.94
CA ILE D 232 -57.82 -13.94 -4.62
C ILE D 232 -56.29 -14.10 -4.44
N GLY D 233 -55.60 -12.98 -4.53
CA GLY D 233 -54.19 -13.00 -4.11
C GLY D 233 -53.95 -13.63 -2.75
N GLY D 234 -54.75 -13.21 -1.79
CA GLY D 234 -54.72 -13.76 -0.42
C GLY D 234 -55.14 -15.23 -0.34
N ASP D 235 -56.17 -15.66 -1.11
CA ASP D 235 -56.83 -16.91 -0.75
C ASP D 235 -56.65 -18.03 -1.80
N GLU D 236 -55.89 -17.79 -2.86
CA GLU D 236 -55.73 -18.85 -3.84
C GLU D 236 -54.24 -19.08 -4.23
N THR D 237 -53.34 -18.70 -3.34
CA THR D 237 -51.89 -18.71 -3.65
C THR D 237 -51.20 -19.46 -2.54
N THR D 238 -51.10 -18.83 -1.38
CA THR D 238 -50.27 -19.38 -0.28
C THR D 238 -50.70 -20.83 0.05
N ARG D 239 -52.02 -21.04 -0.01
CA ARG D 239 -52.56 -22.40 0.25
C ARG D 239 -51.75 -23.45 -0.52
N HIS D 240 -51.39 -23.14 -1.78
CA HIS D 240 -50.70 -24.17 -2.58
C HIS D 240 -49.24 -24.37 -2.16
N THR D 241 -48.62 -23.33 -1.64
CA THR D 241 -47.25 -23.46 -1.18
C THR D 241 -47.30 -24.19 0.16
N LEU D 242 -48.32 -23.93 0.96
CA LEU D 242 -48.49 -24.76 2.21
C LEU D 242 -48.69 -26.24 1.89
N SER D 243 -49.65 -26.55 1.02
CA SER D 243 -49.97 -27.95 0.75
C SER D 243 -48.89 -28.67 -0.12
N GLY D 244 -48.58 -28.16 -1.30
CA GLY D 244 -47.51 -28.73 -2.09
C GLY D 244 -46.12 -28.67 -1.40
N GLY D 245 -45.84 -27.59 -0.65
CA GLY D 245 -44.60 -27.45 0.09
C GLY D 245 -44.42 -28.50 1.17
N THR D 246 -45.45 -28.61 1.98
CA THR D 246 -45.41 -29.63 3.04
C THR D 246 -45.35 -31.04 2.39
N GLU D 247 -46.03 -31.24 1.25
CA GLU D 247 -45.93 -32.52 0.56
C GLU D 247 -44.45 -32.91 0.39
N GLN D 248 -43.65 -31.96 -0.15
CA GLN D 248 -42.24 -32.27 -0.43
C GLN D 248 -41.45 -32.52 0.85
N LEU D 249 -41.76 -31.77 1.91
CA LEU D 249 -41.18 -32.09 3.22
C LEU D 249 -41.47 -33.51 3.64
N LEU D 250 -42.72 -33.95 3.50
CA LEU D 250 -43.10 -35.34 3.85
C LEU D 250 -42.43 -36.35 2.95
N ARG D 251 -42.22 -36.01 1.69
CA ARG D 251 -41.54 -36.96 0.83
C ARG D 251 -40.00 -37.03 0.99
N HIS D 252 -39.43 -36.08 1.73
CA HIS D 252 -38.01 -35.99 2.00
C HIS D 252 -37.84 -35.97 3.51
N ARG D 253 -38.06 -37.14 4.11
CA ARG D 253 -38.09 -37.26 5.60
C ARG D 253 -36.83 -36.74 6.30
N ASP D 254 -35.64 -36.85 5.67
CA ASP D 254 -34.45 -36.26 6.28
C ASP D 254 -34.60 -34.74 6.41
N GLN D 255 -35.20 -34.11 5.40
CA GLN D 255 -35.45 -32.65 5.51
C GLN D 255 -36.55 -32.31 6.53
N TRP D 256 -37.64 -33.09 6.57
CA TRP D 256 -38.64 -32.93 7.61
C TRP D 256 -37.96 -33.04 8.99
N ASP D 257 -37.16 -34.08 9.15
CA ASP D 257 -36.47 -34.30 10.44
C ASP D 257 -35.52 -33.18 10.81
N ALA D 258 -34.78 -32.70 9.83
CA ALA D 258 -33.88 -31.56 10.08
C ALA D 258 -34.66 -30.34 10.57
N LEU D 259 -35.87 -30.11 10.03
CA LEU D 259 -36.67 -28.94 10.51
C LEU D 259 -37.21 -29.14 11.95
N VAL D 260 -37.61 -30.36 12.24
CA VAL D 260 -38.17 -30.73 13.55
C VAL D 260 -37.09 -30.46 14.59
N ALA D 261 -35.85 -30.88 14.26
CA ALA D 261 -34.71 -30.62 15.15
C ALA D 261 -34.18 -29.18 15.19
N ASP D 262 -34.31 -28.39 14.11
CA ASP D 262 -33.76 -27.04 14.17
C ASP D 262 -34.67 -26.16 13.37
N VAL D 263 -35.57 -25.46 14.06
CA VAL D 263 -36.50 -24.52 13.37
C VAL D 263 -35.80 -23.36 12.65
N ASP D 264 -34.51 -23.10 12.95
CA ASP D 264 -33.79 -22.02 12.31
C ASP D 264 -33.64 -22.31 10.82
N LEU D 265 -33.86 -23.56 10.41
CA LEU D 265 -33.74 -23.88 8.97
C LEU D 265 -35.03 -23.53 8.24
N LEU D 266 -36.06 -23.16 8.99
CA LEU D 266 -37.37 -22.96 8.33
C LEU D 266 -37.43 -21.83 7.25
N PRO D 267 -36.74 -20.67 7.49
CA PRO D 267 -36.83 -19.63 6.43
C PRO D 267 -36.30 -20.17 5.09
N GLY D 268 -35.19 -20.94 5.07
CA GLY D 268 -34.73 -21.36 3.77
C GLY D 268 -35.67 -22.40 3.19
N ALA D 269 -36.31 -23.20 4.08
CA ALA D 269 -37.20 -24.24 3.66
C ALA D 269 -38.38 -23.59 2.92
N ILE D 270 -38.88 -22.47 3.42
CA ILE D 270 -40.07 -21.83 2.84
C ILE D 270 -39.72 -21.31 1.42
N GLU D 271 -38.51 -20.82 1.22
CA GLU D 271 -38.12 -20.36 -0.16
C GLU D 271 -38.15 -21.53 -1.14
N GLU D 272 -37.66 -22.67 -0.70
CA GLU D 272 -37.73 -23.88 -1.57
C GLU D 272 -39.16 -24.41 -1.82
N MET D 273 -39.99 -24.32 -0.80
CA MET D 273 -41.43 -24.60 -0.92
C MET D 273 -42.12 -23.64 -1.98
N LEU D 274 -41.73 -22.38 -1.95
CA LEU D 274 -42.17 -21.39 -2.94
C LEU D 274 -41.70 -21.74 -4.34
N ARG D 275 -40.36 -21.95 -4.49
CA ARG D 275 -39.83 -22.27 -5.82
C ARG D 275 -40.49 -23.53 -6.43
N TRP D 276 -40.65 -24.57 -5.61
CA TRP D 276 -41.12 -25.86 -6.11
C TRP D 276 -42.60 -25.78 -6.48
N THR D 277 -43.37 -25.08 -5.66
CA THR D 277 -44.84 -25.08 -5.90
C THR D 277 -45.29 -24.08 -6.97
N SER D 278 -44.59 -22.96 -7.04
CA SER D 278 -44.90 -21.92 -8.04
C SER D 278 -46.40 -21.78 -8.27
N PRO D 279 -47.16 -21.37 -7.22
CA PRO D 279 -48.66 -21.46 -7.25
C PRO D 279 -49.23 -20.63 -8.46
N VAL D 280 -48.63 -19.46 -8.78
CA VAL D 280 -49.01 -18.70 -9.95
C VAL D 280 -48.17 -19.22 -11.12
N LYS D 281 -48.86 -19.82 -12.10
CA LYS D 281 -48.20 -20.50 -13.15
C LYS D 281 -47.77 -19.53 -14.26
N ASN D 282 -48.50 -18.43 -14.45
CA ASN D 282 -48.17 -17.44 -15.48
C ASN D 282 -48.93 -16.17 -15.24
N MET D 283 -48.46 -15.08 -15.89
CA MET D 283 -49.09 -13.77 -15.97
C MET D 283 -48.72 -13.28 -17.37
N CYS D 284 -49.68 -12.72 -18.04
CA CYS D 284 -49.41 -12.16 -19.37
C CYS D 284 -48.87 -10.78 -19.33
N ARG D 285 -48.07 -10.44 -20.36
CA ARG D 285 -47.81 -9.09 -20.72
C ARG D 285 -48.24 -8.88 -22.15
N THR D 286 -48.48 -7.60 -22.54
CA THR D 286 -48.90 -7.28 -23.94
C THR D 286 -47.78 -6.47 -24.57
N LEU D 287 -47.33 -6.95 -25.72
CA LEU D 287 -46.26 -6.23 -26.44
C LEU D 287 -46.78 -4.84 -26.94
N THR D 288 -45.95 -3.80 -26.77
CA THR D 288 -46.38 -2.45 -27.20
C THR D 288 -45.69 -2.07 -28.55
N ALA D 289 -44.79 -2.95 -29.05
CA ALA D 289 -44.07 -2.71 -30.32
C ALA D 289 -43.68 -4.07 -30.86
N ASP D 290 -43.48 -4.14 -32.17
CA ASP D 290 -42.94 -5.34 -32.82
C ASP D 290 -41.50 -5.53 -32.31
N THR D 291 -41.10 -6.77 -32.05
CA THR D 291 -39.75 -6.96 -31.56
C THR D 291 -39.28 -8.39 -31.80
N VAL D 292 -38.04 -8.65 -31.47
CA VAL D 292 -37.53 -10.01 -31.43
C VAL D 292 -36.97 -10.16 -30.04
N PHE D 293 -37.47 -11.17 -29.35
CA PHE D 293 -37.22 -11.34 -27.92
C PHE D 293 -36.77 -12.77 -27.65
N HIS D 294 -35.51 -12.90 -27.25
CA HIS D 294 -34.90 -14.21 -27.04
C HIS D 294 -35.10 -15.11 -28.22
N GLY D 295 -35.04 -14.53 -29.43
CA GLY D 295 -35.12 -15.36 -30.61
C GLY D 295 -36.49 -15.49 -31.33
N THR D 296 -37.53 -14.96 -30.72
CA THR D 296 -38.86 -15.13 -31.28
C THR D 296 -39.41 -13.80 -31.69
N GLU D 297 -39.88 -13.70 -32.95
CA GLU D 297 -40.46 -12.45 -33.41
C GLU D 297 -41.81 -12.30 -32.77
N LEU D 298 -42.08 -11.14 -32.15
CA LEU D 298 -43.38 -10.86 -31.50
C LEU D 298 -44.02 -9.62 -32.15
N ARG D 299 -45.33 -9.63 -32.30
CA ARG D 299 -46.05 -8.43 -32.74
C ARG D 299 -46.65 -7.52 -31.69
N ALA D 300 -46.57 -6.21 -31.92
CA ALA D 300 -47.26 -5.27 -31.03
C ALA D 300 -48.71 -5.70 -30.93
N GLY D 301 -49.18 -5.86 -29.69
CA GLY D 301 -50.60 -6.14 -29.45
C GLY D 301 -50.81 -7.58 -28.99
N GLU D 302 -49.88 -8.49 -29.27
CA GLU D 302 -50.09 -9.88 -28.83
C GLU D 302 -49.60 -10.05 -27.40
N LYS D 303 -49.99 -11.15 -26.77
CA LYS D 303 -49.61 -11.34 -25.39
C LYS D 303 -48.46 -12.32 -25.31
N ILE D 304 -47.71 -12.22 -24.24
CA ILE D 304 -46.74 -13.29 -23.95
C ILE D 304 -46.95 -13.75 -22.51
N MET D 305 -46.89 -15.06 -22.31
CA MET D 305 -47.08 -15.60 -20.94
C MET D 305 -45.74 -15.69 -20.22
N LEU D 306 -45.63 -15.07 -19.05
CA LEU D 306 -44.42 -15.23 -18.25
C LEU D 306 -44.60 -16.55 -17.47
N MET D 307 -43.78 -17.55 -17.77
CA MET D 307 -44.00 -18.89 -17.21
C MET D 307 -43.19 -19.08 -15.92
N PHE D 308 -43.76 -18.81 -14.77
CA PHE D 308 -42.92 -18.65 -13.57
C PHE D 308 -42.40 -19.96 -13.06
N GLU D 309 -43.17 -21.04 -13.21
CA GLU D 309 -42.67 -22.33 -12.84
C GLU D 309 -41.56 -22.78 -13.76
N SER D 310 -41.69 -22.50 -15.07
CA SER D 310 -40.60 -22.85 -16.01
C SER D 310 -39.31 -22.17 -15.60
N ALA D 311 -39.42 -20.90 -15.19
CA ALA D 311 -38.21 -20.14 -14.86
C ALA D 311 -37.62 -20.73 -13.57
N ASN D 312 -38.50 -21.16 -12.66
CA ASN D 312 -38.12 -21.68 -11.32
C ASN D 312 -37.43 -23.01 -11.43
N PHE D 313 -37.50 -23.59 -12.62
CA PHE D 313 -36.87 -24.92 -12.91
C PHE D 313 -35.74 -24.82 -13.90
N ASP D 314 -35.20 -23.63 -14.00
CA ASP D 314 -34.25 -23.29 -15.11
C ASP D 314 -32.88 -23.80 -14.59
N GLU D 315 -32.34 -24.82 -15.26
CA GLU D 315 -31.03 -25.40 -14.86
C GLU D 315 -29.90 -24.41 -14.88
N SER D 316 -29.93 -23.43 -15.78
CA SER D 316 -28.79 -22.51 -15.79
C SER D 316 -28.72 -21.60 -14.53
N VAL D 317 -29.87 -21.38 -13.88
CA VAL D 317 -29.94 -20.65 -12.66
C VAL D 317 -29.79 -21.51 -11.46
N PHE D 318 -30.51 -22.63 -11.41
CA PHE D 318 -30.57 -23.41 -10.15
C PHE D 318 -29.58 -24.58 -10.05
N GLY D 319 -29.01 -25.02 -11.17
CA GLY D 319 -28.01 -26.11 -11.19
C GLY D 319 -28.74 -27.45 -11.14
N ASP D 320 -29.40 -27.75 -10.00
CA ASP D 320 -30.20 -28.95 -9.80
C ASP D 320 -31.65 -28.64 -9.37
N PRO D 321 -32.39 -27.98 -10.25
CA PRO D 321 -33.76 -27.57 -9.92
C PRO D 321 -34.72 -28.75 -9.71
N ASP D 322 -34.40 -29.92 -10.25
CA ASP D 322 -35.30 -31.05 -10.05
C ASP D 322 -35.16 -31.77 -8.68
N ASN D 323 -34.18 -31.39 -7.87
CA ASN D 323 -34.07 -31.84 -6.48
C ASN D 323 -34.80 -30.82 -5.57
N PHE D 324 -35.65 -31.29 -4.66
CA PHE D 324 -36.24 -30.40 -3.64
C PHE D 324 -35.24 -30.41 -2.47
N ARG D 325 -34.69 -29.24 -2.11
CA ARG D 325 -33.70 -29.07 -1.03
C ARG D 325 -34.04 -27.84 -0.24
N ILE D 326 -34.40 -28.06 1.00
CA ILE D 326 -34.49 -26.96 1.91
C ILE D 326 -33.25 -26.10 2.19
N ASP D 327 -32.07 -26.65 1.95
CA ASP D 327 -30.86 -25.94 2.13
C ASP D 327 -30.43 -25.19 0.88
N ARG D 328 -31.30 -25.10 -0.13
CA ARG D 328 -30.92 -24.40 -1.37
C ARG D 328 -30.65 -22.96 -1.03
N ASN D 329 -29.40 -22.50 -1.26
CA ASN D 329 -28.99 -21.16 -0.82
C ASN D 329 -27.84 -20.59 -1.70
N PRO D 330 -28.05 -19.44 -2.39
CA PRO D 330 -29.33 -18.66 -2.40
C PRO D 330 -30.40 -19.35 -3.25
N ASN D 331 -31.61 -18.86 -3.09
CA ASN D 331 -32.74 -19.45 -3.78
C ASN D 331 -33.44 -18.28 -4.53
N SER D 332 -32.98 -17.95 -5.70
CA SER D 332 -33.49 -16.73 -6.34
C SER D 332 -34.73 -16.97 -7.19
N HIS D 333 -35.67 -17.74 -6.64
CA HIS D 333 -36.85 -18.12 -7.40
C HIS D 333 -37.65 -16.86 -7.77
N VAL D 334 -38.57 -16.98 -8.74
CA VAL D 334 -39.48 -15.88 -9.07
C VAL D 334 -40.93 -16.26 -8.91
N ALA D 335 -41.22 -16.97 -7.79
CA ALA D 335 -42.64 -17.42 -7.57
C ALA D 335 -43.50 -16.17 -7.38
N PHE D 336 -42.90 -15.11 -6.86
CA PHE D 336 -43.62 -13.82 -6.64
C PHE D 336 -43.50 -12.84 -7.79
N GLY D 337 -42.99 -13.31 -8.94
CA GLY D 337 -42.70 -12.37 -10.04
C GLY D 337 -41.52 -11.43 -9.76
N PHE D 338 -41.53 -10.24 -10.37
CA PHE D 338 -40.37 -9.39 -10.34
C PHE D 338 -40.73 -8.06 -10.96
N GLY D 339 -40.12 -6.98 -10.48
CA GLY D 339 -40.35 -5.68 -11.11
C GLY D 339 -41.52 -4.89 -10.55
N THR D 340 -42.14 -4.05 -11.35
CA THR D 340 -43.13 -3.13 -10.71
C THR D 340 -44.34 -3.88 -10.09
N HIS D 341 -44.73 -4.99 -10.70
CA HIS D 341 -45.82 -5.80 -10.16
C HIS D 341 -45.47 -6.85 -9.10
N PHE D 342 -44.24 -6.83 -8.61
CA PHE D 342 -43.74 -7.89 -7.67
C PHE D 342 -44.73 -8.04 -6.55
N CYS D 343 -45.08 -9.28 -6.24
CA CYS D 343 -46.22 -9.56 -5.37
C CYS D 343 -46.35 -8.62 -4.12
N LEU D 344 -47.48 -7.96 -4.02
CA LEU D 344 -47.83 -7.03 -2.91
C LEU D 344 -47.79 -7.85 -1.62
N GLY D 345 -48.33 -9.07 -1.68
CA GLY D 345 -48.48 -9.88 -0.48
C GLY D 345 -47.33 -10.74 -0.09
N ASN D 346 -46.16 -10.53 -0.68
CA ASN D 346 -45.07 -11.53 -0.54
C ASN D 346 -44.60 -11.71 0.91
N GLN D 347 -44.61 -10.62 1.68
CA GLN D 347 -44.16 -10.74 3.08
C GLN D 347 -45.26 -11.36 3.93
N LEU D 348 -46.51 -11.01 3.63
CA LEU D 348 -47.64 -11.68 4.30
C LEU D 348 -47.62 -13.20 4.03
N ALA D 349 -47.36 -13.55 2.77
CA ALA D 349 -47.38 -14.96 2.41
C ALA D 349 -46.25 -15.69 3.13
N ARG D 350 -45.09 -15.11 3.11
CA ARG D 350 -43.97 -15.77 3.77
C ARG D 350 -44.19 -15.92 5.29
N LEU D 351 -44.84 -14.94 5.88
CA LEU D 351 -45.17 -15.06 7.32
C LEU D 351 -46.24 -16.16 7.57
N GLU D 352 -47.30 -16.20 6.74
CA GLU D 352 -48.30 -17.26 6.85
C GLU D 352 -47.59 -18.57 6.77
N LEU D 353 -46.69 -18.70 5.77
CA LEU D 353 -45.94 -19.97 5.60
C LEU D 353 -45.14 -20.40 6.85
N ARG D 354 -44.41 -19.44 7.41
CA ARG D 354 -43.49 -19.67 8.51
C ARG D 354 -44.27 -20.11 9.73
N LEU D 355 -45.32 -19.35 10.02
CA LEU D 355 -46.07 -19.56 11.26
C LEU D 355 -46.84 -20.82 11.20
N MET D 356 -47.52 -21.13 10.08
CA MET D 356 -48.23 -22.43 10.00
C MET D 356 -47.31 -23.63 9.98
N THR D 357 -46.28 -23.59 9.14
CA THR D 357 -45.37 -24.71 9.03
C THR D 357 -44.61 -24.90 10.37
N GLU D 358 -44.26 -23.86 11.11
CA GLU D 358 -43.63 -24.08 12.38
C GLU D 358 -44.60 -24.84 13.31
N ARG D 359 -45.85 -24.39 13.36
CA ARG D 359 -46.84 -25.08 14.23
C ARG D 359 -47.07 -26.52 13.81
N VAL D 360 -47.14 -26.78 12.49
CA VAL D 360 -47.32 -28.13 11.98
C VAL D 360 -46.12 -28.98 12.42
N LEU D 361 -44.92 -28.45 12.26
CA LEU D 361 -43.76 -29.23 12.63
C LEU D 361 -43.69 -29.55 14.14
N ARG D 362 -44.11 -28.62 14.97
CA ARG D 362 -44.10 -28.79 16.43
C ARG D 362 -45.22 -29.74 16.92
N ARG D 363 -46.41 -29.49 16.42
CA ARG D 363 -47.64 -30.08 16.94
C ARG D 363 -48.02 -31.34 16.22
N LEU D 364 -47.49 -31.52 14.99
CA LEU D 364 -47.68 -32.76 14.20
C LEU D 364 -46.32 -33.32 13.79
N PRO D 365 -45.41 -33.54 14.77
CA PRO D 365 -44.03 -33.94 14.46
C PRO D 365 -43.86 -35.23 13.67
N ASP D 366 -44.86 -36.11 13.72
CA ASP D 366 -44.76 -37.35 12.94
C ASP D 366 -45.78 -37.46 11.79
N LEU D 367 -46.15 -36.29 11.26
CA LEU D 367 -47.03 -36.19 10.10
C LEU D 367 -46.49 -37.01 8.95
N ARG D 368 -47.39 -37.71 8.27
CA ARG D 368 -47.06 -38.53 7.10
C ARG D 368 -48.19 -38.46 6.12
N LEU D 369 -47.91 -38.51 4.83
CA LEU D 369 -48.99 -38.71 3.86
C LEU D 369 -49.81 -39.98 4.18
N ALA D 370 -51.11 -40.00 3.86
CA ALA D 370 -51.97 -41.16 4.12
C ALA D 370 -51.46 -42.35 3.31
N ASP D 371 -51.10 -42.09 2.04
CA ASP D 371 -50.13 -42.94 1.30
C ASP D 371 -49.30 -42.16 0.30
N ASP D 372 -48.46 -42.87 -0.46
CA ASP D 372 -47.37 -42.25 -1.21
C ASP D 372 -47.71 -41.88 -2.66
N ALA D 373 -48.91 -42.25 -3.11
CA ALA D 373 -49.39 -41.94 -4.47
C ALA D 373 -49.38 -40.42 -4.80
N PRO D 374 -49.21 -40.06 -6.09
CA PRO D 374 -49.22 -38.64 -6.45
C PRO D 374 -50.46 -37.91 -5.93
N VAL D 375 -50.21 -36.72 -5.38
CA VAL D 375 -51.25 -35.80 -4.95
C VAL D 375 -51.92 -35.12 -6.18
N PRO D 376 -53.26 -35.02 -6.19
CA PRO D 376 -53.90 -34.56 -7.42
C PRO D 376 -53.82 -33.03 -7.51
N LEU D 377 -53.52 -32.47 -8.67
CA LEU D 377 -53.40 -31.00 -8.81
C LEU D 377 -54.60 -30.42 -9.60
N ARG D 378 -54.93 -29.14 -9.30
CA ARG D 378 -56.07 -28.49 -9.98
C ARG D 378 -55.80 -28.23 -11.49
N PRO D 379 -56.65 -28.80 -12.38
CA PRO D 379 -56.39 -28.46 -13.81
C PRO D 379 -56.94 -27.04 -14.09
N ALA D 380 -56.15 -26.02 -13.79
CA ALA D 380 -56.54 -24.61 -14.14
C ALA D 380 -55.29 -23.96 -14.59
N ASN D 381 -55.44 -22.89 -15.36
CA ASN D 381 -54.27 -22.37 -16.06
C ASN D 381 -53.55 -21.20 -15.44
N PHE D 382 -53.96 -20.79 -14.24
CA PHE D 382 -53.53 -19.55 -13.66
C PHE D 382 -52.90 -19.81 -12.29
N VAL D 383 -53.73 -20.08 -11.27
CA VAL D 383 -53.23 -20.58 -10.01
C VAL D 383 -53.63 -22.05 -9.88
N SER D 384 -52.70 -22.85 -9.35
CA SER D 384 -52.99 -24.29 -9.22
C SER D 384 -52.06 -24.90 -8.20
N GLY D 385 -52.60 -25.92 -7.55
CA GLY D 385 -51.81 -26.79 -6.63
C GLY D 385 -52.72 -27.94 -6.16
N PRO D 386 -52.32 -28.69 -5.09
CA PRO D 386 -53.06 -29.89 -4.58
C PRO D 386 -54.55 -29.54 -4.35
N GLU D 387 -55.40 -30.43 -4.84
CA GLU D 387 -56.85 -30.39 -4.63
C GLU D 387 -57.19 -31.01 -3.27
N SER D 388 -56.42 -32.03 -2.88
CA SER D 388 -56.66 -32.78 -1.67
C SER D 388 -55.35 -33.40 -1.19
N MET D 389 -55.19 -33.63 0.12
CA MET D 389 -53.95 -34.21 0.63
C MET D 389 -54.13 -34.87 2.00
N PRO D 390 -54.71 -36.08 1.97
CA PRO D 390 -54.90 -36.78 3.22
C PRO D 390 -53.60 -37.09 3.95
N VAL D 391 -53.57 -36.74 5.23
CA VAL D 391 -52.44 -36.93 6.07
C VAL D 391 -52.86 -37.62 7.38
N VAL D 392 -51.86 -38.20 8.03
CA VAL D 392 -52.02 -38.87 9.32
C VAL D 392 -50.87 -38.50 10.30
N PHE D 393 -51.15 -38.61 11.58
CA PHE D 393 -50.26 -38.16 12.61
C PHE D 393 -50.78 -38.78 13.93
N THR D 394 -49.95 -38.73 14.95
CA THR D 394 -50.33 -39.19 16.29
C THR D 394 -51.20 -38.13 16.93
N PRO D 395 -52.40 -38.49 17.47
CA PRO D 395 -53.23 -37.47 18.15
C PRO D 395 -52.51 -36.71 19.24
N SER D 396 -52.93 -35.48 19.49
CA SER D 396 -52.48 -34.70 20.61
C SER D 396 -53.61 -33.75 21.02
N ALA D 397 -53.43 -33.04 22.13
CA ALA D 397 -54.48 -32.24 22.76
C ALA D 397 -54.46 -30.82 22.25
N PRO D 398 -55.65 -30.17 22.21
CA PRO D 398 -55.71 -28.78 21.77
C PRO D 398 -54.89 -27.79 22.61
N VAL D 399 -54.49 -26.68 22.00
CA VAL D 399 -53.69 -25.71 22.68
C VAL D 399 -54.64 -24.72 23.33
#